data_2CXC
# 
_entry.id   2CXC 
# 
_audit_conform.dict_name       mmcif_pdbx.dic 
_audit_conform.dict_version    5.388 
_audit_conform.dict_location   http://mmcif.pdb.org/dictionaries/ascii/mmcif_pdbx.dic 
# 
loop_
_database_2.database_id 
_database_2.database_code 
_database_2.pdbx_database_accession 
_database_2.pdbx_DOI 
PDB   2CXC         pdb_00002cxc 10.2210/pdb2cxc/pdb 
RCSB  RCSB024731   ?            ?                   
WWPDB D_1000024731 ?            ?                   
# 
loop_
_pdbx_audit_revision_history.ordinal 
_pdbx_audit_revision_history.data_content_type 
_pdbx_audit_revision_history.major_revision 
_pdbx_audit_revision_history.minor_revision 
_pdbx_audit_revision_history.revision_date 
1 'Structure model' 1 0 2005-12-28 
2 'Structure model' 1 1 2008-04-30 
3 'Structure model' 1 2 2011-07-13 
4 'Structure model' 1 3 2024-03-13 
# 
_pdbx_audit_revision_details.ordinal             1 
_pdbx_audit_revision_details.revision_ordinal    1 
_pdbx_audit_revision_details.data_content_type   'Structure model' 
_pdbx_audit_revision_details.provider            repository 
_pdbx_audit_revision_details.type                'Initial release' 
_pdbx_audit_revision_details.description         ? 
_pdbx_audit_revision_details.details             ? 
# 
loop_
_pdbx_audit_revision_group.ordinal 
_pdbx_audit_revision_group.revision_ordinal 
_pdbx_audit_revision_group.data_content_type 
_pdbx_audit_revision_group.group 
1 2 'Structure model' 'Version format compliance' 
2 3 'Structure model' 'Source and taxonomy'       
3 3 'Structure model' 'Version format compliance' 
4 4 'Structure model' 'Data collection'           
5 4 'Structure model' 'Database references'       
# 
loop_
_pdbx_audit_revision_category.ordinal 
_pdbx_audit_revision_category.revision_ordinal 
_pdbx_audit_revision_category.data_content_type 
_pdbx_audit_revision_category.category 
1 4 'Structure model' chem_comp_atom 
2 4 'Structure model' chem_comp_bond 
3 4 'Structure model' database_2     
# 
loop_
_pdbx_audit_revision_item.ordinal 
_pdbx_audit_revision_item.revision_ordinal 
_pdbx_audit_revision_item.data_content_type 
_pdbx_audit_revision_item.item 
1 4 'Structure model' '_database_2.pdbx_DOI'                
2 4 'Structure model' '_database_2.pdbx_database_accession' 
# 
_pdbx_database_status.status_code                     REL 
_pdbx_database_status.entry_id                        2CXC 
_pdbx_database_status.recvd_initial_deposition_date   2005-06-28 
_pdbx_database_status.deposit_site                    PDBJ 
_pdbx_database_status.process_site                    PDBJ 
_pdbx_database_status.status_code_sf                  REL 
_pdbx_database_status.status_code_mr                  ? 
_pdbx_database_status.SG_entry                        Y 
_pdbx_database_status.pdb_format_compatible           Y 
_pdbx_database_status.status_code_cs                  ? 
_pdbx_database_status.status_code_nmr_data            ? 
_pdbx_database_status.methods_development_category    ? 
# 
_pdbx_database_related.db_name        TargetDB 
_pdbx_database_related.db_id          ape001001850.1 
_pdbx_database_related.details        . 
_pdbx_database_related.content_type   unspecified 
# 
loop_
_audit_author.name 
_audit_author.pdbx_ordinal 
'Shibata, R.'                                            1 
'Bessho, Y.'                                             2 
'Shirouzu, M.'                                           3 
'Yokoyama, S.'                                           4 
'RIKEN Structural Genomics/Proteomics Initiative (RSGI)' 5 
# 
_citation.id                        primary 
_citation.title                     'Crystal structure and RNA-binding analysis of the archaeal transcription factor NusA' 
_citation.journal_abbrev            Biochem.Biophys.Res.Commun. 
_citation.journal_volume            355 
_citation.page_first                122 
_citation.page_last                 128 
_citation.year                      2007 
_citation.journal_id_ASTM           BBRCA9 
_citation.country                   US 
_citation.journal_id_ISSN           0006-291X 
_citation.journal_id_CSD            0146 
_citation.book_publisher            ? 
_citation.pdbx_database_id_PubMed   17288993 
_citation.pdbx_database_id_DOI      10.1016/j.bbrc.2007.01.119 
# 
loop_
_citation_author.citation_id 
_citation_author.name 
_citation_author.ordinal 
_citation_author.identifier_ORCID 
primary 'Shibata, R.'   1 ? 
primary 'Bessho, Y.'    2 ? 
primary 'Shinkai, A.'   3 ? 
primary 'Nishimoto, M.' 4 ? 
primary 'Fusatomi, E.'  5 ? 
primary 'Terada, T.'    6 ? 
primary 'Shirouzu, M.'  7 ? 
primary 'Yokoyama, S.'  8 ? 
# 
loop_
_entity.id 
_entity.type 
_entity.src_method 
_entity.pdbx_description 
_entity.formula_weight 
_entity.pdbx_number_of_molecules 
_entity.pdbx_ec 
_entity.pdbx_mutation 
_entity.pdbx_fragment 
_entity.details 
1 polymer man NusA  16069.717 1  ? ? ? ? 
2 water   nat water 18.015    54 ? ? ? ? 
# 
_entity_name_com.entity_id   1 
_entity_name_com.name        'hypothetical protein APE1850' 
# 
_entity_poly.entity_id                      1 
_entity_poly.type                           'polypeptide(L)' 
_entity_poly.nstd_linkage                   no 
_entity_poly.nstd_monomer                   no 
_entity_poly.pdbx_seq_one_letter_code       
;MSGDYRITLEELRYISVFHSITGVTAYRCIVDEENNRLIFLVSEGEAGRAIGRGGRLIKLLREALGKNIEVVEYSSDLER
IVKNLFPGVKIESINVRERNGVKQVVIKVSEDDKGAAIGKGGKNVKRARLVLSKLFGVEKVVIR
;
_entity_poly.pdbx_seq_one_letter_code_can   
;MSGDYRITLEELRYISVFHSITGVTAYRCIVDEENNRLIFLVSEGEAGRAIGRGGRLIKLLREALGKNIEVVEYSSDLER
IVKNLFPGVKIESINVRERNGVKQVVIKVSEDDKGAAIGKGGKNVKRARLVLSKLFGVEKVVIR
;
_entity_poly.pdbx_strand_id                 A 
_entity_poly.pdbx_target_identifier         ape001001850.1 
# 
_pdbx_entity_nonpoly.entity_id   2 
_pdbx_entity_nonpoly.name        water 
_pdbx_entity_nonpoly.comp_id     HOH 
# 
loop_
_entity_poly_seq.entity_id 
_entity_poly_seq.num 
_entity_poly_seq.mon_id 
_entity_poly_seq.hetero 
1 1   MET n 
1 2   SER n 
1 3   GLY n 
1 4   ASP n 
1 5   TYR n 
1 6   ARG n 
1 7   ILE n 
1 8   THR n 
1 9   LEU n 
1 10  GLU n 
1 11  GLU n 
1 12  LEU n 
1 13  ARG n 
1 14  TYR n 
1 15  ILE n 
1 16  SER n 
1 17  VAL n 
1 18  PHE n 
1 19  HIS n 
1 20  SER n 
1 21  ILE n 
1 22  THR n 
1 23  GLY n 
1 24  VAL n 
1 25  THR n 
1 26  ALA n 
1 27  TYR n 
1 28  ARG n 
1 29  CYS n 
1 30  ILE n 
1 31  VAL n 
1 32  ASP n 
1 33  GLU n 
1 34  GLU n 
1 35  ASN n 
1 36  ASN n 
1 37  ARG n 
1 38  LEU n 
1 39  ILE n 
1 40  PHE n 
1 41  LEU n 
1 42  VAL n 
1 43  SER n 
1 44  GLU n 
1 45  GLY n 
1 46  GLU n 
1 47  ALA n 
1 48  GLY n 
1 49  ARG n 
1 50  ALA n 
1 51  ILE n 
1 52  GLY n 
1 53  ARG n 
1 54  GLY n 
1 55  GLY n 
1 56  ARG n 
1 57  LEU n 
1 58  ILE n 
1 59  LYS n 
1 60  LEU n 
1 61  LEU n 
1 62  ARG n 
1 63  GLU n 
1 64  ALA n 
1 65  LEU n 
1 66  GLY n 
1 67  LYS n 
1 68  ASN n 
1 69  ILE n 
1 70  GLU n 
1 71  VAL n 
1 72  VAL n 
1 73  GLU n 
1 74  TYR n 
1 75  SER n 
1 76  SER n 
1 77  ASP n 
1 78  LEU n 
1 79  GLU n 
1 80  ARG n 
1 81  ILE n 
1 82  VAL n 
1 83  LYS n 
1 84  ASN n 
1 85  LEU n 
1 86  PHE n 
1 87  PRO n 
1 88  GLY n 
1 89  VAL n 
1 90  LYS n 
1 91  ILE n 
1 92  GLU n 
1 93  SER n 
1 94  ILE n 
1 95  ASN n 
1 96  VAL n 
1 97  ARG n 
1 98  GLU n 
1 99  ARG n 
1 100 ASN n 
1 101 GLY n 
1 102 VAL n 
1 103 LYS n 
1 104 GLN n 
1 105 VAL n 
1 106 VAL n 
1 107 ILE n 
1 108 LYS n 
1 109 VAL n 
1 110 SER n 
1 111 GLU n 
1 112 ASP n 
1 113 ASP n 
1 114 LYS n 
1 115 GLY n 
1 116 ALA n 
1 117 ALA n 
1 118 ILE n 
1 119 GLY n 
1 120 LYS n 
1 121 GLY n 
1 122 GLY n 
1 123 LYS n 
1 124 ASN n 
1 125 VAL n 
1 126 LYS n 
1 127 ARG n 
1 128 ALA n 
1 129 ARG n 
1 130 LEU n 
1 131 VAL n 
1 132 LEU n 
1 133 SER n 
1 134 LYS n 
1 135 LEU n 
1 136 PHE n 
1 137 GLY n 
1 138 VAL n 
1 139 GLU n 
1 140 LYS n 
1 141 VAL n 
1 142 VAL n 
1 143 ILE n 
1 144 ARG n 
# 
_entity_src_gen.entity_id                          1 
_entity_src_gen.pdbx_src_id                        1 
_entity_src_gen.pdbx_alt_source_flag               sample 
_entity_src_gen.pdbx_seq_type                      ? 
_entity_src_gen.pdbx_beg_seq_num                   ? 
_entity_src_gen.pdbx_end_seq_num                   ? 
_entity_src_gen.gene_src_common_name               ? 
_entity_src_gen.gene_src_genus                     Aeropyrum 
_entity_src_gen.pdbx_gene_src_gene                 ? 
_entity_src_gen.gene_src_species                   'Aeropyrum pernix' 
_entity_src_gen.gene_src_strain                    K1 
_entity_src_gen.gene_src_tissue                    ? 
_entity_src_gen.gene_src_tissue_fraction           ? 
_entity_src_gen.gene_src_details                   ? 
_entity_src_gen.pdbx_gene_src_fragment             ? 
_entity_src_gen.pdbx_gene_src_scientific_name      'Aeropyrum pernix' 
_entity_src_gen.pdbx_gene_src_ncbi_taxonomy_id     272557 
_entity_src_gen.pdbx_gene_src_variant              ? 
_entity_src_gen.pdbx_gene_src_cell_line            ? 
_entity_src_gen.pdbx_gene_src_atcc                 ? 
_entity_src_gen.pdbx_gene_src_organ                ? 
_entity_src_gen.pdbx_gene_src_organelle            ? 
_entity_src_gen.pdbx_gene_src_cell                 ? 
_entity_src_gen.pdbx_gene_src_cellular_location    ? 
_entity_src_gen.host_org_common_name               ? 
_entity_src_gen.pdbx_host_org_scientific_name      'Escherichia coli' 
_entity_src_gen.pdbx_host_org_ncbi_taxonomy_id     562 
_entity_src_gen.host_org_genus                     Escherichia 
_entity_src_gen.pdbx_host_org_gene                 ? 
_entity_src_gen.pdbx_host_org_organ                ? 
_entity_src_gen.host_org_species                   ? 
_entity_src_gen.pdbx_host_org_tissue               ? 
_entity_src_gen.pdbx_host_org_tissue_fraction      ? 
_entity_src_gen.pdbx_host_org_strain               ? 
_entity_src_gen.pdbx_host_org_variant              ? 
_entity_src_gen.pdbx_host_org_cell_line            ? 
_entity_src_gen.pdbx_host_org_atcc                 ? 
_entity_src_gen.pdbx_host_org_culture_collection   ? 
_entity_src_gen.pdbx_host_org_cell                 ? 
_entity_src_gen.pdbx_host_org_organelle            ? 
_entity_src_gen.pdbx_host_org_cellular_location    ? 
_entity_src_gen.pdbx_host_org_vector_type          plasmid 
_entity_src_gen.pdbx_host_org_vector               ? 
_entity_src_gen.host_org_details                   ? 
_entity_src_gen.expression_system_id               ? 
_entity_src_gen.plasmid_name                       pET11a 
_entity_src_gen.plasmid_details                    ? 
_entity_src_gen.pdbx_description                   ? 
# 
loop_
_chem_comp.id 
_chem_comp.type 
_chem_comp.mon_nstd_flag 
_chem_comp.name 
_chem_comp.pdbx_synonyms 
_chem_comp.formula 
_chem_comp.formula_weight 
ALA 'L-peptide linking' y ALANINE         ? 'C3 H7 N O2'     89.093  
ARG 'L-peptide linking' y ARGININE        ? 'C6 H15 N4 O2 1' 175.209 
ASN 'L-peptide linking' y ASPARAGINE      ? 'C4 H8 N2 O3'    132.118 
ASP 'L-peptide linking' y 'ASPARTIC ACID' ? 'C4 H7 N O4'     133.103 
CYS 'L-peptide linking' y CYSTEINE        ? 'C3 H7 N O2 S'   121.158 
GLN 'L-peptide linking' y GLUTAMINE       ? 'C5 H10 N2 O3'   146.144 
GLU 'L-peptide linking' y 'GLUTAMIC ACID' ? 'C5 H9 N O4'     147.129 
GLY 'peptide linking'   y GLYCINE         ? 'C2 H5 N O2'     75.067  
HIS 'L-peptide linking' y HISTIDINE       ? 'C6 H10 N3 O2 1' 156.162 
HOH non-polymer         . WATER           ? 'H2 O'           18.015  
ILE 'L-peptide linking' y ISOLEUCINE      ? 'C6 H13 N O2'    131.173 
LEU 'L-peptide linking' y LEUCINE         ? 'C6 H13 N O2'    131.173 
LYS 'L-peptide linking' y LYSINE          ? 'C6 H15 N2 O2 1' 147.195 
MET 'L-peptide linking' y METHIONINE      ? 'C5 H11 N O2 S'  149.211 
PHE 'L-peptide linking' y PHENYLALANINE   ? 'C9 H11 N O2'    165.189 
PRO 'L-peptide linking' y PROLINE         ? 'C5 H9 N O2'     115.130 
SER 'L-peptide linking' y SERINE          ? 'C3 H7 N O3'     105.093 
THR 'L-peptide linking' y THREONINE       ? 'C4 H9 N O3'     119.119 
TYR 'L-peptide linking' y TYROSINE        ? 'C9 H11 N O3'    181.189 
VAL 'L-peptide linking' y VALINE          ? 'C5 H11 N O2'    117.146 
# 
loop_
_pdbx_poly_seq_scheme.asym_id 
_pdbx_poly_seq_scheme.entity_id 
_pdbx_poly_seq_scheme.seq_id 
_pdbx_poly_seq_scheme.mon_id 
_pdbx_poly_seq_scheme.ndb_seq_num 
_pdbx_poly_seq_scheme.pdb_seq_num 
_pdbx_poly_seq_scheme.auth_seq_num 
_pdbx_poly_seq_scheme.pdb_mon_id 
_pdbx_poly_seq_scheme.auth_mon_id 
_pdbx_poly_seq_scheme.pdb_strand_id 
_pdbx_poly_seq_scheme.pdb_ins_code 
_pdbx_poly_seq_scheme.hetero 
A 1 1   MET 1   1   ?   ?   ?   A . n 
A 1 2   SER 2   2   ?   ?   ?   A . n 
A 1 3   GLY 3   3   ?   ?   ?   A . n 
A 1 4   ASP 4   4   ?   ?   ?   A . n 
A 1 5   TYR 5   5   ?   ?   ?   A . n 
A 1 6   ARG 6   6   ?   ?   ?   A . n 
A 1 7   ILE 7   7   7   ILE ILE A . n 
A 1 8   THR 8   8   8   THR THR A . n 
A 1 9   LEU 9   9   9   LEU LEU A . n 
A 1 10  GLU 10  10  10  GLU GLU A . n 
A 1 11  GLU 11  11  11  GLU GLU A . n 
A 1 12  LEU 12  12  12  LEU LEU A . n 
A 1 13  ARG 13  13  13  ARG ARG A . n 
A 1 14  TYR 14  14  14  TYR TYR A . n 
A 1 15  ILE 15  15  15  ILE ILE A . n 
A 1 16  SER 16  16  16  SER SER A . n 
A 1 17  VAL 17  17  17  VAL VAL A . n 
A 1 18  PHE 18  18  18  PHE PHE A . n 
A 1 19  HIS 19  19  19  HIS HIS A . n 
A 1 20  SER 20  20  20  SER SER A . n 
A 1 21  ILE 21  21  21  ILE ILE A . n 
A 1 22  THR 22  22  22  THR THR A . n 
A 1 23  GLY 23  23  23  GLY GLY A . n 
A 1 24  VAL 24  24  24  VAL VAL A . n 
A 1 25  THR 25  25  25  THR THR A . n 
A 1 26  ALA 26  26  26  ALA ALA A . n 
A 1 27  TYR 27  27  27  TYR TYR A . n 
A 1 28  ARG 28  28  28  ARG ARG A . n 
A 1 29  CYS 29  29  29  CYS CYS A . n 
A 1 30  ILE 30  30  30  ILE ILE A . n 
A 1 31  VAL 31  31  31  VAL VAL A . n 
A 1 32  ASP 32  32  32  ASP ASP A . n 
A 1 33  GLU 33  33  33  GLU GLU A . n 
A 1 34  GLU 34  34  34  GLU GLU A . n 
A 1 35  ASN 35  35  35  ASN ASN A . n 
A 1 36  ASN 36  36  36  ASN ASN A . n 
A 1 37  ARG 37  37  37  ARG ARG A . n 
A 1 38  LEU 38  38  38  LEU LEU A . n 
A 1 39  ILE 39  39  39  ILE ILE A . n 
A 1 40  PHE 40  40  40  PHE PHE A . n 
A 1 41  LEU 41  41  41  LEU LEU A . n 
A 1 42  VAL 42  42  42  VAL VAL A . n 
A 1 43  SER 43  43  43  SER SER A . n 
A 1 44  GLU 44  44  44  GLU GLU A . n 
A 1 45  GLY 45  45  45  GLY GLY A . n 
A 1 46  GLU 46  46  46  GLU GLU A . n 
A 1 47  ALA 47  47  47  ALA ALA A . n 
A 1 48  GLY 48  48  48  GLY GLY A . n 
A 1 49  ARG 49  49  49  ARG ARG A . n 
A 1 50  ALA 50  50  50  ALA ALA A . n 
A 1 51  ILE 51  51  51  ILE ILE A . n 
A 1 52  GLY 52  52  52  GLY GLY A . n 
A 1 53  ARG 53  53  53  ARG ARG A . n 
A 1 54  GLY 54  54  54  GLY GLY A . n 
A 1 55  GLY 55  55  55  GLY GLY A . n 
A 1 56  ARG 56  56  56  ARG ARG A . n 
A 1 57  LEU 57  57  57  LEU LEU A . n 
A 1 58  ILE 58  58  58  ILE ILE A . n 
A 1 59  LYS 59  59  59  LYS LYS A . n 
A 1 60  LEU 60  60  60  LEU LEU A . n 
A 1 61  LEU 61  61  61  LEU LEU A . n 
A 1 62  ARG 62  62  62  ARG ARG A . n 
A 1 63  GLU 63  63  63  GLU GLU A . n 
A 1 64  ALA 64  64  64  ALA ALA A . n 
A 1 65  LEU 65  65  65  LEU LEU A . n 
A 1 66  GLY 66  66  66  GLY GLY A . n 
A 1 67  LYS 67  67  67  LYS LYS A . n 
A 1 68  ASN 68  68  68  ASN ASN A . n 
A 1 69  ILE 69  69  69  ILE ILE A . n 
A 1 70  GLU 70  70  70  GLU GLU A . n 
A 1 71  VAL 71  71  71  VAL VAL A . n 
A 1 72  VAL 72  72  72  VAL VAL A . n 
A 1 73  GLU 73  73  73  GLU GLU A . n 
A 1 74  TYR 74  74  74  TYR TYR A . n 
A 1 75  SER 75  75  75  SER SER A . n 
A 1 76  SER 76  76  76  SER SER A . n 
A 1 77  ASP 77  77  77  ASP ASP A . n 
A 1 78  LEU 78  78  78  LEU LEU A . n 
A 1 79  GLU 79  79  79  GLU GLU A . n 
A 1 80  ARG 80  80  80  ARG ARG A . n 
A 1 81  ILE 81  81  81  ILE ILE A . n 
A 1 82  VAL 82  82  82  VAL VAL A . n 
A 1 83  LYS 83  83  83  LYS LYS A . n 
A 1 84  ASN 84  84  84  ASN ASN A . n 
A 1 85  LEU 85  85  85  LEU LEU A . n 
A 1 86  PHE 86  86  86  PHE PHE A . n 
A 1 87  PRO 87  87  87  PRO PRO A . n 
A 1 88  GLY 88  88  88  GLY GLY A . n 
A 1 89  VAL 89  89  89  VAL VAL A . n 
A 1 90  LYS 90  90  90  LYS LYS A . n 
A 1 91  ILE 91  91  91  ILE ILE A . n 
A 1 92  GLU 92  92  92  GLU GLU A . n 
A 1 93  SER 93  93  93  SER SER A . n 
A 1 94  ILE 94  94  94  ILE ILE A . n 
A 1 95  ASN 95  95  95  ASN ASN A . n 
A 1 96  VAL 96  96  96  VAL VAL A . n 
A 1 97  ARG 97  97  97  ARG ARG A . n 
A 1 98  GLU 98  98  98  GLU GLU A . n 
A 1 99  ARG 99  99  99  ARG ARG A . n 
A 1 100 ASN 100 100 100 ASN ASN A . n 
A 1 101 GLY 101 101 101 GLY GLY A . n 
A 1 102 VAL 102 102 102 VAL VAL A . n 
A 1 103 LYS 103 103 103 LYS LYS A . n 
A 1 104 GLN 104 104 104 GLN GLN A . n 
A 1 105 VAL 105 105 105 VAL VAL A . n 
A 1 106 VAL 106 106 106 VAL VAL A . n 
A 1 107 ILE 107 107 107 ILE ILE A . n 
A 1 108 LYS 108 108 108 LYS LYS A . n 
A 1 109 VAL 109 109 109 VAL VAL A . n 
A 1 110 SER 110 110 110 SER SER A . n 
A 1 111 GLU 111 111 111 GLU GLU A . n 
A 1 112 ASP 112 112 112 ASP ASP A . n 
A 1 113 ASP 113 113 113 ASP ASP A . n 
A 1 114 LYS 114 114 114 LYS LYS A . n 
A 1 115 GLY 115 115 115 GLY GLY A . n 
A 1 116 ALA 116 116 116 ALA ALA A . n 
A 1 117 ALA 117 117 117 ALA ALA A . n 
A 1 118 ILE 118 118 118 ILE ILE A . n 
A 1 119 GLY 119 119 119 GLY GLY A . n 
A 1 120 LYS 120 120 120 LYS LYS A . n 
A 1 121 GLY 121 121 121 GLY GLY A . n 
A 1 122 GLY 122 122 122 GLY GLY A . n 
A 1 123 LYS 123 123 123 LYS LYS A . n 
A 1 124 ASN 124 124 124 ASN ASN A . n 
A 1 125 VAL 125 125 125 VAL VAL A . n 
A 1 126 LYS 126 126 126 LYS LYS A . n 
A 1 127 ARG 127 127 127 ARG ARG A . n 
A 1 128 ALA 128 128 128 ALA ALA A . n 
A 1 129 ARG 129 129 129 ARG ARG A . n 
A 1 130 LEU 130 130 130 LEU LEU A . n 
A 1 131 VAL 131 131 131 VAL VAL A . n 
A 1 132 LEU 132 132 132 LEU LEU A . n 
A 1 133 SER 133 133 133 SER SER A . n 
A 1 134 LYS 134 134 134 LYS LYS A . n 
A 1 135 LEU 135 135 135 LEU LEU A . n 
A 1 136 PHE 136 136 136 PHE PHE A . n 
A 1 137 GLY 137 137 137 GLY GLY A . n 
A 1 138 VAL 138 138 138 VAL VAL A . n 
A 1 139 GLU 139 139 139 GLU GLU A . n 
A 1 140 LYS 140 140 140 LYS LYS A . n 
A 1 141 VAL 141 141 141 VAL VAL A . n 
A 1 142 VAL 142 142 142 VAL VAL A . n 
A 1 143 ILE 143 143 143 ILE ILE A . n 
A 1 144 ARG 144 144 144 ARG ARG A . n 
# 
loop_
_pdbx_nonpoly_scheme.asym_id 
_pdbx_nonpoly_scheme.entity_id 
_pdbx_nonpoly_scheme.mon_id 
_pdbx_nonpoly_scheme.ndb_seq_num 
_pdbx_nonpoly_scheme.pdb_seq_num 
_pdbx_nonpoly_scheme.auth_seq_num 
_pdbx_nonpoly_scheme.pdb_mon_id 
_pdbx_nonpoly_scheme.auth_mon_id 
_pdbx_nonpoly_scheme.pdb_strand_id 
_pdbx_nonpoly_scheme.pdb_ins_code 
B 2 HOH 1  1001 1001 HOH HOH A . 
B 2 HOH 2  1002 1002 HOH HOH A . 
B 2 HOH 3  1003 1003 HOH HOH A . 
B 2 HOH 4  1004 1004 HOH HOH A . 
B 2 HOH 5  1005 1005 HOH HOH A . 
B 2 HOH 6  1006 1006 HOH HOH A . 
B 2 HOH 7  1007 1007 HOH HOH A . 
B 2 HOH 8  1008 1008 HOH HOH A . 
B 2 HOH 9  1009 1009 HOH HOH A . 
B 2 HOH 10 1010 1010 HOH HOH A . 
B 2 HOH 11 1011 1011 HOH HOH A . 
B 2 HOH 12 1012 1012 HOH HOH A . 
B 2 HOH 13 1013 1013 HOH HOH A . 
B 2 HOH 14 1014 1014 HOH HOH A . 
B 2 HOH 15 1015 1015 HOH HOH A . 
B 2 HOH 16 1016 1016 HOH HOH A . 
B 2 HOH 17 1017 1017 HOH HOH A . 
B 2 HOH 18 1018 1018 HOH HOH A . 
B 2 HOH 19 1019 1019 HOH HOH A . 
B 2 HOH 20 1020 1020 HOH HOH A . 
B 2 HOH 21 1021 1021 HOH HOH A . 
B 2 HOH 22 1022 1022 HOH HOH A . 
B 2 HOH 23 1023 1023 HOH HOH A . 
B 2 HOH 24 1024 1024 HOH HOH A . 
B 2 HOH 25 1025 1025 HOH HOH A . 
B 2 HOH 26 1026 1026 HOH HOH A . 
B 2 HOH 27 1027 1027 HOH HOH A . 
B 2 HOH 28 1028 1028 HOH HOH A . 
B 2 HOH 29 1029 1029 HOH HOH A . 
B 2 HOH 30 1030 1030 HOH HOH A . 
B 2 HOH 31 1031 1031 HOH HOH A . 
B 2 HOH 32 1032 1032 HOH HOH A . 
B 2 HOH 33 1033 1033 HOH HOH A . 
B 2 HOH 34 1034 1034 HOH HOH A . 
B 2 HOH 35 1035 1035 HOH HOH A . 
B 2 HOH 36 1036 1036 HOH HOH A . 
B 2 HOH 37 1037 1037 HOH HOH A . 
B 2 HOH 38 1038 1038 HOH HOH A . 
B 2 HOH 39 1039 1039 HOH HOH A . 
B 2 HOH 40 1040 1040 HOH HOH A . 
B 2 HOH 41 1041 1041 HOH HOH A . 
B 2 HOH 42 1042 1042 HOH HOH A . 
B 2 HOH 43 1043 1043 HOH HOH A . 
B 2 HOH 44 1044 1044 HOH HOH A . 
B 2 HOH 45 1045 1045 HOH HOH A . 
B 2 HOH 46 1046 1046 HOH HOH A . 
B 2 HOH 47 1047 1047 HOH HOH A . 
B 2 HOH 48 1048 1048 HOH HOH A . 
B 2 HOH 49 1049 1049 HOH HOH A . 
B 2 HOH 50 1050 1050 HOH HOH A . 
B 2 HOH 51 1051 1051 HOH HOH A . 
B 2 HOH 52 1052 1052 HOH HOH A . 
B 2 HOH 53 1053 1053 HOH HOH A . 
B 2 HOH 54 1054 1054 HOH HOH A . 
# 
loop_
_software.name 
_software.classification 
_software.version 
_software.citation_id 
_software.pdbx_ordinal 
CNS       refinement       1.1 ? 1 
HKL-2000  'data reduction' .   ? 2 
SCALEPACK 'data scaling'   .   ? 3 
SOLVE     phasing          .   ? 4 
# 
_cell.entry_id           2CXC 
_cell.length_a           100.348 
_cell.length_b           100.348 
_cell.length_c           45.770 
_cell.angle_alpha        90.00 
_cell.angle_beta         90.00 
_cell.angle_gamma        90.00 
_cell.Z_PDB              8 
_cell.pdbx_unique_axis   ? 
_cell.length_a_esd       ? 
_cell.length_b_esd       ? 
_cell.length_c_esd       ? 
_cell.angle_alpha_esd    ? 
_cell.angle_beta_esd     ? 
_cell.angle_gamma_esd    ? 
# 
_symmetry.entry_id                         2CXC 
_symmetry.space_group_name_H-M             'I 41' 
_symmetry.pdbx_full_space_group_name_H-M   ? 
_symmetry.cell_setting                     ? 
_symmetry.Int_Tables_number                80 
_symmetry.space_group_name_Hall            ? 
# 
_exptl.entry_id          2CXC 
_exptl.method            'X-RAY DIFFRACTION' 
_exptl.crystals_number   2 
# 
_exptl_crystal.id                    1 
_exptl_crystal.density_meas          ? 
_exptl_crystal.density_Matthews      3.6 
_exptl_crystal.density_percent_sol   65.4 
_exptl_crystal.description           ? 
_exptl_crystal.F_000                 ? 
_exptl_crystal.preparation           ? 
# 
_exptl_crystal_grow.crystal_id      1 
_exptl_crystal_grow.method          'VAPOR DIFFUSION' 
_exptl_crystal_grow.temp            293 
_exptl_crystal_grow.temp_details    ? 
_exptl_crystal_grow.pH              4.8 
_exptl_crystal_grow.pdbx_details    'PEG 3350, sodium acetate, pH 4.8, VAPOR DIFFUSION, temperature 293K' 
_exptl_crystal_grow.pdbx_pH_range   . 
# 
loop_
_diffrn.id 
_diffrn.ambient_temp 
_diffrn.ambient_temp_details 
_diffrn.crystal_id 
1   100 ? 1 
2   100 ? 1 
1,2 ?   ? 1 
# 
loop_
_diffrn_detector.diffrn_id 
_diffrn_detector.detector 
_diffrn_detector.type 
_diffrn_detector.pdbx_collection_date 
_diffrn_detector.details 
1 CCD 'ADSC QUANTUM 4'     2004-10-03 ? 
2 CCD 'RIGAKU JUPITER 210' 2004-10-10 ? 
# 
loop_
_diffrn_radiation.diffrn_id 
_diffrn_radiation.wavelength_id 
_diffrn_radiation.pdbx_monochromatic_or_laue_m_l 
_diffrn_radiation.monochromator 
_diffrn_radiation.pdbx_diffrn_protocol 
_diffrn_radiation.pdbx_scattering_type 
1 1 M 'SI(111)'            MAD                 x-ray 
2 1 M 'Si double crystals' 'SINGLE WAVELENGTH' x-ray 
# 
loop_
_diffrn_radiation_wavelength.id 
_diffrn_radiation_wavelength.wavelength 
_diffrn_radiation_wavelength.wt 
1 0.97885 1.0 
2 0.97920 1.0 
3 0.97300 1.0 
4 1.0000  1.0 
# 
loop_
_diffrn_source.diffrn_id 
_diffrn_source.source 
_diffrn_source.type 
_diffrn_source.pdbx_synchrotron_site 
_diffrn_source.pdbx_synchrotron_beamline 
_diffrn_source.pdbx_wavelength 
_diffrn_source.pdbx_wavelength_list 
1 SYNCHROTRON 'PHOTON FACTORY BEAMLINE BL-6A' 'Photon Factory' BL-6A  ? '0.97885, 0.97920, 0.97300' 
2 SYNCHROTRON 'SPRING-8 BEAMLINE BL26B1'      SPring-8         BL26B1 ? 1.0000                      
# 
_reflns.entry_id                     2CXC 
_reflns.observed_criterion_sigma_F   ? 
_reflns.observed_criterion_sigma_I   ? 
_reflns.d_resolution_high            1.90 
_reflns.d_resolution_low             50.00 
_reflns.number_all                   ? 
_reflns.number_obs                   18141 
_reflns.percent_possible_obs         99.8 
_reflns.pdbx_Rmerge_I_obs            ? 
_reflns.pdbx_Rsym_value              0.061 
_reflns.pdbx_netI_over_sigmaI        35.8300 
_reflns.B_iso_Wilson_estimate        ? 
_reflns.pdbx_redundancy              7.3521 
_reflns.R_free_details               ? 
_reflns.limit_h_max                  ? 
_reflns.limit_h_min                  ? 
_reflns.limit_k_max                  ? 
_reflns.limit_k_min                  ? 
_reflns.limit_l_max                  ? 
_reflns.limit_l_min                  ? 
_reflns.observed_criterion_F_max     ? 
_reflns.observed_criterion_F_min     ? 
_reflns.pdbx_chi_squared             ? 
_reflns.pdbx_scaling_rejects         ? 
_reflns.pdbx_ordinal                 1 
_reflns.pdbx_diffrn_id               1,2 
# 
_reflns_shell.d_res_high             1.90 
_reflns_shell.d_res_low              1.97 
_reflns_shell.percent_possible_all   100.0 
_reflns_shell.Rmerge_I_obs           ? 
_reflns_shell.pdbx_Rsym_value        0.398 
_reflns_shell.meanI_over_sigI_obs    2.97130 
_reflns_shell.pdbx_redundancy        7.5 
_reflns_shell.percent_possible_obs   ? 
_reflns_shell.number_unique_all      1790 
_reflns_shell.number_measured_all    ? 
_reflns_shell.number_measured_obs    ? 
_reflns_shell.number_unique_obs      ? 
_reflns_shell.pdbx_chi_squared       ? 
_reflns_shell.pdbx_ordinal           1 
_reflns_shell.pdbx_diffrn_id         1,2 
# 
_refine.entry_id                                 2CXC 
_refine.ls_number_reflns_obs                     15498 
_refine.ls_number_reflns_all                     ? 
_refine.pdbx_ls_sigma_I                          ? 
_refine.pdbx_ls_sigma_F                          0.0 
_refine.pdbx_data_cutoff_high_absF               658296.63 
_refine.pdbx_data_cutoff_low_absF                0.000000 
_refine.pdbx_data_cutoff_high_rms_absF           ? 
_refine.ls_d_res_low                             35.5 
_refine.ls_d_res_high                            2.00 
_refine.ls_percent_reflns_obs                    99.5 
_refine.ls_R_factor_obs                          ? 
_refine.ls_R_factor_all                          ? 
_refine.ls_R_factor_R_work                       0.1844 
_refine.ls_R_factor_R_free                       0.2112 
_refine.ls_R_factor_R_free_error                 0.008 
_refine.ls_R_factor_R_free_error_details         ? 
_refine.ls_percent_reflns_R_free                 7.7 
_refine.ls_number_reflns_R_free                  1200 
_refine.ls_number_parameters                     ? 
_refine.ls_number_restraints                     ? 
_refine.occupancy_min                            ? 
_refine.occupancy_max                            ? 
_refine.correlation_coeff_Fo_to_Fc               ? 
_refine.correlation_coeff_Fo_to_Fc_free          ? 
_refine.B_iso_mean                               43.5 
_refine.aniso_B[1][1]                            -1.27 
_refine.aniso_B[2][2]                            -1.27 
_refine.aniso_B[3][3]                            2.53 
_refine.aniso_B[1][2]                            0.00 
_refine.aniso_B[1][3]                            0.00 
_refine.aniso_B[2][3]                            0.00 
_refine.solvent_model_details                    'FLAT MODEL' 
_refine.solvent_model_param_ksol                 ? 
_refine.solvent_model_param_bsol                 ? 
_refine.pdbx_solvent_vdw_probe_radii             ? 
_refine.pdbx_solvent_ion_probe_radii             ? 
_refine.pdbx_solvent_shrinkage_radii             ? 
_refine.pdbx_ls_cross_valid_method               THROUGHOUT 
_refine.details                                  
;HEMIHEDRAL TWINNING. TWINNING OPERATOR IS (K,H,-L) AND THE TWINNING FRACTION 
IS 0.218.
THE R-FACTOR IS 0.184 AND THE R-FREE IS 0.211 WHEN THIS TWINNING OPERATOR IS 
USED.
;
_refine.pdbx_starting_model                      ? 
_refine.pdbx_method_to_determine_struct          MAD 
_refine.pdbx_isotropic_thermal_model             RESTRAINED 
_refine.pdbx_stereochemistry_target_values       ? 
_refine.pdbx_stereochem_target_val_spec_case     ? 
_refine.pdbx_R_Free_selection_details            RANDOM 
_refine.pdbx_overall_ESU_R                       ? 
_refine.pdbx_overall_ESU_R_Free                  ? 
_refine.overall_SU_ML                            ? 
_refine.overall_SU_B                             ? 
_refine.ls_redundancy_reflns_obs                 ? 
_refine.B_iso_min                                ? 
_refine.B_iso_max                                ? 
_refine.overall_SU_R_Cruickshank_DPI             ? 
_refine.overall_SU_R_free                        ? 
_refine.ls_wR_factor_R_free                      ? 
_refine.ls_wR_factor_R_work                      ? 
_refine.overall_FOM_free_R_set                   ? 
_refine.overall_FOM_work_R_set                   ? 
_refine.pdbx_refine_id                           'X-RAY DIFFRACTION' 
_refine.pdbx_diffrn_id                           1 
_refine.pdbx_TLS_residual_ADP_flag               ? 
_refine.pdbx_overall_phase_error                 ? 
_refine.pdbx_overall_SU_R_free_Cruickshank_DPI   ? 
_refine.pdbx_overall_SU_R_Blow_DPI               ? 
_refine.pdbx_overall_SU_R_free_Blow_DPI          ? 
# 
_refine_analyze.entry_id                        2CXC 
_refine_analyze.Luzzati_coordinate_error_obs    0.30 
_refine_analyze.Luzzati_sigma_a_obs             0.25 
_refine_analyze.Luzzati_d_res_low_obs           5.00 
_refine_analyze.Luzzati_coordinate_error_free   0.34 
_refine_analyze.Luzzati_sigma_a_free            0.23 
_refine_analyze.Luzzati_d_res_low_free          ? 
_refine_analyze.number_disordered_residues      ? 
_refine_analyze.occupancy_sum_non_hydrogen      ? 
_refine_analyze.occupancy_sum_hydrogen          ? 
_refine_analyze.pdbx_Luzzati_d_res_high_obs     ? 
_refine_analyze.pdbx_refine_id                  'X-RAY DIFFRACTION' 
# 
_refine_hist.pdbx_refine_id                   'X-RAY DIFFRACTION' 
_refine_hist.cycle_id                         LAST 
_refine_hist.pdbx_number_atoms_protein        1080 
_refine_hist.pdbx_number_atoms_nucleic_acid   0 
_refine_hist.pdbx_number_atoms_ligand         0 
_refine_hist.number_atoms_solvent             54 
_refine_hist.number_atoms_total               1134 
_refine_hist.d_res_high                       2.00 
_refine_hist.d_res_low                        35.5 
# 
loop_
_refine_ls_restr.type 
_refine_ls_restr.dev_ideal 
_refine_ls_restr.dev_ideal_target 
_refine_ls_restr.weight 
_refine_ls_restr.number 
_refine_ls_restr.pdbx_refine_id 
_refine_ls_restr.pdbx_restraint_function 
c_bond_d           0.007 1.50 ? ? 'X-RAY DIFFRACTION' ? 
c_angle_deg        1.2   2.00 ? ? 'X-RAY DIFFRACTION' ? 
c_dihedral_angle_d 22.1  2.00 ? ? 'X-RAY DIFFRACTION' ? 
c_improper_angle_d 0.61  2.50 ? ? 'X-RAY DIFFRACTION' ? 
c_mcbond_it        1.38  ?    ? ? 'X-RAY DIFFRACTION' ? 
c_mcangle_it       2.43  ?    ? ? 'X-RAY DIFFRACTION' ? 
c_scbond_it        2.23  ?    ? ? 'X-RAY DIFFRACTION' ? 
c_scangle_it       3.57  ?    ? ? 'X-RAY DIFFRACTION' ? 
# 
_refine_ls_shell.pdbx_total_number_of_bins_used   8 
_refine_ls_shell.d_res_high                       2.00 
_refine_ls_shell.d_res_low                        2.09 
_refine_ls_shell.number_reflns_R_work             2347 
_refine_ls_shell.R_factor_R_work                  0.253 
_refine_ls_shell.percent_reflns_obs               99.4 
_refine_ls_shell.R_factor_R_free                  0.288 
_refine_ls_shell.R_factor_R_free_error            0.023 
_refine_ls_shell.percent_reflns_R_free            8.1 
_refine_ls_shell.number_reflns_R_free             145 
_refine_ls_shell.number_reflns_obs                1754 
_refine_ls_shell.redundancy_reflns_obs            ? 
_refine_ls_shell.number_reflns_all                ? 
_refine_ls_shell.R_factor_all                     ? 
_refine_ls_shell.pdbx_refine_id                   'X-RAY DIFFRACTION' 
# 
loop_
_pdbx_xplor_file.serial_no 
_pdbx_xplor_file.param_file 
_pdbx_xplor_file.topol_file 
_pdbx_xplor_file.pdbx_refine_id 
1 protein_rep.param protein.top 'X-RAY DIFFRACTION' 
2 water_rep.param   water.top   'X-RAY DIFFRACTION' 
# 
_struct.entry_id                  2CXC 
_struct.title                     'Crystal structure of archaeal transcription termination factor NusA' 
_struct.pdbx_model_details        ? 
_struct.pdbx_CASP_flag            ? 
_struct.pdbx_model_type_details   ? 
# 
_struct_keywords.entry_id        2CXC 
_struct_keywords.pdbx_keywords   TRANSCRIPTION 
_struct_keywords.text            
;TRANSCRIPTION TERMINATION, RNA BINDING PROTEIN, ARCHAEAL NUSA, KH DOMAIN, Structural Genomics, NPPSFA, National Project on Protein Structural and Functional Analyses, RIKEN Structural Genomics/Proteomics Initiative, RSGI, TRANSCRIPTION
;
# 
loop_
_struct_asym.id 
_struct_asym.pdbx_blank_PDB_chainid_flag 
_struct_asym.pdbx_modified 
_struct_asym.entity_id 
_struct_asym.details 
A N N 1 ? 
B N N 2 ? 
# 
_struct_ref.id                         1 
_struct_ref.db_name                    UNP 
_struct_ref.db_code                    Q9YAU4_AERPE 
_struct_ref.pdbx_db_accession          Q9YAU4 
_struct_ref.entity_id                  1 
_struct_ref.pdbx_seq_one_letter_code   
;MSGDYRITLEELRYISVFHSITGVTAYRCIVDEENNRLIFLVSEGEAGRAIGRGGRLIKLLREALGKNIEVVEYSSDLER
IVKNLFPGVKIESINVRERNGVKQVVIKVSEDDKGAAIGKGGKNVKRARLVLSKLFGVEKVVIR
;
_struct_ref.pdbx_align_begin           1 
_struct_ref.pdbx_db_isoform            ? 
# 
_struct_ref_seq.align_id                      1 
_struct_ref_seq.ref_id                        1 
_struct_ref_seq.pdbx_PDB_id_code              2CXC 
_struct_ref_seq.pdbx_strand_id                A 
_struct_ref_seq.seq_align_beg                 1 
_struct_ref_seq.pdbx_seq_align_beg_ins_code   ? 
_struct_ref_seq.seq_align_end                 144 
_struct_ref_seq.pdbx_seq_align_end_ins_code   ? 
_struct_ref_seq.pdbx_db_accession             Q9YAU4 
_struct_ref_seq.db_align_beg                  1 
_struct_ref_seq.pdbx_db_align_beg_ins_code    ? 
_struct_ref_seq.db_align_end                  144 
_struct_ref_seq.pdbx_db_align_end_ins_code    ? 
_struct_ref_seq.pdbx_auth_seq_align_beg       1 
_struct_ref_seq.pdbx_auth_seq_align_end       144 
# 
_pdbx_struct_assembly.id                   1 
_pdbx_struct_assembly.details              author_defined_assembly 
_pdbx_struct_assembly.method_details       ? 
_pdbx_struct_assembly.oligomeric_details   monomeric 
_pdbx_struct_assembly.oligomeric_count     1 
# 
_pdbx_struct_assembly_gen.assembly_id       1 
_pdbx_struct_assembly_gen.oper_expression   1 
_pdbx_struct_assembly_gen.asym_id_list      A,B 
# 
_pdbx_struct_oper_list.id                   1 
_pdbx_struct_oper_list.type                 'identity operation' 
_pdbx_struct_oper_list.name                 1_555 
_pdbx_struct_oper_list.symmetry_operation   x,y,z 
_pdbx_struct_oper_list.matrix[1][1]         1.0000000000 
_pdbx_struct_oper_list.matrix[1][2]         0.0000000000 
_pdbx_struct_oper_list.matrix[1][3]         0.0000000000 
_pdbx_struct_oper_list.vector[1]            0.0000000000 
_pdbx_struct_oper_list.matrix[2][1]         0.0000000000 
_pdbx_struct_oper_list.matrix[2][2]         1.0000000000 
_pdbx_struct_oper_list.matrix[2][3]         0.0000000000 
_pdbx_struct_oper_list.vector[2]            0.0000000000 
_pdbx_struct_oper_list.matrix[3][1]         0.0000000000 
_pdbx_struct_oper_list.matrix[3][2]         0.0000000000 
_pdbx_struct_oper_list.matrix[3][3]         1.0000000000 
_pdbx_struct_oper_list.vector[3]            0.0000000000 
# 
_struct_biol.id   1 
# 
loop_
_struct_conf.conf_type_id 
_struct_conf.id 
_struct_conf.pdbx_PDB_helix_id 
_struct_conf.beg_label_comp_id 
_struct_conf.beg_label_asym_id 
_struct_conf.beg_label_seq_id 
_struct_conf.pdbx_beg_PDB_ins_code 
_struct_conf.end_label_comp_id 
_struct_conf.end_label_asym_id 
_struct_conf.end_label_seq_id 
_struct_conf.pdbx_end_PDB_ins_code 
_struct_conf.beg_auth_comp_id 
_struct_conf.beg_auth_asym_id 
_struct_conf.beg_auth_seq_id 
_struct_conf.end_auth_comp_id 
_struct_conf.end_auth_asym_id 
_struct_conf.end_auth_seq_id 
_struct_conf.pdbx_PDB_helix_class 
_struct_conf.details 
_struct_conf.pdbx_PDB_helix_length 
HELX_P HELX_P1 1 THR A 8   ? GLY A 23  ? THR A 8   GLY A 23  1 ? 16 
HELX_P HELX_P2 2 GLU A 33  ? ASN A 35  ? GLU A 33  ASN A 35  5 ? 3  
HELX_P HELX_P3 3 GLU A 46  ? GLY A 52  ? GLU A 46  GLY A 52  1 ? 7  
HELX_P HELX_P4 4 GLY A 55  ? GLY A 66  ? GLY A 55  GLY A 66  1 ? 12 
HELX_P HELX_P5 5 ASP A 77  ? PHE A 86  ? ASP A 77  PHE A 86  1 ? 10 
HELX_P HELX_P6 6 ASP A 113 ? GLY A 119 ? ASP A 113 GLY A 119 1 ? 7  
HELX_P HELX_P7 7 GLY A 122 ? GLY A 137 ? GLY A 122 GLY A 137 1 ? 16 
# 
_struct_conf_type.id          HELX_P 
_struct_conf_type.criteria    ? 
_struct_conf_type.reference   ? 
# 
loop_
_struct_sheet.id 
_struct_sheet.type 
_struct_sheet.number_strands 
_struct_sheet.details 
A ? 3 ? 
B ? 3 ? 
# 
loop_
_struct_sheet_order.sheet_id 
_struct_sheet_order.range_id_1 
_struct_sheet_order.range_id_2 
_struct_sheet_order.offset 
_struct_sheet_order.sense 
A 1 2 ? anti-parallel 
A 2 3 ? parallel      
B 1 2 ? anti-parallel 
B 2 3 ? parallel      
# 
loop_
_struct_sheet_range.sheet_id 
_struct_sheet_range.id 
_struct_sheet_range.beg_label_comp_id 
_struct_sheet_range.beg_label_asym_id 
_struct_sheet_range.beg_label_seq_id 
_struct_sheet_range.pdbx_beg_PDB_ins_code 
_struct_sheet_range.end_label_comp_id 
_struct_sheet_range.end_label_asym_id 
_struct_sheet_range.end_label_seq_id 
_struct_sheet_range.pdbx_end_PDB_ins_code 
_struct_sheet_range.beg_auth_comp_id 
_struct_sheet_range.beg_auth_asym_id 
_struct_sheet_range.beg_auth_seq_id 
_struct_sheet_range.end_auth_comp_id 
_struct_sheet_range.end_auth_asym_id 
_struct_sheet_range.end_auth_seq_id 
A 1 ALA A 26  ? ASP A 32  ? ALA A 26  ASP A 32  
A 2 ARG A 37  ? VAL A 42  ? ARG A 37  VAL A 42  
A 3 ASN A 68  ? GLU A 73  ? ASN A 68  GLU A 73  
B 1 ILE A 91  ? ARG A 99  ? ILE A 91  ARG A 99  
B 2 VAL A 102 ? VAL A 109 ? VAL A 102 VAL A 109 
B 3 VAL A 138 ? ILE A 143 ? VAL A 138 ILE A 143 
# 
loop_
_pdbx_struct_sheet_hbond.sheet_id 
_pdbx_struct_sheet_hbond.range_id_1 
_pdbx_struct_sheet_hbond.range_id_2 
_pdbx_struct_sheet_hbond.range_1_label_atom_id 
_pdbx_struct_sheet_hbond.range_1_label_comp_id 
_pdbx_struct_sheet_hbond.range_1_label_asym_id 
_pdbx_struct_sheet_hbond.range_1_label_seq_id 
_pdbx_struct_sheet_hbond.range_1_PDB_ins_code 
_pdbx_struct_sheet_hbond.range_1_auth_atom_id 
_pdbx_struct_sheet_hbond.range_1_auth_comp_id 
_pdbx_struct_sheet_hbond.range_1_auth_asym_id 
_pdbx_struct_sheet_hbond.range_1_auth_seq_id 
_pdbx_struct_sheet_hbond.range_2_label_atom_id 
_pdbx_struct_sheet_hbond.range_2_label_comp_id 
_pdbx_struct_sheet_hbond.range_2_label_asym_id 
_pdbx_struct_sheet_hbond.range_2_label_seq_id 
_pdbx_struct_sheet_hbond.range_2_PDB_ins_code 
_pdbx_struct_sheet_hbond.range_2_auth_atom_id 
_pdbx_struct_sheet_hbond.range_2_auth_comp_id 
_pdbx_struct_sheet_hbond.range_2_auth_asym_id 
_pdbx_struct_sheet_hbond.range_2_auth_seq_id 
A 1 2 N ILE A 30  ? N ILE A 30  O ILE A 39  ? O ILE A 39  
A 2 3 N PHE A 40  ? N PHE A 40  O GLU A 70  ? O GLU A 70  
B 1 2 N GLU A 92  ? N GLU A 92  O LYS A 108 ? O LYS A 108 
B 2 3 N VAL A 105 ? N VAL A 105 O LYS A 140 ? O LYS A 140 
# 
loop_
_pdbx_validate_torsion.id 
_pdbx_validate_torsion.PDB_model_num 
_pdbx_validate_torsion.auth_comp_id 
_pdbx_validate_torsion.auth_asym_id 
_pdbx_validate_torsion.auth_seq_id 
_pdbx_validate_torsion.PDB_ins_code 
_pdbx_validate_torsion.label_alt_id 
_pdbx_validate_torsion.phi 
_pdbx_validate_torsion.psi 
1 1 ASN A 36  ? ? 38.02  55.86  
2 1 SER A 110 ? ? -45.06 158.98 
3 1 GLU A 111 ? ? -24.17 -52.07 
4 1 LYS A 120 ? ? -54.60 104.98 
5 1 LYS A 123 ? ? -29.25 -48.01 
# 
_pdbx_SG_project.id                    1 
_pdbx_SG_project.project_name          'NPPSFA, National Project on Protein Structural and Functional Analyses' 
_pdbx_SG_project.full_name_of_center   'RIKEN Structural Genomics/Proteomics Initiative' 
_pdbx_SG_project.initial_of_center     RSGI 
# 
loop_
_pdbx_unobs_or_zero_occ_residues.id 
_pdbx_unobs_or_zero_occ_residues.PDB_model_num 
_pdbx_unobs_or_zero_occ_residues.polymer_flag 
_pdbx_unobs_or_zero_occ_residues.occupancy_flag 
_pdbx_unobs_or_zero_occ_residues.auth_asym_id 
_pdbx_unobs_or_zero_occ_residues.auth_comp_id 
_pdbx_unobs_or_zero_occ_residues.auth_seq_id 
_pdbx_unobs_or_zero_occ_residues.PDB_ins_code 
_pdbx_unobs_or_zero_occ_residues.label_asym_id 
_pdbx_unobs_or_zero_occ_residues.label_comp_id 
_pdbx_unobs_or_zero_occ_residues.label_seq_id 
1 1 Y 1 A MET 1 ? A MET 1 
2 1 Y 1 A SER 2 ? A SER 2 
3 1 Y 1 A GLY 3 ? A GLY 3 
4 1 Y 1 A ASP 4 ? A ASP 4 
5 1 Y 1 A TYR 5 ? A TYR 5 
6 1 Y 1 A ARG 6 ? A ARG 6 
# 
loop_
_chem_comp_atom.comp_id 
_chem_comp_atom.atom_id 
_chem_comp_atom.type_symbol 
_chem_comp_atom.pdbx_aromatic_flag 
_chem_comp_atom.pdbx_stereo_config 
_chem_comp_atom.pdbx_ordinal 
ALA N    N N N 1   
ALA CA   C N S 2   
ALA C    C N N 3   
ALA O    O N N 4   
ALA CB   C N N 5   
ALA OXT  O N N 6   
ALA H    H N N 7   
ALA H2   H N N 8   
ALA HA   H N N 9   
ALA HB1  H N N 10  
ALA HB2  H N N 11  
ALA HB3  H N N 12  
ALA HXT  H N N 13  
ARG N    N N N 14  
ARG CA   C N S 15  
ARG C    C N N 16  
ARG O    O N N 17  
ARG CB   C N N 18  
ARG CG   C N N 19  
ARG CD   C N N 20  
ARG NE   N N N 21  
ARG CZ   C N N 22  
ARG NH1  N N N 23  
ARG NH2  N N N 24  
ARG OXT  O N N 25  
ARG H    H N N 26  
ARG H2   H N N 27  
ARG HA   H N N 28  
ARG HB2  H N N 29  
ARG HB3  H N N 30  
ARG HG2  H N N 31  
ARG HG3  H N N 32  
ARG HD2  H N N 33  
ARG HD3  H N N 34  
ARG HE   H N N 35  
ARG HH11 H N N 36  
ARG HH12 H N N 37  
ARG HH21 H N N 38  
ARG HH22 H N N 39  
ARG HXT  H N N 40  
ASN N    N N N 41  
ASN CA   C N S 42  
ASN C    C N N 43  
ASN O    O N N 44  
ASN CB   C N N 45  
ASN CG   C N N 46  
ASN OD1  O N N 47  
ASN ND2  N N N 48  
ASN OXT  O N N 49  
ASN H    H N N 50  
ASN H2   H N N 51  
ASN HA   H N N 52  
ASN HB2  H N N 53  
ASN HB3  H N N 54  
ASN HD21 H N N 55  
ASN HD22 H N N 56  
ASN HXT  H N N 57  
ASP N    N N N 58  
ASP CA   C N S 59  
ASP C    C N N 60  
ASP O    O N N 61  
ASP CB   C N N 62  
ASP CG   C N N 63  
ASP OD1  O N N 64  
ASP OD2  O N N 65  
ASP OXT  O N N 66  
ASP H    H N N 67  
ASP H2   H N N 68  
ASP HA   H N N 69  
ASP HB2  H N N 70  
ASP HB3  H N N 71  
ASP HD2  H N N 72  
ASP HXT  H N N 73  
CYS N    N N N 74  
CYS CA   C N R 75  
CYS C    C N N 76  
CYS O    O N N 77  
CYS CB   C N N 78  
CYS SG   S N N 79  
CYS OXT  O N N 80  
CYS H    H N N 81  
CYS H2   H N N 82  
CYS HA   H N N 83  
CYS HB2  H N N 84  
CYS HB3  H N N 85  
CYS HG   H N N 86  
CYS HXT  H N N 87  
GLN N    N N N 88  
GLN CA   C N S 89  
GLN C    C N N 90  
GLN O    O N N 91  
GLN CB   C N N 92  
GLN CG   C N N 93  
GLN CD   C N N 94  
GLN OE1  O N N 95  
GLN NE2  N N N 96  
GLN OXT  O N N 97  
GLN H    H N N 98  
GLN H2   H N N 99  
GLN HA   H N N 100 
GLN HB2  H N N 101 
GLN HB3  H N N 102 
GLN HG2  H N N 103 
GLN HG3  H N N 104 
GLN HE21 H N N 105 
GLN HE22 H N N 106 
GLN HXT  H N N 107 
GLU N    N N N 108 
GLU CA   C N S 109 
GLU C    C N N 110 
GLU O    O N N 111 
GLU CB   C N N 112 
GLU CG   C N N 113 
GLU CD   C N N 114 
GLU OE1  O N N 115 
GLU OE2  O N N 116 
GLU OXT  O N N 117 
GLU H    H N N 118 
GLU H2   H N N 119 
GLU HA   H N N 120 
GLU HB2  H N N 121 
GLU HB3  H N N 122 
GLU HG2  H N N 123 
GLU HG3  H N N 124 
GLU HE2  H N N 125 
GLU HXT  H N N 126 
GLY N    N N N 127 
GLY CA   C N N 128 
GLY C    C N N 129 
GLY O    O N N 130 
GLY OXT  O N N 131 
GLY H    H N N 132 
GLY H2   H N N 133 
GLY HA2  H N N 134 
GLY HA3  H N N 135 
GLY HXT  H N N 136 
HIS N    N N N 137 
HIS CA   C N S 138 
HIS C    C N N 139 
HIS O    O N N 140 
HIS CB   C N N 141 
HIS CG   C Y N 142 
HIS ND1  N Y N 143 
HIS CD2  C Y N 144 
HIS CE1  C Y N 145 
HIS NE2  N Y N 146 
HIS OXT  O N N 147 
HIS H    H N N 148 
HIS H2   H N N 149 
HIS HA   H N N 150 
HIS HB2  H N N 151 
HIS HB3  H N N 152 
HIS HD1  H N N 153 
HIS HD2  H N N 154 
HIS HE1  H N N 155 
HIS HE2  H N N 156 
HIS HXT  H N N 157 
HOH O    O N N 158 
HOH H1   H N N 159 
HOH H2   H N N 160 
ILE N    N N N 161 
ILE CA   C N S 162 
ILE C    C N N 163 
ILE O    O N N 164 
ILE CB   C N S 165 
ILE CG1  C N N 166 
ILE CG2  C N N 167 
ILE CD1  C N N 168 
ILE OXT  O N N 169 
ILE H    H N N 170 
ILE H2   H N N 171 
ILE HA   H N N 172 
ILE HB   H N N 173 
ILE HG12 H N N 174 
ILE HG13 H N N 175 
ILE HG21 H N N 176 
ILE HG22 H N N 177 
ILE HG23 H N N 178 
ILE HD11 H N N 179 
ILE HD12 H N N 180 
ILE HD13 H N N 181 
ILE HXT  H N N 182 
LEU N    N N N 183 
LEU CA   C N S 184 
LEU C    C N N 185 
LEU O    O N N 186 
LEU CB   C N N 187 
LEU CG   C N N 188 
LEU CD1  C N N 189 
LEU CD2  C N N 190 
LEU OXT  O N N 191 
LEU H    H N N 192 
LEU H2   H N N 193 
LEU HA   H N N 194 
LEU HB2  H N N 195 
LEU HB3  H N N 196 
LEU HG   H N N 197 
LEU HD11 H N N 198 
LEU HD12 H N N 199 
LEU HD13 H N N 200 
LEU HD21 H N N 201 
LEU HD22 H N N 202 
LEU HD23 H N N 203 
LEU HXT  H N N 204 
LYS N    N N N 205 
LYS CA   C N S 206 
LYS C    C N N 207 
LYS O    O N N 208 
LYS CB   C N N 209 
LYS CG   C N N 210 
LYS CD   C N N 211 
LYS CE   C N N 212 
LYS NZ   N N N 213 
LYS OXT  O N N 214 
LYS H    H N N 215 
LYS H2   H N N 216 
LYS HA   H N N 217 
LYS HB2  H N N 218 
LYS HB3  H N N 219 
LYS HG2  H N N 220 
LYS HG3  H N N 221 
LYS HD2  H N N 222 
LYS HD3  H N N 223 
LYS HE2  H N N 224 
LYS HE3  H N N 225 
LYS HZ1  H N N 226 
LYS HZ2  H N N 227 
LYS HZ3  H N N 228 
LYS HXT  H N N 229 
MET N    N N N 230 
MET CA   C N S 231 
MET C    C N N 232 
MET O    O N N 233 
MET CB   C N N 234 
MET CG   C N N 235 
MET SD   S N N 236 
MET CE   C N N 237 
MET OXT  O N N 238 
MET H    H N N 239 
MET H2   H N N 240 
MET HA   H N N 241 
MET HB2  H N N 242 
MET HB3  H N N 243 
MET HG2  H N N 244 
MET HG3  H N N 245 
MET HE1  H N N 246 
MET HE2  H N N 247 
MET HE3  H N N 248 
MET HXT  H N N 249 
PHE N    N N N 250 
PHE CA   C N S 251 
PHE C    C N N 252 
PHE O    O N N 253 
PHE CB   C N N 254 
PHE CG   C Y N 255 
PHE CD1  C Y N 256 
PHE CD2  C Y N 257 
PHE CE1  C Y N 258 
PHE CE2  C Y N 259 
PHE CZ   C Y N 260 
PHE OXT  O N N 261 
PHE H    H N N 262 
PHE H2   H N N 263 
PHE HA   H N N 264 
PHE HB2  H N N 265 
PHE HB3  H N N 266 
PHE HD1  H N N 267 
PHE HD2  H N N 268 
PHE HE1  H N N 269 
PHE HE2  H N N 270 
PHE HZ   H N N 271 
PHE HXT  H N N 272 
PRO N    N N N 273 
PRO CA   C N S 274 
PRO C    C N N 275 
PRO O    O N N 276 
PRO CB   C N N 277 
PRO CG   C N N 278 
PRO CD   C N N 279 
PRO OXT  O N N 280 
PRO H    H N N 281 
PRO HA   H N N 282 
PRO HB2  H N N 283 
PRO HB3  H N N 284 
PRO HG2  H N N 285 
PRO HG3  H N N 286 
PRO HD2  H N N 287 
PRO HD3  H N N 288 
PRO HXT  H N N 289 
SER N    N N N 290 
SER CA   C N S 291 
SER C    C N N 292 
SER O    O N N 293 
SER CB   C N N 294 
SER OG   O N N 295 
SER OXT  O N N 296 
SER H    H N N 297 
SER H2   H N N 298 
SER HA   H N N 299 
SER HB2  H N N 300 
SER HB3  H N N 301 
SER HG   H N N 302 
SER HXT  H N N 303 
THR N    N N N 304 
THR CA   C N S 305 
THR C    C N N 306 
THR O    O N N 307 
THR CB   C N R 308 
THR OG1  O N N 309 
THR CG2  C N N 310 
THR OXT  O N N 311 
THR H    H N N 312 
THR H2   H N N 313 
THR HA   H N N 314 
THR HB   H N N 315 
THR HG1  H N N 316 
THR HG21 H N N 317 
THR HG22 H N N 318 
THR HG23 H N N 319 
THR HXT  H N N 320 
TYR N    N N N 321 
TYR CA   C N S 322 
TYR C    C N N 323 
TYR O    O N N 324 
TYR CB   C N N 325 
TYR CG   C Y N 326 
TYR CD1  C Y N 327 
TYR CD2  C Y N 328 
TYR CE1  C Y N 329 
TYR CE2  C Y N 330 
TYR CZ   C Y N 331 
TYR OH   O N N 332 
TYR OXT  O N N 333 
TYR H    H N N 334 
TYR H2   H N N 335 
TYR HA   H N N 336 
TYR HB2  H N N 337 
TYR HB3  H N N 338 
TYR HD1  H N N 339 
TYR HD2  H N N 340 
TYR HE1  H N N 341 
TYR HE2  H N N 342 
TYR HH   H N N 343 
TYR HXT  H N N 344 
VAL N    N N N 345 
VAL CA   C N S 346 
VAL C    C N N 347 
VAL O    O N N 348 
VAL CB   C N N 349 
VAL CG1  C N N 350 
VAL CG2  C N N 351 
VAL OXT  O N N 352 
VAL H    H N N 353 
VAL H2   H N N 354 
VAL HA   H N N 355 
VAL HB   H N N 356 
VAL HG11 H N N 357 
VAL HG12 H N N 358 
VAL HG13 H N N 359 
VAL HG21 H N N 360 
VAL HG22 H N N 361 
VAL HG23 H N N 362 
VAL HXT  H N N 363 
# 
loop_
_chem_comp_bond.comp_id 
_chem_comp_bond.atom_id_1 
_chem_comp_bond.atom_id_2 
_chem_comp_bond.value_order 
_chem_comp_bond.pdbx_aromatic_flag 
_chem_comp_bond.pdbx_stereo_config 
_chem_comp_bond.pdbx_ordinal 
ALA N   CA   sing N N 1   
ALA N   H    sing N N 2   
ALA N   H2   sing N N 3   
ALA CA  C    sing N N 4   
ALA CA  CB   sing N N 5   
ALA CA  HA   sing N N 6   
ALA C   O    doub N N 7   
ALA C   OXT  sing N N 8   
ALA CB  HB1  sing N N 9   
ALA CB  HB2  sing N N 10  
ALA CB  HB3  sing N N 11  
ALA OXT HXT  sing N N 12  
ARG N   CA   sing N N 13  
ARG N   H    sing N N 14  
ARG N   H2   sing N N 15  
ARG CA  C    sing N N 16  
ARG CA  CB   sing N N 17  
ARG CA  HA   sing N N 18  
ARG C   O    doub N N 19  
ARG C   OXT  sing N N 20  
ARG CB  CG   sing N N 21  
ARG CB  HB2  sing N N 22  
ARG CB  HB3  sing N N 23  
ARG CG  CD   sing N N 24  
ARG CG  HG2  sing N N 25  
ARG CG  HG3  sing N N 26  
ARG CD  NE   sing N N 27  
ARG CD  HD2  sing N N 28  
ARG CD  HD3  sing N N 29  
ARG NE  CZ   sing N N 30  
ARG NE  HE   sing N N 31  
ARG CZ  NH1  sing N N 32  
ARG CZ  NH2  doub N N 33  
ARG NH1 HH11 sing N N 34  
ARG NH1 HH12 sing N N 35  
ARG NH2 HH21 sing N N 36  
ARG NH2 HH22 sing N N 37  
ARG OXT HXT  sing N N 38  
ASN N   CA   sing N N 39  
ASN N   H    sing N N 40  
ASN N   H2   sing N N 41  
ASN CA  C    sing N N 42  
ASN CA  CB   sing N N 43  
ASN CA  HA   sing N N 44  
ASN C   O    doub N N 45  
ASN C   OXT  sing N N 46  
ASN CB  CG   sing N N 47  
ASN CB  HB2  sing N N 48  
ASN CB  HB3  sing N N 49  
ASN CG  OD1  doub N N 50  
ASN CG  ND2  sing N N 51  
ASN ND2 HD21 sing N N 52  
ASN ND2 HD22 sing N N 53  
ASN OXT HXT  sing N N 54  
ASP N   CA   sing N N 55  
ASP N   H    sing N N 56  
ASP N   H2   sing N N 57  
ASP CA  C    sing N N 58  
ASP CA  CB   sing N N 59  
ASP CA  HA   sing N N 60  
ASP C   O    doub N N 61  
ASP C   OXT  sing N N 62  
ASP CB  CG   sing N N 63  
ASP CB  HB2  sing N N 64  
ASP CB  HB3  sing N N 65  
ASP CG  OD1  doub N N 66  
ASP CG  OD2  sing N N 67  
ASP OD2 HD2  sing N N 68  
ASP OXT HXT  sing N N 69  
CYS N   CA   sing N N 70  
CYS N   H    sing N N 71  
CYS N   H2   sing N N 72  
CYS CA  C    sing N N 73  
CYS CA  CB   sing N N 74  
CYS CA  HA   sing N N 75  
CYS C   O    doub N N 76  
CYS C   OXT  sing N N 77  
CYS CB  SG   sing N N 78  
CYS CB  HB2  sing N N 79  
CYS CB  HB3  sing N N 80  
CYS SG  HG   sing N N 81  
CYS OXT HXT  sing N N 82  
GLN N   CA   sing N N 83  
GLN N   H    sing N N 84  
GLN N   H2   sing N N 85  
GLN CA  C    sing N N 86  
GLN CA  CB   sing N N 87  
GLN CA  HA   sing N N 88  
GLN C   O    doub N N 89  
GLN C   OXT  sing N N 90  
GLN CB  CG   sing N N 91  
GLN CB  HB2  sing N N 92  
GLN CB  HB3  sing N N 93  
GLN CG  CD   sing N N 94  
GLN CG  HG2  sing N N 95  
GLN CG  HG3  sing N N 96  
GLN CD  OE1  doub N N 97  
GLN CD  NE2  sing N N 98  
GLN NE2 HE21 sing N N 99  
GLN NE2 HE22 sing N N 100 
GLN OXT HXT  sing N N 101 
GLU N   CA   sing N N 102 
GLU N   H    sing N N 103 
GLU N   H2   sing N N 104 
GLU CA  C    sing N N 105 
GLU CA  CB   sing N N 106 
GLU CA  HA   sing N N 107 
GLU C   O    doub N N 108 
GLU C   OXT  sing N N 109 
GLU CB  CG   sing N N 110 
GLU CB  HB2  sing N N 111 
GLU CB  HB3  sing N N 112 
GLU CG  CD   sing N N 113 
GLU CG  HG2  sing N N 114 
GLU CG  HG3  sing N N 115 
GLU CD  OE1  doub N N 116 
GLU CD  OE2  sing N N 117 
GLU OE2 HE2  sing N N 118 
GLU OXT HXT  sing N N 119 
GLY N   CA   sing N N 120 
GLY N   H    sing N N 121 
GLY N   H2   sing N N 122 
GLY CA  C    sing N N 123 
GLY CA  HA2  sing N N 124 
GLY CA  HA3  sing N N 125 
GLY C   O    doub N N 126 
GLY C   OXT  sing N N 127 
GLY OXT HXT  sing N N 128 
HIS N   CA   sing N N 129 
HIS N   H    sing N N 130 
HIS N   H2   sing N N 131 
HIS CA  C    sing N N 132 
HIS CA  CB   sing N N 133 
HIS CA  HA   sing N N 134 
HIS C   O    doub N N 135 
HIS C   OXT  sing N N 136 
HIS CB  CG   sing N N 137 
HIS CB  HB2  sing N N 138 
HIS CB  HB3  sing N N 139 
HIS CG  ND1  sing Y N 140 
HIS CG  CD2  doub Y N 141 
HIS ND1 CE1  doub Y N 142 
HIS ND1 HD1  sing N N 143 
HIS CD2 NE2  sing Y N 144 
HIS CD2 HD2  sing N N 145 
HIS CE1 NE2  sing Y N 146 
HIS CE1 HE1  sing N N 147 
HIS NE2 HE2  sing N N 148 
HIS OXT HXT  sing N N 149 
HOH O   H1   sing N N 150 
HOH O   H2   sing N N 151 
ILE N   CA   sing N N 152 
ILE N   H    sing N N 153 
ILE N   H2   sing N N 154 
ILE CA  C    sing N N 155 
ILE CA  CB   sing N N 156 
ILE CA  HA   sing N N 157 
ILE C   O    doub N N 158 
ILE C   OXT  sing N N 159 
ILE CB  CG1  sing N N 160 
ILE CB  CG2  sing N N 161 
ILE CB  HB   sing N N 162 
ILE CG1 CD1  sing N N 163 
ILE CG1 HG12 sing N N 164 
ILE CG1 HG13 sing N N 165 
ILE CG2 HG21 sing N N 166 
ILE CG2 HG22 sing N N 167 
ILE CG2 HG23 sing N N 168 
ILE CD1 HD11 sing N N 169 
ILE CD1 HD12 sing N N 170 
ILE CD1 HD13 sing N N 171 
ILE OXT HXT  sing N N 172 
LEU N   CA   sing N N 173 
LEU N   H    sing N N 174 
LEU N   H2   sing N N 175 
LEU CA  C    sing N N 176 
LEU CA  CB   sing N N 177 
LEU CA  HA   sing N N 178 
LEU C   O    doub N N 179 
LEU C   OXT  sing N N 180 
LEU CB  CG   sing N N 181 
LEU CB  HB2  sing N N 182 
LEU CB  HB3  sing N N 183 
LEU CG  CD1  sing N N 184 
LEU CG  CD2  sing N N 185 
LEU CG  HG   sing N N 186 
LEU CD1 HD11 sing N N 187 
LEU CD1 HD12 sing N N 188 
LEU CD1 HD13 sing N N 189 
LEU CD2 HD21 sing N N 190 
LEU CD2 HD22 sing N N 191 
LEU CD2 HD23 sing N N 192 
LEU OXT HXT  sing N N 193 
LYS N   CA   sing N N 194 
LYS N   H    sing N N 195 
LYS N   H2   sing N N 196 
LYS CA  C    sing N N 197 
LYS CA  CB   sing N N 198 
LYS CA  HA   sing N N 199 
LYS C   O    doub N N 200 
LYS C   OXT  sing N N 201 
LYS CB  CG   sing N N 202 
LYS CB  HB2  sing N N 203 
LYS CB  HB3  sing N N 204 
LYS CG  CD   sing N N 205 
LYS CG  HG2  sing N N 206 
LYS CG  HG3  sing N N 207 
LYS CD  CE   sing N N 208 
LYS CD  HD2  sing N N 209 
LYS CD  HD3  sing N N 210 
LYS CE  NZ   sing N N 211 
LYS CE  HE2  sing N N 212 
LYS CE  HE3  sing N N 213 
LYS NZ  HZ1  sing N N 214 
LYS NZ  HZ2  sing N N 215 
LYS NZ  HZ3  sing N N 216 
LYS OXT HXT  sing N N 217 
MET N   CA   sing N N 218 
MET N   H    sing N N 219 
MET N   H2   sing N N 220 
MET CA  C    sing N N 221 
MET CA  CB   sing N N 222 
MET CA  HA   sing N N 223 
MET C   O    doub N N 224 
MET C   OXT  sing N N 225 
MET CB  CG   sing N N 226 
MET CB  HB2  sing N N 227 
MET CB  HB3  sing N N 228 
MET CG  SD   sing N N 229 
MET CG  HG2  sing N N 230 
MET CG  HG3  sing N N 231 
MET SD  CE   sing N N 232 
MET CE  HE1  sing N N 233 
MET CE  HE2  sing N N 234 
MET CE  HE3  sing N N 235 
MET OXT HXT  sing N N 236 
PHE N   CA   sing N N 237 
PHE N   H    sing N N 238 
PHE N   H2   sing N N 239 
PHE CA  C    sing N N 240 
PHE CA  CB   sing N N 241 
PHE CA  HA   sing N N 242 
PHE C   O    doub N N 243 
PHE C   OXT  sing N N 244 
PHE CB  CG   sing N N 245 
PHE CB  HB2  sing N N 246 
PHE CB  HB3  sing N N 247 
PHE CG  CD1  doub Y N 248 
PHE CG  CD2  sing Y N 249 
PHE CD1 CE1  sing Y N 250 
PHE CD1 HD1  sing N N 251 
PHE CD2 CE2  doub Y N 252 
PHE CD2 HD2  sing N N 253 
PHE CE1 CZ   doub Y N 254 
PHE CE1 HE1  sing N N 255 
PHE CE2 CZ   sing Y N 256 
PHE CE2 HE2  sing N N 257 
PHE CZ  HZ   sing N N 258 
PHE OXT HXT  sing N N 259 
PRO N   CA   sing N N 260 
PRO N   CD   sing N N 261 
PRO N   H    sing N N 262 
PRO CA  C    sing N N 263 
PRO CA  CB   sing N N 264 
PRO CA  HA   sing N N 265 
PRO C   O    doub N N 266 
PRO C   OXT  sing N N 267 
PRO CB  CG   sing N N 268 
PRO CB  HB2  sing N N 269 
PRO CB  HB3  sing N N 270 
PRO CG  CD   sing N N 271 
PRO CG  HG2  sing N N 272 
PRO CG  HG3  sing N N 273 
PRO CD  HD2  sing N N 274 
PRO CD  HD3  sing N N 275 
PRO OXT HXT  sing N N 276 
SER N   CA   sing N N 277 
SER N   H    sing N N 278 
SER N   H2   sing N N 279 
SER CA  C    sing N N 280 
SER CA  CB   sing N N 281 
SER CA  HA   sing N N 282 
SER C   O    doub N N 283 
SER C   OXT  sing N N 284 
SER CB  OG   sing N N 285 
SER CB  HB2  sing N N 286 
SER CB  HB3  sing N N 287 
SER OG  HG   sing N N 288 
SER OXT HXT  sing N N 289 
THR N   CA   sing N N 290 
THR N   H    sing N N 291 
THR N   H2   sing N N 292 
THR CA  C    sing N N 293 
THR CA  CB   sing N N 294 
THR CA  HA   sing N N 295 
THR C   O    doub N N 296 
THR C   OXT  sing N N 297 
THR CB  OG1  sing N N 298 
THR CB  CG2  sing N N 299 
THR CB  HB   sing N N 300 
THR OG1 HG1  sing N N 301 
THR CG2 HG21 sing N N 302 
THR CG2 HG22 sing N N 303 
THR CG2 HG23 sing N N 304 
THR OXT HXT  sing N N 305 
TYR N   CA   sing N N 306 
TYR N   H    sing N N 307 
TYR N   H2   sing N N 308 
TYR CA  C    sing N N 309 
TYR CA  CB   sing N N 310 
TYR CA  HA   sing N N 311 
TYR C   O    doub N N 312 
TYR C   OXT  sing N N 313 
TYR CB  CG   sing N N 314 
TYR CB  HB2  sing N N 315 
TYR CB  HB3  sing N N 316 
TYR CG  CD1  doub Y N 317 
TYR CG  CD2  sing Y N 318 
TYR CD1 CE1  sing Y N 319 
TYR CD1 HD1  sing N N 320 
TYR CD2 CE2  doub Y N 321 
TYR CD2 HD2  sing N N 322 
TYR CE1 CZ   doub Y N 323 
TYR CE1 HE1  sing N N 324 
TYR CE2 CZ   sing Y N 325 
TYR CE2 HE2  sing N N 326 
TYR CZ  OH   sing N N 327 
TYR OH  HH   sing N N 328 
TYR OXT HXT  sing N N 329 
VAL N   CA   sing N N 330 
VAL N   H    sing N N 331 
VAL N   H2   sing N N 332 
VAL CA  C    sing N N 333 
VAL CA  CB   sing N N 334 
VAL CA  HA   sing N N 335 
VAL C   O    doub N N 336 
VAL C   OXT  sing N N 337 
VAL CB  CG1  sing N N 338 
VAL CB  CG2  sing N N 339 
VAL CB  HB   sing N N 340 
VAL CG1 HG11 sing N N 341 
VAL CG1 HG12 sing N N 342 
VAL CG1 HG13 sing N N 343 
VAL CG2 HG21 sing N N 344 
VAL CG2 HG22 sing N N 345 
VAL CG2 HG23 sing N N 346 
VAL OXT HXT  sing N N 347 
# 
_atom_sites.entry_id                    2CXC 
_atom_sites.fract_transf_matrix[1][1]   -0.00397959 
_atom_sites.fract_transf_matrix[1][2]   0.00499507 
_atom_sites.fract_transf_matrix[1][3]   0.00764940 
_atom_sites.fract_transf_matrix[2][1]   -0.00470460 
_atom_sites.fract_transf_matrix[2][2]   -0.00827276 
_atom_sites.fract_transf_matrix[2][3]   0.00295456 
_atom_sites.fract_transf_matrix[3][1]   0.01717013 
_atom_sites.fract_transf_matrix[3][2]   -0.00533090 
_atom_sites.fract_transf_matrix[3][3]   0.01241382 
_atom_sites.fract_transf_vector[1]      0.588832 
_atom_sites.fract_transf_vector[2]      0.351157 
_atom_sites.fract_transf_vector[3]      0.083633 
# 
loop_
_atom_type.symbol 
C 
N 
O 
S 
# 
loop_
_atom_site.group_PDB 
_atom_site.id 
_atom_site.type_symbol 
_atom_site.label_atom_id 
_atom_site.label_alt_id 
_atom_site.label_comp_id 
_atom_site.label_asym_id 
_atom_site.label_entity_id 
_atom_site.label_seq_id 
_atom_site.pdbx_PDB_ins_code 
_atom_site.Cartn_x 
_atom_site.Cartn_y 
_atom_site.Cartn_z 
_atom_site.occupancy 
_atom_site.B_iso_or_equiv 
_atom_site.pdbx_formal_charge 
_atom_site.auth_seq_id 
_atom_site.auth_comp_id 
_atom_site.auth_asym_id 
_atom_site.auth_atom_id 
_atom_site.pdbx_PDB_model_num 
ATOM   1    N N   . ILE A 1 7   ? 13.582  -7.216  -0.624  1.00 62.67  ? 7    ILE A N   1 
ATOM   2    C CA  . ILE A 1 7   ? 14.515  -8.045  -1.433  1.00 62.29  ? 7    ILE A CA  1 
ATOM   3    C C   . ILE A 1 7   ? 15.792  -7.276  -1.776  1.00 61.09  ? 7    ILE A C   1 
ATOM   4    O O   . ILE A 1 7   ? 16.878  -7.668  -1.354  1.00 61.58  ? 7    ILE A O   1 
ATOM   5    C CB  . ILE A 1 7   ? 13.841  -8.536  -2.742  1.00 63.82  ? 7    ILE A CB  1 
ATOM   6    C CG1 . ILE A 1 7   ? 12.553  -9.299  -2.406  1.00 65.70  ? 7    ILE A CG1 1 
ATOM   7    C CG2 . ILE A 1 7   ? 14.796  -9.448  -3.520  1.00 64.43  ? 7    ILE A CG2 1 
ATOM   8    C CD1 . ILE A 1 7   ? 11.887  -9.989  -3.601  1.00 66.71  ? 7    ILE A CD1 1 
ATOM   9    N N   . THR A 1 8   ? 15.667  -6.179  -2.524  1.00 59.15  ? 8    THR A N   1 
ATOM   10   C CA  . THR A 1 8   ? 16.836  -5.377  -2.904  1.00 57.24  ? 8    THR A CA  1 
ATOM   11   C C   . THR A 1 8   ? 17.544  -4.772  -1.690  1.00 56.01  ? 8    THR A C   1 
ATOM   12   O O   . THR A 1 8   ? 17.017  -4.784  -0.580  1.00 55.56  ? 8    THR A O   1 
ATOM   13   C CB  . THR A 1 8   ? 16.448  -4.211  -3.840  1.00 56.54  ? 8    THR A CB  1 
ATOM   14   O OG1 . THR A 1 8   ? 15.844  -3.162  -3.076  1.00 56.10  ? 8    THR A OG1 1 
ATOM   15   C CG2 . THR A 1 8   ? 15.458  -4.676  -4.880  1.00 57.20  ? 8    THR A CG2 1 
ATOM   16   N N   . LEU A 1 9   ? 18.743  -4.245  -1.907  1.00 54.67  ? 9    LEU A N   1 
ATOM   17   C CA  . LEU A 1 9   ? 19.497  -3.631  -0.826  1.00 54.33  ? 9    LEU A CA  1 
ATOM   18   C C   . LEU A 1 9   ? 18.910  -2.269  -0.469  1.00 53.40  ? 9    LEU A C   1 
ATOM   19   O O   . LEU A 1 9   ? 18.970  -1.838  0.681   1.00 53.28  ? 9    LEU A O   1 
ATOM   20   C CB  . LEU A 1 9   ? 20.957  -3.459  -1.230  1.00 54.76  ? 9    LEU A CB  1 
ATOM   21   C CG  . LEU A 1 9   ? 21.793  -4.732  -1.281  1.00 54.71  ? 9    LEU A CG  1 
ATOM   22   C CD1 . LEU A 1 9   ? 23.183  -4.388  -1.772  1.00 55.50  ? 9    LEU A CD1 1 
ATOM   23   C CD2 . LEU A 1 9   ? 21.852  -5.365  0.104   1.00 55.40  ? 9    LEU A CD2 1 
ATOM   24   N N   . GLU A 1 10  ? 18.359  -1.589  -1.470  1.00 52.75  ? 10   GLU A N   1 
ATOM   25   C CA  . GLU A 1 10  ? 17.750  -0.278  -1.277  1.00 52.54  ? 10   GLU A CA  1 
ATOM   26   C C   . GLU A 1 10  ? 16.551  -0.447  -0.349  1.00 51.62  ? 10   GLU A C   1 
ATOM   27   O O   . GLU A 1 10  ? 16.430  0.247   0.662   1.00 51.36  ? 10   GLU A O   1 
ATOM   28   C CB  . GLU A 1 10  ? 17.300  0.294   -2.631  1.00 54.25  ? 10   GLU A CB  1 
ATOM   29   C CG  . GLU A 1 10  ? 16.660  1.682   -2.587  1.00 58.40  ? 10   GLU A CG  1 
ATOM   30   C CD  . GLU A 1 10  ? 15.979  2.060   -3.907  1.00 61.67  ? 10   GLU A CD  1 
ATOM   31   O OE1 . GLU A 1 10  ? 15.404  3.171   -4.007  1.00 62.70  ? 10   GLU A OE1 1 
ATOM   32   O OE2 . GLU A 1 10  ? 16.017  1.238   -4.849  1.00 64.04  ? 10   GLU A OE2 1 
ATOM   33   N N   . GLU A 1 11  ? 15.675  -1.387  -0.697  1.00 50.09  ? 11   GLU A N   1 
ATOM   34   C CA  . GLU A 1 11  ? 14.489  -1.658  0.102   1.00 48.25  ? 11   GLU A CA  1 
ATOM   35   C C   . GLU A 1 11  ? 14.915  -2.111  1.490   1.00 47.58  ? 11   GLU A C   1 
ATOM   36   O O   . GLU A 1 11  ? 14.237  -1.839  2.477   1.00 47.62  ? 11   GLU A O   1 
ATOM   37   C CB  . GLU A 1 11  ? 13.638  -2.754  -0.539  1.00 47.39  ? 11   GLU A CB  1 
ATOM   38   C CG  . GLU A 1 11  ? 12.246  -2.852  0.068   1.00 47.45  ? 11   GLU A CG  1 
ATOM   39   C CD  . GLU A 1 11  ? 11.529  -4.147  -0.262  1.00 45.94  ? 11   GLU A CD  1 
ATOM   40   O OE1 . GLU A 1 11  ? 11.660  -4.625  -1.409  1.00 45.46  ? 11   GLU A OE1 1 
ATOM   41   O OE2 . GLU A 1 11  ? 10.824  -4.668  0.627   1.00 42.80  ? 11   GLU A OE2 1 
ATOM   42   N N   . LEU A 1 12  ? 16.044  -2.806  1.556   1.00 46.55  ? 12   LEU A N   1 
ATOM   43   C CA  . LEU A 1 12  ? 16.573  -3.302  2.823   1.00 46.03  ? 12   LEU A CA  1 
ATOM   44   C C   . LEU A 1 12  ? 16.977  -2.123  3.718   1.00 45.17  ? 12   LEU A C   1 
ATOM   45   O O   . LEU A 1 12  ? 16.823  -2.173  4.946   1.00 44.03  ? 12   LEU A O   1 
ATOM   46   C CB  . LEU A 1 12  ? 17.787  -4.195  2.550   1.00 47.84  ? 12   LEU A CB  1 
ATOM   47   C CG  . LEU A 1 12  ? 18.114  -5.300  3.557   1.00 50.18  ? 12   LEU A CG  1 
ATOM   48   C CD1 . LEU A 1 12  ? 18.534  -4.694  4.890   1.00 52.32  ? 12   LEU A CD1 1 
ATOM   49   C CD2 . LEU A 1 12  ? 16.891  -6.200  3.720   1.00 49.90  ? 12   LEU A CD2 1 
ATOM   50   N N   . ARG A 1 13  ? 17.495  -1.070  3.081   1.00 43.70  ? 13   ARG A N   1 
ATOM   51   C CA  . ARG A 1 13  ? 17.936  0.148   3.758   1.00 41.35  ? 13   ARG A CA  1 
ATOM   52   C C   . ARG A 1 13  ? 16.721  0.897   4.299   1.00 39.21  ? 13   ARG A C   1 
ATOM   53   O O   . ARG A 1 13  ? 16.704  1.349   5.446   1.00 38.17  ? 13   ARG A O   1 
ATOM   54   C CB  . ARG A 1 13  ? 18.684  1.042   2.771   1.00 42.52  ? 13   ARG A CB  1 
ATOM   55   C CG  . ARG A 1 13  ? 19.416  2.218   3.409   1.00 46.02  ? 13   ARG A CG  1 
ATOM   56   C CD  . ARG A 1 13  ? 20.108  3.082   2.345   1.00 47.48  ? 13   ARG A CD  1 
ATOM   57   N NE  . ARG A 1 13  ? 19.200  4.052   1.741   1.00 47.41  ? 13   ARG A NE  1 
ATOM   58   C CZ  . ARG A 1 13  ? 18.678  5.081   2.401   1.00 49.19  ? 13   ARG A CZ  1 
ATOM   59   N NH1 . ARG A 1 13  ? 18.974  5.268   3.687   1.00 48.56  ? 13   ARG A NH1 1 
ATOM   60   N NH2 . ARG A 1 13  ? 17.863  5.923   1.779   1.00 50.10  ? 13   ARG A NH2 1 
ATOM   61   N N   . TYR A 1 14  ? 15.708  1.023   3.453   1.00 36.15  ? 14   TYR A N   1 
ATOM   62   C CA  . TYR A 1 14  ? 14.469  1.696   3.812   1.00 34.05  ? 14   TYR A CA  1 
ATOM   63   C C   . TYR A 1 14  ? 13.827  1.045   5.034   1.00 31.80  ? 14   TYR A C   1 
ATOM   64   O O   . TYR A 1 14  ? 13.397  1.730   5.956   1.00 32.37  ? 14   TYR A O   1 
ATOM   65   C CB  . TYR A 1 14  ? 13.493  1.636   2.631   1.00 34.19  ? 14   TYR A CB  1 
ATOM   66   C CG  . TYR A 1 14  ? 13.868  2.501   1.453   1.00 34.05  ? 14   TYR A CG  1 
ATOM   67   C CD1 . TYR A 1 14  ? 13.481  2.148   0.160   1.00 36.75  ? 14   TYR A CD1 1 
ATOM   68   C CD2 . TYR A 1 14  ? 14.558  3.692   1.633   1.00 34.98  ? 14   TYR A CD2 1 
ATOM   69   C CE1 . TYR A 1 14  ? 13.767  2.965   -0.928  1.00 39.08  ? 14   TYR A CE1 1 
ATOM   70   C CE2 . TYR A 1 14  ? 14.853  4.522   0.552   1.00 39.39  ? 14   TYR A CE2 1 
ATOM   71   C CZ  . TYR A 1 14  ? 14.452  4.155   -0.728  1.00 40.48  ? 14   TYR A CZ  1 
ATOM   72   O OH  . TYR A 1 14  ? 14.710  4.993   -1.797  1.00 41.28  ? 14   TYR A OH  1 
ATOM   73   N N   . ILE A 1 15  ? 13.754  -0.281  5.029   1.00 29.77  ? 15   ILE A N   1 
ATOM   74   C CA  . ILE A 1 15  ? 13.157  -1.017  6.137   1.00 28.54  ? 15   ILE A CA  1 
ATOM   75   C C   . ILE A 1 15  ? 13.929  -0.758  7.425   1.00 28.87  ? 15   ILE A C   1 
ATOM   76   O O   . ILE A 1 15  ? 13.335  -0.639  8.499   1.00 29.08  ? 15   ILE A O   1 
ATOM   77   C CB  . ILE A 1 15  ? 13.120  -2.535  5.827   1.00 26.62  ? 15   ILE A CB  1 
ATOM   78   C CG1 . ILE A 1 15  ? 12.096  -2.787  4.722   1.00 29.45  ? 15   ILE A CG1 1 
ATOM   79   C CG2 . ILE A 1 15  ? 12.764  -3.332  7.054   1.00 25.26  ? 15   ILE A CG2 1 
ATOM   80   C CD1 . ILE A 1 15  ? 12.084  -4.193  4.195   1.00 30.38  ? 15   ILE A CD1 1 
ATOM   81   N N   . SER A 1 16  ? 15.249  -0.655  7.310   1.00 28.62  ? 16   SER A N   1 
ATOM   82   C CA  . SER A 1 16  ? 16.095  -0.413  8.472   1.00 28.95  ? 16   SER A CA  1 
ATOM   83   C C   . SER A 1 16  ? 15.916  0.997   9.058   1.00 27.68  ? 16   SER A C   1 
ATOM   84   O O   . SER A 1 16  ? 15.889  1.165   10.278  1.00 26.89  ? 16   SER A O   1 
ATOM   85   C CB  . SER A 1 16  ? 17.563  -0.652  8.106   1.00 30.68  ? 16   SER A CB  1 
ATOM   86   O OG  . SER A 1 16  ? 18.411  -0.360  9.204   1.00 33.77  ? 16   SER A OG  1 
ATOM   87   N N   . VAL A 1 17  ? 15.805  2.006   8.195   1.00 27.40  ? 17   VAL A N   1 
ATOM   88   C CA  . VAL A 1 17  ? 15.607  3.381   8.646   1.00 27.38  ? 17   VAL A CA  1 
ATOM   89   C C   . VAL A 1 17  ? 14.193  3.544   9.230   1.00 27.08  ? 17   VAL A C   1 
ATOM   90   O O   . VAL A 1 17  ? 13.991  4.281   10.193  1.00 28.82  ? 17   VAL A O   1 
ATOM   91   C CB  . VAL A 1 17  ? 15.785  4.395   7.484   1.00 28.38  ? 17   VAL A CB  1 
ATOM   92   C CG1 . VAL A 1 17  ? 15.487  5.816   7.979   1.00 27.26  ? 17   VAL A CG1 1 
ATOM   93   C CG2 . VAL A 1 17  ? 17.201  4.310   6.914   1.00 26.90  ? 17   VAL A CG2 1 
ATOM   94   N N   . PHE A 1 18  ? 13.222  2.855   8.640   1.00 25.40  ? 18   PHE A N   1 
ATOM   95   C CA  . PHE A 1 18  ? 11.845  2.917   9.113   1.00 24.62  ? 18   PHE A CA  1 
ATOM   96   C C   . PHE A 1 18  ? 11.780  2.483   10.570  1.00 23.63  ? 18   PHE A C   1 
ATOM   97   O O   . PHE A 1 18  ? 11.193  3.165   11.405  1.00 23.68  ? 18   PHE A O   1 
ATOM   98   C CB  . PHE A 1 18  ? 10.951  1.992   8.276   1.00 24.63  ? 18   PHE A CB  1 
ATOM   99   C CG  . PHE A 1 18  ? 9.493   1.996   8.690   1.00 24.63  ? 18   PHE A CG  1 
ATOM   100  C CD1 . PHE A 1 18  ? 8.631   3.016   8.270   1.00 25.24  ? 18   PHE A CD1 1 
ATOM   101  C CD2 . PHE A 1 18  ? 8.981   0.978   9.496   1.00 22.90  ? 18   PHE A CD2 1 
ATOM   102  C CE1 . PHE A 1 18  ? 7.278   3.019   8.645   1.00 23.84  ? 18   PHE A CE1 1 
ATOM   103  C CE2 . PHE A 1 18  ? 7.642   0.971   9.875   1.00 23.18  ? 18   PHE A CE2 1 
ATOM   104  C CZ  . PHE A 1 18  ? 6.785   1.997   9.447   1.00 22.97  ? 18   PHE A CZ  1 
ATOM   105  N N   . HIS A 1 19  ? 12.376  1.338   10.873  1.00 24.47  ? 19   HIS A N   1 
ATOM   106  C CA  . HIS A 1 19  ? 12.354  0.833   12.242  1.00 24.91  ? 19   HIS A CA  1 
ATOM   107  C C   . HIS A 1 19  ? 13.181  1.722   13.174  1.00 24.21  ? 19   HIS A C   1 
ATOM   108  O O   . HIS A 1 19  ? 12.834  1.925   14.336  1.00 23.52  ? 19   HIS A O   1 
ATOM   109  C CB  . HIS A 1 19  ? 12.857  -0.617  12.267  1.00 26.75  ? 19   HIS A CB  1 
ATOM   110  C CG  . HIS A 1 19  ? 12.852  -1.235  13.627  1.00 27.46  ? 19   HIS A CG  1 
ATOM   111  N ND1 . HIS A 1 19  ? 13.867  -1.037  14.540  1.00 30.55  ? 19   HIS A ND1 1 
ATOM   112  C CD2 . HIS A 1 19  ? 11.934  -2.007  14.252  1.00 29.13  ? 19   HIS A CD2 1 
ATOM   113  C CE1 . HIS A 1 19  ? 13.571  -1.656  15.666  1.00 30.50  ? 19   HIS A CE1 1 
ATOM   114  N NE2 . HIS A 1 19  ? 12.400  -2.253  15.517  1.00 31.33  ? 19   HIS A NE2 1 
ATOM   115  N N   . SER A 1 20  ? 14.266  2.268   12.645  1.00 25.12  ? 20   SER A N   1 
ATOM   116  C CA  . SER A 1 20  ? 15.144  3.136   13.409  1.00 25.13  ? 20   SER A CA  1 
ATOM   117  C C   . SER A 1 20  ? 14.397  4.377   13.921  1.00 23.99  ? 20   SER A C   1 
ATOM   118  O O   . SER A 1 20  ? 14.524  4.766   15.087  1.00 23.23  ? 20   SER A O   1 
ATOM   119  C CB  . SER A 1 20  ? 16.316  3.550   12.518  1.00 27.98  ? 20   SER A CB  1 
ATOM   120  O OG  . SER A 1 20  ? 17.261  4.316   13.238  1.00 35.74  ? 20   SER A OG  1 
ATOM   121  N N   . ILE A 1 21  ? 13.600  4.984   13.043  1.00 21.62  ? 21   ILE A N   1 
ATOM   122  C CA  . ILE A 1 21  ? 12.832  6.189   13.380  1.00 20.73  ? 21   ILE A CA  1 
ATOM   123  C C   . ILE A 1 21  ? 11.568  5.912   14.209  1.00 20.07  ? 21   ILE A C   1 
ATOM   124  O O   . ILE A 1 21  ? 11.338  6.556   15.228  1.00 19.92  ? 21   ILE A O   1 
ATOM   125  C CB  . ILE A 1 21  ? 12.379  6.947   12.080  1.00 21.28  ? 21   ILE A CB  1 
ATOM   126  C CG1 . ILE A 1 21  ? 13.587  7.251   11.170  1.00 21.03  ? 21   ILE A CG1 1 
ATOM   127  C CG2 . ILE A 1 21  ? 11.639  8.235   12.458  1.00 20.23  ? 21   ILE A CG2 1 
ATOM   128  C CD1 . ILE A 1 21  ? 14.397  8.451   11.569  1.00 22.54  ? 21   ILE A CD1 1 
ATOM   129  N N   . THR A 1 22  ? 10.764  4.946   13.757  1.00 20.99  ? 22   THR A N   1 
ATOM   130  C CA  . THR A 1 22  ? 9.480   4.585   14.378  1.00 22.06  ? 22   THR A CA  1 
ATOM   131  C C   . THR A 1 22  ? 9.454   3.498   15.462  1.00 22.50  ? 22   THR A C   1 
ATOM   132  O O   . THR A 1 22  ? 8.608   3.526   16.358  1.00 22.42  ? 22   THR A O   1 
ATOM   133  C CB  . THR A 1 22  ? 8.472   4.141   13.301  1.00 22.29  ? 22   THR A CB  1 
ATOM   134  O OG1 . THR A 1 22  ? 8.836   2.837   12.834  1.00 24.03  ? 22   THR A OG1 1 
ATOM   135  C CG2 . THR A 1 22  ? 8.473   5.108   12.112  1.00 18.34  ? 22   THR A CG2 1 
ATOM   136  N N   . GLY A 1 23  ? 10.365  2.541   15.374  1.00 22.66  ? 23   GLY A N   1 
ATOM   137  C CA  . GLY A 1 23  ? 10.384  1.474   16.349  1.00 24.32  ? 23   GLY A CA  1 
ATOM   138  C C   . GLY A 1 23  ? 9.435   0.369   15.925  1.00 25.17  ? 23   GLY A C   1 
ATOM   139  O O   . GLY A 1 23  ? 9.264   -0.619  16.631  1.00 25.56  ? 23   GLY A O   1 
ATOM   140  N N   . VAL A 1 24  ? 8.811   0.541   14.766  1.00 24.57  ? 24   VAL A N   1 
ATOM   141  C CA  . VAL A 1 24  ? 7.885   -0.451  14.233  1.00 23.78  ? 24   VAL A CA  1 
ATOM   142  C C   . VAL A 1 24  ? 8.614   -1.176  13.104  1.00 25.03  ? 24   VAL A C   1 
ATOM   143  O O   . VAL A 1 24  ? 9.401   -0.576  12.369  1.00 25.10  ? 24   VAL A O   1 
ATOM   144  C CB  . VAL A 1 24  ? 6.578   0.219   13.673  1.00 22.28  ? 24   VAL A CB  1 
ATOM   145  C CG1 . VAL A 1 24  ? 5.636   -0.839  13.105  1.00 19.12  ? 24   VAL A CG1 1 
ATOM   146  C CG2 . VAL A 1 24  ? 5.880   1.002   14.762  1.00 18.68  ? 24   VAL A CG2 1 
ATOM   147  N N   . THR A 1 25  ? 8.349   -2.470  12.969  1.00 25.91  ? 25   THR A N   1 
ATOM   148  C CA  . THR A 1 25  ? 8.983   -3.268  11.931  1.00 27.39  ? 25   THR A CA  1 
ATOM   149  C C   . THR A 1 25  ? 8.182   -3.250  10.639  1.00 27.60  ? 25   THR A C   1 
ATOM   150  O O   . THR A 1 25  ? 6.977   -3.479  10.655  1.00 28.62  ? 25   THR A O   1 
ATOM   151  C CB  . THR A 1 25  ? 9.132   -4.738  12.367  1.00 27.73  ? 25   THR A CB  1 
ATOM   152  O OG1 . THR A 1 25  ? 9.830   -4.806  13.619  1.00 28.77  ? 25   THR A OG1 1 
ATOM   153  C CG2 . THR A 1 25  ? 9.904   -5.517  11.318  1.00 27.09  ? 25   THR A CG2 1 
ATOM   154  N N   . ALA A 1 26  ? 8.850   -2.977  9.524   1.00 28.50  ? 26   ALA A N   1 
ATOM   155  C CA  . ALA A 1 26  ? 8.180   -2.957  8.228   1.00 30.30  ? 26   ALA A CA  1 
ATOM   156  C C   . ALA A 1 26  ? 8.438   -4.268  7.481   1.00 31.89  ? 26   ALA A C   1 
ATOM   157  O O   . ALA A 1 26  ? 9.581   -4.634  7.215   1.00 32.52  ? 26   ALA A O   1 
ATOM   158  C CB  . ALA A 1 26  ? 8.661   -1.772  7.392   1.00 27.96  ? 26   ALA A CB  1 
ATOM   159  N N   . TYR A 1 27  ? 7.360   -4.978  7.165   1.00 33.14  ? 27   TYR A N   1 
ATOM   160  C CA  . TYR A 1 27  ? 7.440   -6.235  6.448   1.00 34.33  ? 27   TYR A CA  1 
ATOM   161  C C   . TYR A 1 27  ? 8.104   -5.975  5.098   1.00 35.06  ? 27   TYR A C   1 
ATOM   162  O O   . TYR A 1 27  ? 9.027   -6.689  4.699   1.00 36.30  ? 27   TYR A O   1 
ATOM   163  C CB  . TYR A 1 27  ? 6.024   -6.809  6.263   1.00 37.14  ? 27   TYR A CB  1 
ATOM   164  C CG  . TYR A 1 27  ? 5.930   -7.963  5.287   1.00 41.66  ? 27   TYR A CG  1 
ATOM   165  C CD1 . TYR A 1 27  ? 6.622   -9.157  5.509   1.00 43.99  ? 27   TYR A CD1 1 
ATOM   166  C CD2 . TYR A 1 27  ? 5.173   -7.849  4.119   1.00 42.58  ? 27   TYR A CD2 1 
ATOM   167  C CE1 . TYR A 1 27  ? 6.569   -10.211 4.583   1.00 45.88  ? 27   TYR A CE1 1 
ATOM   168  C CE2 . TYR A 1 27  ? 5.113   -8.893  3.187   1.00 44.92  ? 27   TYR A CE2 1 
ATOM   169  C CZ  . TYR A 1 27  ? 5.814   -10.069 3.426   1.00 46.28  ? 27   TYR A CZ  1 
ATOM   170  O OH  . TYR A 1 27  ? 5.768   -11.091 2.504   1.00 48.92  ? 27   TYR A OH  1 
ATOM   171  N N   . ARG A 1 28  ? 7.639   -4.941  4.406   1.00 34.11  ? 28   ARG A N   1 
ATOM   172  C CA  . ARG A 1 28  ? 8.181   -4.573  3.103   1.00 33.06  ? 28   ARG A CA  1 
ATOM   173  C C   . ARG A 1 28  ? 8.112   -3.069  2.890   1.00 31.99  ? 28   ARG A C   1 
ATOM   174  O O   . ARG A 1 28  ? 7.496   -2.338  3.664   1.00 29.52  ? 28   ARG A O   1 
ATOM   175  C CB  . ARG A 1 28  ? 7.398   -5.252  1.971   1.00 34.89  ? 28   ARG A CB  1 
ATOM   176  C CG  . ARG A 1 28  ? 7.499   -6.772  1.924   1.00 38.45  ? 28   ARG A CG  1 
ATOM   177  C CD  . ARG A 1 28  ? 8.924   -7.244  1.639   1.00 41.12  ? 28   ARG A CD  1 
ATOM   178  N NE  . ARG A 1 28  ? 9.367   -6.952  0.272   1.00 43.95  ? 28   ARG A NE  1 
ATOM   179  C CZ  . ARG A 1 28  ? 8.849   -7.504  -0.824  1.00 45.50  ? 28   ARG A CZ  1 
ATOM   180  N NH1 . ARG A 1 28  ? 7.860   -8.385  -0.724  1.00 47.95  ? 28   ARG A NH1 1 
ATOM   181  N NH2 . ARG A 1 28  ? 9.326   -7.185  -2.021  1.00 45.73  ? 28   ARG A NH2 1 
ATOM   182  N N   . CYS A 1 29  ? 8.775   -2.619  1.833   1.00 32.43  ? 29   CYS A N   1 
ATOM   183  C CA  . CYS A 1 29  ? 8.758   -1.216  1.453   1.00 33.70  ? 29   CYS A CA  1 
ATOM   184  C C   . CYS A 1 29  ? 8.661   -1.186  -0.063  1.00 34.06  ? 29   CYS A C   1 
ATOM   185  O O   . CYS A 1 29  ? 9.629   -1.470  -0.763  1.00 34.48  ? 29   CYS A O   1 
ATOM   186  C CB  . CYS A 1 29  ? 10.016  -0.484  1.908   1.00 32.45  ? 29   CYS A CB  1 
ATOM   187  S SG  . CYS A 1 29  ? 9.971   1.261   1.430   1.00 33.21  ? 29   CYS A SG  1 
ATOM   188  N N   . ILE A 1 30  ? 7.469   -0.861  -0.554  1.00 35.71  ? 30   ILE A N   1 
ATOM   189  C CA  . ILE A 1 30  ? 7.204   -0.793  -1.984  1.00 36.02  ? 30   ILE A CA  1 
ATOM   190  C C   . ILE A 1 30  ? 7.627   0.580   -2.502  1.00 37.68  ? 30   ILE A C   1 
ATOM   191  O O   . ILE A 1 30  ? 6.948   1.582   -2.254  1.00 37.50  ? 30   ILE A O   1 
ATOM   192  C CB  . ILE A 1 30  ? 5.687   -0.988  -2.295  1.00 34.69  ? 30   ILE A CB  1 
ATOM   193  C CG1 . ILE A 1 30  ? 5.119   -2.186  -1.519  1.00 34.37  ? 30   ILE A CG1 1 
ATOM   194  C CG2 . ILE A 1 30  ? 5.488   -1.173  -3.782  1.00 33.84  ? 30   ILE A CG2 1 
ATOM   195  C CD1 . ILE A 1 30  ? 5.783   -3.517  -1.804  1.00 35.45  ? 30   ILE A CD1 1 
ATOM   196  N N   . VAL A 1 31  ? 8.753   0.623   -3.212  1.00 38.63  ? 31   VAL A N   1 
ATOM   197  C CA  . VAL A 1 31  ? 9.251   1.871   -3.775  1.00 39.78  ? 31   VAL A CA  1 
ATOM   198  C C   . VAL A 1 31  ? 8.387   2.262   -4.980  1.00 42.41  ? 31   VAL A C   1 
ATOM   199  O O   . VAL A 1 31  ? 7.998   1.413   -5.783  1.00 43.95  ? 31   VAL A O   1 
ATOM   200  C CB  . VAL A 1 31  ? 10.727  1.733   -4.210  1.00 38.58  ? 31   VAL A CB  1 
ATOM   201  C CG1 . VAL A 1 31  ? 11.185  3.000   -4.921  1.00 38.96  ? 31   VAL A CG1 1 
ATOM   202  C CG2 . VAL A 1 31  ? 11.600  1.468   -2.992  1.00 37.79  ? 31   VAL A CG2 1 
ATOM   203  N N   . ASP A 1 32  ? 8.073   3.547   -5.085  1.00 43.72  ? 32   ASP A N   1 
ATOM   204  C CA  . ASP A 1 32  ? 7.256   4.061   -6.175  1.00 46.01  ? 32   ASP A CA  1 
ATOM   205  C C   . ASP A 1 32  ? 7.934   5.324   -6.731  1.00 49.36  ? 32   ASP A C   1 
ATOM   206  O O   . ASP A 1 32  ? 7.517   6.454   -6.453  1.00 49.40  ? 32   ASP A O   1 
ATOM   207  C CB  . ASP A 1 32  ? 5.852   4.363   -5.642  1.00 44.71  ? 32   ASP A CB  1 
ATOM   208  C CG  . ASP A 1 32  ? 4.918   4.900   -6.703  1.00 44.37  ? 32   ASP A CG  1 
ATOM   209  O OD1 . ASP A 1 32  ? 5.331   5.019   -7.870  1.00 44.17  ? 32   ASP A OD1 1 
ATOM   210  O OD2 . ASP A 1 32  ? 3.762   5.207   -6.363  1.00 46.04  ? 32   ASP A OD2 1 
ATOM   211  N N   . GLU A 1 33  ? 8.998   5.108   -7.506  1.00 52.51  ? 33   GLU A N   1 
ATOM   212  C CA  . GLU A 1 33  ? 9.775   6.188   -8.107  1.00 54.73  ? 33   GLU A CA  1 
ATOM   213  C C   . GLU A 1 33  ? 8.930   7.198   -8.858  1.00 55.02  ? 33   GLU A C   1 
ATOM   214  O O   . GLU A 1 33  ? 9.156   8.399   -8.746  1.00 55.63  ? 33   GLU A O   1 
ATOM   215  C CB  . GLU A 1 33  ? 10.828  5.618   -9.056  1.00 56.92  ? 33   GLU A CB  1 
ATOM   216  C CG  . GLU A 1 33  ? 11.913  4.806   -8.369  1.00 61.47  ? 33   GLU A CG  1 
ATOM   217  C CD  . GLU A 1 33  ? 12.639  5.600   -7.297  1.00 64.28  ? 33   GLU A CD  1 
ATOM   218  O OE1 . GLU A 1 33  ? 12.925  6.796   -7.537  1.00 65.30  ? 33   GLU A OE1 1 
ATOM   219  O OE2 . GLU A 1 33  ? 12.932  5.024   -6.222  1.00 66.37  ? 33   GLU A OE2 1 
ATOM   220  N N   . GLU A 1 34  ? 7.958   6.711   -9.621  1.00 55.51  ? 34   GLU A N   1 
ATOM   221  C CA  . GLU A 1 34  ? 7.088   7.586   -10.397 1.00 56.53  ? 34   GLU A CA  1 
ATOM   222  C C   . GLU A 1 34  ? 6.465   8.708   -9.569  1.00 55.30  ? 34   GLU A C   1 
ATOM   223  O O   . GLU A 1 34  ? 6.425   9.854   -10.012 1.00 55.58  ? 34   GLU A O   1 
ATOM   224  C CB  . GLU A 1 34  ? 5.968   6.787   -11.063 1.00 59.71  ? 34   GLU A CB  1 
ATOM   225  C CG  . GLU A 1 34  ? 5.151   7.616   -12.047 1.00 64.83  ? 34   GLU A CG  1 
ATOM   226  C CD  . GLU A 1 34  ? 3.764   7.052   -12.296 1.00 67.64  ? 34   GLU A CD  1 
ATOM   227  O OE1 . GLU A 1 34  ? 2.899   7.183   -11.404 1.00 70.21  ? 34   GLU A OE1 1 
ATOM   228  O OE2 . GLU A 1 34  ? 3.539   6.477   -13.383 1.00 69.11  ? 34   GLU A OE2 1 
ATOM   229  N N   . ASN A 1 35  ? 5.963   8.375   -8.381  1.00 53.71  ? 35   ASN A N   1 
ATOM   230  C CA  . ASN A 1 35  ? 5.345   9.368   -7.506  1.00 52.02  ? 35   ASN A CA  1 
ATOM   231  C C   . ASN A 1 35  ? 6.259   9.722   -6.331  1.00 50.88  ? 35   ASN A C   1 
ATOM   232  O O   . ASN A 1 35  ? 5.780   10.201  -5.302  1.00 51.92  ? 35   ASN A O   1 
ATOM   233  C CB  . ASN A 1 35  ? 4.014   8.854   -6.941  1.00 52.78  ? 35   ASN A CB  1 
ATOM   234  C CG  . ASN A 1 35  ? 3.018   8.467   -8.020  1.00 53.84  ? 35   ASN A CG  1 
ATOM   235  O OD1 . ASN A 1 35  ? 3.233   7.515   -8.765  1.00 53.63  ? 35   ASN A OD1 1 
ATOM   236  N ND2 . ASN A 1 35  ? 1.912   9.201   -8.097  1.00 54.25  ? 35   ASN A ND2 1 
ATOM   237  N N   . ASN A 1 36  ? 7.563   9.486   -6.486  1.00 48.58  ? 36   ASN A N   1 
ATOM   238  C CA  . ASN A 1 36  ? 8.553   9.761   -5.431  1.00 47.17  ? 36   ASN A CA  1 
ATOM   239  C C   . ASN A 1 36  ? 7.948   9.407   -4.075  1.00 44.13  ? 36   ASN A C   1 
ATOM   240  O O   . ASN A 1 36  ? 7.905   10.222  -3.151  1.00 44.25  ? 36   ASN A O   1 
ATOM   241  C CB  . ASN A 1 36  ? 8.976   11.242  -5.450  1.00 49.07  ? 36   ASN A CB  1 
ATOM   242  C CG  . ASN A 1 36  ? 10.221  11.504  -4.611  1.00 50.40  ? 36   ASN A CG  1 
ATOM   243  O OD1 . ASN A 1 36  ? 11.212  10.778  -4.715  1.00 51.95  ? 36   ASN A OD1 1 
ATOM   244  N ND2 . ASN A 1 36  ? 10.181  12.546  -3.785  1.00 51.75  ? 36   ASN A ND2 1 
ATOM   245  N N   . ARG A 1 37  ? 7.503   8.163   -3.969  1.00 40.28  ? 37   ARG A N   1 
ATOM   246  C CA  . ARG A 1 37  ? 6.843   7.685   -2.775  1.00 36.15  ? 37   ARG A CA  1 
ATOM   247  C C   . ARG A 1 37  ? 7.385   6.336   -2.299  1.00 34.64  ? 37   ARG A C   1 
ATOM   248  O O   . ARG A 1 37  ? 7.991   5.598   -3.068  1.00 34.66  ? 37   ARG A O   1 
ATOM   249  C CB  . ARG A 1 37  ? 5.358   7.594   -3.111  1.00 36.04  ? 37   ARG A CB  1 
ATOM   250  C CG  . ARG A 1 37  ? 4.486   6.918   -2.111  1.00 36.66  ? 37   ARG A CG  1 
ATOM   251  C CD  . ARG A 1 37  ? 3.044   7.028   -2.558  1.00 35.92  ? 37   ARG A CD  1 
ATOM   252  N NE  . ARG A 1 37  ? 2.788   6.435   -3.872  1.00 35.09  ? 37   ARG A NE  1 
ATOM   253  C CZ  . ARG A 1 37  ? 1.570   6.305   -4.393  1.00 34.26  ? 37   ARG A CZ  1 
ATOM   254  N NH1 . ARG A 1 37  ? 0.514   6.730   -3.707  1.00 33.86  ? 37   ARG A NH1 1 
ATOM   255  N NH2 . ARG A 1 37  ? 1.398   5.748   -5.586  1.00 32.99  ? 37   ARG A NH2 1 
ATOM   256  N N   . LEU A 1 38  ? 7.183   6.035   -1.019  1.00 32.33  ? 38   LEU A N   1 
ATOM   257  C CA  . LEU A 1 38  ? 7.601   4.767   -0.428  1.00 28.71  ? 38   LEU A CA  1 
ATOM   258  C C   . LEU A 1 38  ? 6.418   4.265   0.368   1.00 28.53  ? 38   LEU A C   1 
ATOM   259  O O   . LEU A 1 38  ? 5.928   4.972   1.251   1.00 29.15  ? 38   LEU A O   1 
ATOM   260  C CB  . LEU A 1 38  ? 8.766   4.940   0.545   1.00 26.54  ? 38   LEU A CB  1 
ATOM   261  C CG  . LEU A 1 38  ? 10.158  5.279   0.032   1.00 26.10  ? 38   LEU A CG  1 
ATOM   262  C CD1 . LEU A 1 38  ? 11.115  5.345   1.206   1.00 25.13  ? 38   LEU A CD1 1 
ATOM   263  C CD2 . LEU A 1 38  ? 10.608  4.235   -0.961  1.00 24.58  ? 38   LEU A CD2 1 
ATOM   264  N N   . ILE A 1 39  ? 5.958   3.052   0.071   1.00 28.17  ? 39   ILE A N   1 
ATOM   265  C CA  . ILE A 1 39  ? 4.822   2.485   0.795   1.00 26.97  ? 39   ILE A CA  1 
ATOM   266  C C   . ILE A 1 39  ? 5.300   1.386   1.733   1.00 26.43  ? 39   ILE A C   1 
ATOM   267  O O   . ILE A 1 39  ? 5.696   0.320   1.283   1.00 25.71  ? 39   ILE A O   1 
ATOM   268  C CB  . ILE A 1 39  ? 3.751   1.877   -0.164  1.00 27.79  ? 39   ILE A CB  1 
ATOM   269  C CG1 . ILE A 1 39  ? 3.286   2.914   -1.192  1.00 26.68  ? 39   ILE A CG1 1 
ATOM   270  C CG2 . ILE A 1 39  ? 2.551   1.399   0.639   1.00 25.74  ? 39   ILE A CG2 1 
ATOM   271  C CD1 . ILE A 1 39  ? 4.218   3.076   -2.354  1.00 30.16  ? 39   ILE A CD1 1 
ATOM   272  N N   . PHE A 1 40  ? 5.267   1.649   3.038   1.00 25.93  ? 40   PHE A N   1 
ATOM   273  C CA  . PHE A 1 40  ? 5.696   0.656   4.026   1.00 25.77  ? 40   PHE A CA  1 
ATOM   274  C C   . PHE A 1 40  ? 4.528   -0.206  4.502   1.00 26.35  ? 40   PHE A C   1 
ATOM   275  O O   . PHE A 1 40  ? 3.469   0.306   4.875   1.00 25.62  ? 40   PHE A O   1 
ATOM   276  C CB  . PHE A 1 40  ? 6.336   1.321   5.250   1.00 24.13  ? 40   PHE A CB  1 
ATOM   277  C CG  . PHE A 1 40  ? 7.661   1.945   4.977   1.00 24.77  ? 40   PHE A CG  1 
ATOM   278  C CD1 . PHE A 1 40  ? 7.749   3.276   4.570   1.00 23.52  ? 40   PHE A CD1 1 
ATOM   279  C CD2 . PHE A 1 40  ? 8.833   1.216   5.155   1.00 24.15  ? 40   PHE A CD2 1 
ATOM   280  C CE1 . PHE A 1 40  ? 8.992   3.874   4.350   1.00 24.50  ? 40   PHE A CE1 1 
ATOM   281  C CE2 . PHE A 1 40  ? 10.080  1.806   4.936   1.00 24.84  ? 40   PHE A CE2 1 
ATOM   282  C CZ  . PHE A 1 40  ? 10.159  3.139   4.534   1.00 24.54  ? 40   PHE A CZ  1 
ATOM   283  N N   . LEU A 1 41  ? 4.740   -1.521  4.488   1.00 27.94  ? 41   LEU A N   1 
ATOM   284  C CA  . LEU A 1 41  ? 3.725   -2.475  4.914   1.00 27.04  ? 41   LEU A CA  1 
ATOM   285  C C   . LEU A 1 41  ? 4.065   -2.928  6.322   1.00 27.64  ? 41   LEU A C   1 
ATOM   286  O O   . LEU A 1 41  ? 5.159   -3.423  6.560   1.00 27.13  ? 41   LEU A O   1 
ATOM   287  C CB  . LEU A 1 41  ? 3.709   -3.667  3.963   1.00 25.88  ? 41   LEU A CB  1 
ATOM   288  C CG  . LEU A 1 41  ? 3.647   -3.296  2.483   1.00 26.64  ? 41   LEU A CG  1 
ATOM   289  C CD1 . LEU A 1 41  ? 3.588   -4.561  1.678   1.00 32.07  ? 41   LEU A CD1 1 
ATOM   290  C CD2 . LEU A 1 41  ? 2.443   -2.430  2.183   1.00 28.92  ? 41   LEU A CD2 1 
ATOM   291  N N   . VAL A 1 42  ? 3.130   -2.745  7.251   1.00 28.31  ? 42   VAL A N   1 
ATOM   292  C CA  . VAL A 1 42  ? 3.335   -3.132  8.641   1.00 27.52  ? 42   VAL A CA  1 
ATOM   293  C C   . VAL A 1 42  ? 2.298   -4.168  9.102   1.00 28.65  ? 42   VAL A C   1 
ATOM   294  O O   . VAL A 1 42  ? 1.304   -4.407  8.416   1.00 28.69  ? 42   VAL A O   1 
ATOM   295  C CB  . VAL A 1 42  ? 3.301   -1.885  9.560   1.00 26.65  ? 42   VAL A CB  1 
ATOM   296  C CG1 . VAL A 1 42  ? 4.400   -0.916  9.136   1.00 24.09  ? 42   VAL A CG1 1 
ATOM   297  C CG2 . VAL A 1 42  ? 1.929   -1.201  9.497   1.00 24.25  ? 42   VAL A CG2 1 
ATOM   298  N N   . SER A 1 43  ? 2.537   -4.782  10.259  1.00 29.12  ? 43   SER A N   1 
ATOM   299  C CA  . SER A 1 43  ? 1.633   -5.807  10.789  1.00 30.23  ? 43   SER A CA  1 
ATOM   300  C C   . SER A 1 43  ? 0.277   -5.274  11.187  1.00 29.47  ? 43   SER A C   1 
ATOM   301  O O   . SER A 1 43  ? 0.109   -4.078  11.388  1.00 31.27  ? 43   SER A O   1 
ATOM   302  C CB  . SER A 1 43  ? 2.261   -6.508  11.997  1.00 32.61  ? 43   SER A CB  1 
ATOM   303  O OG  . SER A 1 43  ? 3.341   -7.332  11.599  1.00 36.04  ? 43   SER A OG  1 
ATOM   304  N N   . GLU A 1 44  ? -0.694  -6.167  11.317  1.00 29.38  ? 44   GLU A N   1 
ATOM   305  C CA  . GLU A 1 44  ? -2.028  -5.735  11.688  1.00 31.03  ? 44   GLU A CA  1 
ATOM   306  C C   . GLU A 1 44  ? -2.028  -4.977  13.005  1.00 30.22  ? 44   GLU A C   1 
ATOM   307  O O   . GLU A 1 44  ? -1.377  -5.390  13.967  1.00 30.78  ? 44   GLU A O   1 
ATOM   308  C CB  . GLU A 1 44  ? -2.979  -6.919  11.798  1.00 32.87  ? 44   GLU A CB  1 
ATOM   309  C CG  . GLU A 1 44  ? -4.311  -6.516  12.400  1.00 39.98  ? 44   GLU A CG  1 
ATOM   310  C CD  . GLU A 1 44  ? -5.323  -7.642  12.408  1.00 46.11  ? 44   GLU A CD  1 
ATOM   311  O OE1 . GLU A 1 44  ? -4.999  -8.731  12.933  1.00 48.95  ? 44   GLU A OE1 1 
ATOM   312  O OE2 . GLU A 1 44  ? -6.446  -7.433  11.898  1.00 47.58  ? 44   GLU A OE2 1 
ATOM   313  N N   . GLY A 1 45  ? -2.762  -3.866  13.030  1.00 29.63  ? 45   GLY A N   1 
ATOM   314  C CA  . GLY A 1 45  ? -2.873  -3.041  14.224  1.00 27.12  ? 45   GLY A CA  1 
ATOM   315  C C   . GLY A 1 45  ? -1.719  -2.095  14.495  1.00 25.75  ? 45   GLY A C   1 
ATOM   316  O O   . GLY A 1 45  ? -1.794  -1.296  15.426  1.00 27.56  ? 45   GLY A O   1 
ATOM   317  N N   . GLU A 1 46  ? -0.674  -2.164  13.673  1.00 24.32  ? 46   GLU A N   1 
ATOM   318  C CA  . GLU A 1 46  ? 0.530   -1.349  13.841  1.00 24.53  ? 46   GLU A CA  1 
ATOM   319  C C   . GLU A 1 46  ? 0.581   0.003   13.156  1.00 23.15  ? 46   GLU A C   1 
ATOM   320  O O   . GLU A 1 46  ? 1.464   0.796   13.449  1.00 21.75  ? 46   GLU A O   1 
ATOM   321  C CB  . GLU A 1 46  ? 1.739   -2.142  13.359  1.00 27.45  ? 46   GLU A CB  1 
ATOM   322  C CG  . GLU A 1 46  ? 2.089   -3.324  14.221  1.00 35.46  ? 46   GLU A CG  1 
ATOM   323  C CD  . GLU A 1 46  ? 2.837   -2.912  15.458  1.00 40.07  ? 46   GLU A CD  1 
ATOM   324  O OE1 . GLU A 1 46  ? 2.255   -2.192  16.300  1.00 44.45  ? 46   GLU A OE1 1 
ATOM   325  O OE2 . GLU A 1 46  ? 4.019   -3.299  15.585  1.00 45.08  ? 46   GLU A OE2 1 
ATOM   326  N N   . ALA A 1 47  ? -0.344  0.265   12.239  1.00 23.55  ? 47   ALA A N   1 
ATOM   327  C CA  . ALA A 1 47  ? -0.333  1.520   11.485  1.00 23.30  ? 47   ALA A CA  1 
ATOM   328  C C   . ALA A 1 47  ? -0.331  2.801   12.326  1.00 22.48  ? 47   ALA A C   1 
ATOM   329  O O   . ALA A 1 47  ? 0.350   3.765   11.983  1.00 23.12  ? 47   ALA A O   1 
ATOM   330  C CB  . ALA A 1 47  ? -1.497  1.535   10.481  1.00 21.02  ? 47   ALA A CB  1 
ATOM   331  N N   . GLY A 1 48  ? -1.084  2.805   13.423  1.00 23.90  ? 48   GLY A N   1 
ATOM   332  C CA  . GLY A 1 48  ? -1.144  3.971   14.284  1.00 22.32  ? 48   GLY A CA  1 
ATOM   333  C C   . GLY A 1 48  ? 0.183   4.274   14.951  1.00 23.52  ? 48   GLY A C   1 
ATOM   334  O O   . GLY A 1 48  ? 0.552   5.440   15.085  1.00 23.50  ? 48   GLY A O   1 
ATOM   335  N N   . ARG A 1 49  ? 0.902   3.235   15.380  1.00 23.47  ? 49   ARG A N   1 
ATOM   336  C CA  . ARG A 1 49  ? 2.209   3.417   16.021  1.00 25.49  ? 49   ARG A CA  1 
ATOM   337  C C   . ARG A 1 49  ? 3.243   3.975   15.051  1.00 24.38  ? 49   ARG A C   1 
ATOM   338  O O   . ARG A 1 49  ? 4.107   4.753   15.444  1.00 26.43  ? 49   ARG A O   1 
ATOM   339  C CB  . ARG A 1 49  ? 2.770   2.096   16.541  1.00 26.97  ? 49   ARG A CB  1 
ATOM   340  C CG  . ARG A 1 49  ? 2.156   1.539   17.785  1.00 33.05  ? 49   ARG A CG  1 
ATOM   341  C CD  . ARG A 1 49  ? 2.878   0.237   18.097  1.00 37.71  ? 49   ARG A CD  1 
ATOM   342  N NE  . ARG A 1 49  ? 4.320   0.460   18.198  1.00 38.67  ? 49   ARG A NE  1 
ATOM   343  C CZ  . ARG A 1 49  ? 5.249   -0.491  18.104  1.00 39.95  ? 49   ARG A CZ  1 
ATOM   344  N NH1 . ARG A 1 49  ? 4.909   -1.758  17.895  1.00 38.82  ? 49   ARG A NH1 1 
ATOM   345  N NH2 . ARG A 1 49  ? 6.529   -0.168  18.222  1.00 41.41  ? 49   ARG A NH2 1 
ATOM   346  N N   . ALA A 1 50  ? 3.169   3.545   13.794  1.00 23.54  ? 50   ALA A N   1 
ATOM   347  C CA  . ALA A 1 50  ? 4.108   3.980   12.762  1.00 21.90  ? 50   ALA A CA  1 
ATOM   348  C C   . ALA A 1 50  ? 3.910   5.437   12.337  1.00 22.72  ? 50   ALA A C   1 
ATOM   349  O O   . ALA A 1 50  ? 4.852   6.096   11.905  1.00 22.97  ? 50   ALA A O   1 
ATOM   350  C CB  . ALA A 1 50  ? 3.994   3.063   11.557  1.00 21.76  ? 50   ALA A CB  1 
ATOM   351  N N   . ILE A 1 51  ? 2.685   5.935   12.475  1.00 23.78  ? 51   ILE A N   1 
ATOM   352  C CA  . ILE A 1 51  ? 2.341   7.310   12.100  1.00 23.51  ? 51   ILE A CA  1 
ATOM   353  C C   . ILE A 1 51  ? 2.718   8.314   13.201  1.00 23.30  ? 51   ILE A C   1 
ATOM   354  O O   . ILE A 1 51  ? 3.247   9.393   12.917  1.00 22.52  ? 51   ILE A O   1 
ATOM   355  C CB  . ILE A 1 51  ? 0.820   7.396   11.768  1.00 24.07  ? 51   ILE A CB  1 
ATOM   356  C CG1 . ILE A 1 51  ? 0.548   6.603   10.484  1.00 23.20  ? 51   ILE A CG1 1 
ATOM   357  C CG2 . ILE A 1 51  ? 0.374   8.837   11.613  1.00 23.32  ? 51   ILE A CG2 1 
ATOM   358  C CD1 . ILE A 1 51  ? -0.915  6.302   10.242  1.00 24.50  ? 51   ILE A CD1 1 
ATOM   359  N N   . GLY A 1 52  ? 2.447   7.944   14.452  1.00 23.71  ? 52   GLY A N   1 
ATOM   360  C CA  . GLY A 1 52  ? 2.774   8.800   15.579  1.00 22.80  ? 52   GLY A CA  1 
ATOM   361  C C   . GLY A 1 52  ? 1.810   9.946   15.814  1.00 23.35  ? 52   GLY A C   1 
ATOM   362  O O   . GLY A 1 52  ? 0.908   10.210  15.015  1.00 23.21  ? 52   GLY A O   1 
ATOM   363  N N   . ARG A 1 53  ? 2.014   10.633  16.932  1.00 23.20  ? 53   ARG A N   1 
ATOM   364  C CA  . ARG A 1 53  ? 1.195   11.771  17.317  1.00 21.60  ? 53   ARG A CA  1 
ATOM   365  C C   . ARG A 1 53  ? 1.285   12.839  16.236  1.00 21.09  ? 53   ARG A C   1 
ATOM   366  O O   . ARG A 1 53  ? 2.375   13.293  15.891  1.00 19.38  ? 53   ARG A O   1 
ATOM   367  C CB  . ARG A 1 53  ? 1.687   12.325  18.659  1.00 23.03  ? 53   ARG A CB  1 
ATOM   368  C CG  . ARG A 1 53  ? 0.926   13.535  19.199  1.00 24.12  ? 53   ARG A CG  1 
ATOM   369  C CD  . ARG A 1 53  ? -0.546  13.233  19.392  1.00 26.37  ? 53   ARG A CD  1 
ATOM   370  N NE  . ARG A 1 53  ? -0.772  12.203  20.399  1.00 28.18  ? 53   ARG A NE  1 
ATOM   371  C CZ  . ARG A 1 53  ? -0.764  12.415  21.713  1.00 28.86  ? 53   ARG A CZ  1 
ATOM   372  N NH1 . ARG A 1 53  ? -0.547  13.631  22.198  1.00 27.18  ? 53   ARG A NH1 1 
ATOM   373  N NH2 . ARG A 1 53  ? -0.974  11.405  22.548  1.00 29.47  ? 53   ARG A NH2 1 
ATOM   374  N N   . GLY A 1 54  ? 0.127   13.231  15.707  1.00 21.68  ? 54   GLY A N   1 
ATOM   375  C CA  . GLY A 1 54  ? 0.084   14.239  14.665  1.00 20.37  ? 54   GLY A CA  1 
ATOM   376  C C   . GLY A 1 54  ? 0.848   13.824  13.422  1.00 21.06  ? 54   GLY A C   1 
ATOM   377  O O   . GLY A 1 54  ? 1.253   14.672  12.623  1.00 20.80  ? 54   GLY A O   1 
ATOM   378  N N   . GLY A 1 55  ? 1.029   12.514  13.250  1.00 22.03  ? 55   GLY A N   1 
ATOM   379  C CA  . GLY A 1 55  ? 1.771   12.004  12.107  1.00 21.79  ? 55   GLY A CA  1 
ATOM   380  C C   . GLY A 1 55  ? 3.215   12.483  12.125  1.00 22.10  ? 55   GLY A C   1 
ATOM   381  O O   . GLY A 1 55  ? 3.852   12.597  11.089  1.00 22.58  ? 55   GLY A O   1 
ATOM   382  N N   . ARG A 1 56  ? 3.737   12.752  13.314  1.00 22.47  ? 56   ARG A N   1 
ATOM   383  C CA  . ARG A 1 56  ? 5.094   13.241  13.460  1.00 23.17  ? 56   ARG A CA  1 
ATOM   384  C C   . ARG A 1 56  ? 6.143   12.288  12.918  1.00 22.91  ? 56   ARG A C   1 
ATOM   385  O O   . ARG A 1 56  ? 7.171   12.730  12.391  1.00 22.70  ? 56   ARG A O   1 
ATOM   386  C CB  . ARG A 1 56  ? 5.377   13.535  14.930  1.00 25.59  ? 56   ARG A CB  1 
ATOM   387  C CG  . ARG A 1 56  ? 5.245   12.317  15.837  1.00 31.25  ? 56   ARG A CG  1 
ATOM   388  C CD  . ARG A 1 56  ? 5.484   12.704  17.287  1.00 34.57  ? 56   ARG A CD  1 
ATOM   389  N NE  . ARG A 1 56  ? 6.666   13.554  17.380  1.00 37.34  ? 56   ARG A NE  1 
ATOM   390  C CZ  . ARG A 1 56  ? 7.902   13.105  17.553  1.00 37.65  ? 56   ARG A CZ  1 
ATOM   391  N NH1 . ARG A 1 56  ? 8.128   11.802  17.675  1.00 37.55  ? 56   ARG A NH1 1 
ATOM   392  N NH2 . ARG A 1 56  ? 8.916   13.964  17.555  1.00 39.35  ? 56   ARG A NH2 1 
ATOM   393  N N   . LEU A 1 57  ? 5.890   10.982  13.032  1.00 22.19  ? 57   LEU A N   1 
ATOM   394  C CA  . LEU A 1 57  ? 6.850   9.979   12.552  1.00 21.44  ? 57   LEU A CA  1 
ATOM   395  C C   . LEU A 1 57  ? 6.865   9.880   11.039  1.00 21.40  ? 57   LEU A C   1 
ATOM   396  O O   . LEU A 1 57  ? 7.863   9.471   10.452  1.00 22.70  ? 57   LEU A O   1 
ATOM   397  C CB  . LEU A 1 57  ? 6.563   8.598   13.161  1.00 20.02  ? 57   LEU A CB  1 
ATOM   398  C CG  . LEU A 1 57  ? 6.626   8.510   14.691  1.00 19.75  ? 57   LEU A CG  1 
ATOM   399  C CD1 . LEU A 1 57  ? 6.239   7.123   15.122  1.00 19.00  ? 57   LEU A CD1 1 
ATOM   400  C CD2 . LEU A 1 57  ? 8.016   8.849   15.198  1.00 18.74  ? 57   LEU A CD2 1 
ATOM   401  N N   . ILE A 1 58  ? 5.753   10.247  10.414  1.00 22.05  ? 58   ILE A N   1 
ATOM   402  C CA  . ILE A 1 58  ? 5.650   10.237  8.960   1.00 21.14  ? 58   ILE A CA  1 
ATOM   403  C C   . ILE A 1 58  ? 6.509   11.386  8.447   1.00 20.83  ? 58   ILE A C   1 
ATOM   404  O O   . ILE A 1 58  ? 7.215   11.263  7.438   1.00 19.82  ? 58   ILE A O   1 
ATOM   405  C CB  . ILE A 1 58  ? 4.187   10.471  8.497   1.00 23.09  ? 58   ILE A CB  1 
ATOM   406  C CG1 . ILE A 1 58  ? 3.324   9.267   8.866   1.00 23.92  ? 58   ILE A CG1 1 
ATOM   407  C CG2 . ILE A 1 58  ? 4.141   10.732  6.988   1.00 22.17  ? 58   ILE A CG2 1 
ATOM   408  C CD1 . ILE A 1 58  ? 3.821   7.952   8.263   1.00 24.50  ? 58   ILE A CD1 1 
ATOM   409  N N   . LYS A 1 59  ? 6.436   12.505  9.160   1.00 21.21  ? 59   LYS A N   1 
ATOM   410  C CA  . LYS A 1 59  ? 7.182   13.693  8.805   1.00 22.27  ? 59   LYS A CA  1 
ATOM   411  C C   . LYS A 1 59  ? 8.689   13.485  8.984   1.00 21.55  ? 59   LYS A C   1 
ATOM   412  O O   . LYS A 1 59  ? 9.487   13.965  8.182   1.00 22.13  ? 59   LYS A O   1 
ATOM   413  C CB  . LYS A 1 59  ? 6.696   14.882  9.634   1.00 25.14  ? 59   LYS A CB  1 
ATOM   414  C CG  . LYS A 1 59  ? 7.222   16.219  9.125   1.00 31.33  ? 59   LYS A CG  1 
ATOM   415  C CD  . LYS A 1 59  ? 7.012   17.332  10.135  1.00 33.50  ? 59   LYS A CD  1 
ATOM   416  C CE  . LYS A 1 59  ? 7.793   18.567  9.740   1.00 36.53  ? 59   LYS A CE  1 
ATOM   417  N NZ  . LYS A 1 59  ? 7.905   19.518  10.882  1.00 40.78  ? 59   LYS A NZ  1 
ATOM   418  N N   . LEU A 1 60  ? 9.082   12.758  10.023  1.00 20.65  ? 60   LEU A N   1 
ATOM   419  C CA  . LEU A 1 60  ? 10.497  12.481  10.257  1.00 20.19  ? 60   LEU A CA  1 
ATOM   420  C C   . LEU A 1 60  ? 11.060  11.494  9.234   1.00 22.31  ? 60   LEU A C   1 
ATOM   421  O O   . LEU A 1 60  ? 12.233  11.575  8.876   1.00 22.69  ? 60   LEU A O   1 
ATOM   422  C CB  . LEU A 1 60  ? 10.701  11.920  11.659  1.00 19.91  ? 60   LEU A CB  1 
ATOM   423  C CG  . LEU A 1 60  ? 10.460  12.915  12.786  1.00 17.65  ? 60   LEU A CG  1 
ATOM   424  C CD1 . LEU A 1 60  ? 10.406  12.174  14.110  1.00 19.67  ? 60   LEU A CD1 1 
ATOM   425  C CD2 . LEU A 1 60  ? 11.567  13.959  12.770  1.00 15.87  ? 60   LEU A CD2 1 
ATOM   426  N N   . LEU A 1 61  ? 10.228  10.555  8.779   1.00 24.01  ? 61   LEU A N   1 
ATOM   427  C CA  . LEU A 1 61  ? 10.634  9.561   7.783   1.00 22.42  ? 61   LEU A CA  1 
ATOM   428  C C   . LEU A 1 61  ? 10.840  10.249  6.435   1.00 23.59  ? 61   LEU A C   1 
ATOM   429  O O   . LEU A 1 61  ? 11.754  9.895   5.685   1.00 23.43  ? 61   LEU A O   1 
ATOM   430  C CB  . LEU A 1 61  ? 9.571   8.475   7.658   1.00 20.74  ? 61   LEU A CB  1 
ATOM   431  C CG  . LEU A 1 61  ? 9.494   7.460   8.800   1.00 23.34  ? 61   LEU A CG  1 
ATOM   432  C CD1 . LEU A 1 61  ? 8.216   6.630   8.659   1.00 22.21  ? 61   LEU A CD1 1 
ATOM   433  C CD2 . LEU A 1 61  ? 10.722  6.563   8.784   1.00 21.58  ? 61   LEU A CD2 1 
ATOM   434  N N   . ARG A 1 62  ? 9.989   11.229  6.133   1.00 23.90  ? 62   ARG A N   1 
ATOM   435  C CA  . ARG A 1 62  ? 10.109  11.983  4.891   1.00 25.33  ? 62   ARG A CA  1 
ATOM   436  C C   . ARG A 1 62  ? 11.411  12.768  4.957   1.00 26.52  ? 62   ARG A C   1 
ATOM   437  O O   . ARG A 1 62  ? 12.141  12.863  3.974   1.00 28.43  ? 62   ARG A O   1 
ATOM   438  C CB  . ARG A 1 62  ? 8.949   12.965  4.716   1.00 24.13  ? 62   ARG A CB  1 
ATOM   439  C CG  . ARG A 1 62  ? 9.020   13.759  3.403   1.00 26.30  ? 62   ARG A CG  1 
ATOM   440  C CD  . ARG A 1 62  ? 8.003   14.898  3.351   1.00 31.84  ? 62   ARG A CD  1 
ATOM   441  N NE  . ARG A 1 62  ? 6.690   14.459  3.818   1.00 37.58  ? 62   ARG A NE  1 
ATOM   442  C CZ  . ARG A 1 62  ? 6.071   14.941  4.893   1.00 36.58  ? 62   ARG A CZ  1 
ATOM   443  N NH1 . ARG A 1 62  ? 6.638   15.897  5.616   1.00 36.46  ? 62   ARG A NH1 1 
ATOM   444  N NH2 . ARG A 1 62  ? 4.900   14.434  5.265   1.00 37.83  ? 62   ARG A NH2 1 
ATOM   445  N N   . GLU A 1 63  ? 11.686  13.349  6.120   1.00 28.84  ? 63   GLU A N   1 
ATOM   446  C CA  . GLU A 1 63  ? 12.916  14.115  6.318   1.00 30.66  ? 63   GLU A CA  1 
ATOM   447  C C   . GLU A 1 63  ? 14.102  13.156  6.144   1.00 30.06  ? 63   GLU A C   1 
ATOM   448  O O   . GLU A 1 63  ? 15.045  13.452  5.415   1.00 30.08  ? 63   GLU A O   1 
ATOM   449  C CB  . GLU A 1 63  ? 12.933  14.770  7.726   1.00 31.70  ? 63   GLU A CB  1 
ATOM   450  C CG  . GLU A 1 63  ? 14.333  15.241  8.228   1.00 36.66  ? 63   GLU A CG  1 
ATOM   451  C CD  . GLU A 1 63  ? 14.303  16.215  9.434   1.00 39.34  ? 63   GLU A CD  1 
ATOM   452  O OE1 . GLU A 1 63  ? 13.735  15.876  10.494  1.00 40.68  ? 63   GLU A OE1 1 
ATOM   453  O OE2 . GLU A 1 63  ? 14.868  17.328  9.319   1.00 39.51  ? 63   GLU A OE2 1 
ATOM   454  N N   . ALA A 1 64  ? 14.022  11.994  6.790   1.00 29.31  ? 64   ALA A N   1 
ATOM   455  C CA  . ALA A 1 64  ? 15.074  10.990  6.736   1.00 28.72  ? 64   ALA A CA  1 
ATOM   456  C C   . ALA A 1 64  ? 15.304  10.346  5.365   1.00 31.43  ? 64   ALA A C   1 
ATOM   457  O O   . ALA A 1 64  ? 16.441  10.232  4.915   1.00 32.98  ? 64   ALA A O   1 
ATOM   458  C CB  . ALA A 1 64  ? 14.801  9.908   7.768   1.00 24.72  ? 64   ALA A CB  1 
ATOM   459  N N   . LEU A 1 65  ? 14.241  9.936   4.686   1.00 32.03  ? 65   LEU A N   1 
ATOM   460  C CA  . LEU A 1 65  ? 14.424  9.264   3.408   1.00 31.03  ? 65   LEU A CA  1 
ATOM   461  C C   . LEU A 1 65  ? 14.228  10.115  2.176   1.00 31.26  ? 65   LEU A C   1 
ATOM   462  O O   . LEU A 1 65  ? 14.393  9.631   1.064   1.00 32.78  ? 65   LEU A O   1 
ATOM   463  C CB  . LEU A 1 65  ? 13.524  8.029   3.337   1.00 30.47  ? 65   LEU A CB  1 
ATOM   464  C CG  . LEU A 1 65  ? 13.751  6.986   4.438   1.00 30.02  ? 65   LEU A CG  1 
ATOM   465  C CD1 . LEU A 1 65  ? 12.714  5.896   4.299   1.00 31.26  ? 65   LEU A CD1 1 
ATOM   466  C CD2 . LEU A 1 65  ? 15.151  6.408   4.352   1.00 27.89  ? 65   LEU A CD2 1 
ATOM   467  N N   . GLY A 1 66  ? 13.875  11.376  2.367   1.00 31.31  ? 66   GLY A N   1 
ATOM   468  C CA  . GLY A 1 66  ? 13.696  12.267  1.235   1.00 31.49  ? 66   GLY A CA  1 
ATOM   469  C C   . GLY A 1 66  ? 12.617  11.918  0.226   1.00 32.59  ? 66   GLY A C   1 
ATOM   470  O O   . GLY A 1 66  ? 12.672  12.365  -0.919  1.00 34.51  ? 66   GLY A O   1 
ATOM   471  N N   . LYS A 1 67  ? 11.633  11.123  0.630   1.00 32.05  ? 67   LYS A N   1 
ATOM   472  C CA  . LYS A 1 67  ? 10.544  10.760  -0.269  1.00 31.50  ? 67   LYS A CA  1 
ATOM   473  C C   . LYS A 1 67  ? 9.239   10.865  0.480   1.00 29.57  ? 67   LYS A C   1 
ATOM   474  O O   . LYS A 1 67  ? 9.236   11.040  1.702   1.00 28.71  ? 67   LYS A O   1 
ATOM   475  C CB  . LYS A 1 67  ? 10.718  9.331   -0.795  1.00 33.63  ? 67   LYS A CB  1 
ATOM   476  C CG  . LYS A 1 67  ? 11.741  9.203   -1.911  1.00 39.88  ? 67   LYS A CG  1 
ATOM   477  C CD  . LYS A 1 67  ? 12.061  7.743   -2.205  1.00 45.46  ? 67   LYS A CD  1 
ATOM   478  C CE  . LYS A 1 67  ? 12.998  7.592   -3.401  1.00 48.16  ? 67   LYS A CE  1 
ATOM   479  N NZ  . LYS A 1 67  ? 12.340  7.972   -4.690  1.00 51.18  ? 67   LYS A NZ  1 
ATOM   480  N N   . ASN A 1 68  ? 8.130   10.785  -0.246  1.00 28.69  ? 68   ASN A N   1 
ATOM   481  C CA  . ASN A 1 68  ? 6.834   10.823  0.405   1.00 30.04  ? 68   ASN A CA  1 
ATOM   482  C C   . ASN A 1 68  ? 6.663   9.462   1.068   1.00 28.71  ? 68   ASN A C   1 
ATOM   483  O O   . ASN A 1 68  ? 7.119   8.449   0.543   1.00 28.59  ? 68   ASN A O   1 
ATOM   484  C CB  . ASN A 1 68  ? 5.719   11.082  -0.598  1.00 31.41  ? 68   ASN A CB  1 
ATOM   485  C CG  . ASN A 1 68  ? 5.389   12.551  -0.718  1.00 32.45  ? 68   ASN A CG  1 
ATOM   486  O OD1 . ASN A 1 68  ? 5.327   13.274  0.286   1.00 32.51  ? 68   ASN A OD1 1 
ATOM   487  N ND2 . ASN A 1 68  ? 5.165   13.002  -1.944  1.00 34.11  ? 68   ASN A ND2 1 
ATOM   488  N N   . ILE A 1 69  ? 6.008   9.443   2.224   1.00 27.61  ? 69   ILE A N   1 
ATOM   489  C CA  . ILE A 1 69  ? 5.843   8.209   2.973   1.00 25.42  ? 69   ILE A CA  1 
ATOM   490  C C   . ILE A 1 69  ? 4.393   7.787   3.164   1.00 25.35  ? 69   ILE A C   1 
ATOM   491  O O   . ILE A 1 69  ? 3.535   8.592   3.510   1.00 25.35  ? 69   ILE A O   1 
ATOM   492  C CB  . ILE A 1 69  ? 6.523   8.331   4.376   1.00 23.62  ? 69   ILE A CB  1 
ATOM   493  C CG1 . ILE A 1 69  ? 7.966   8.849   4.219   1.00 24.52  ? 69   ILE A CG1 1 
ATOM   494  C CG2 . ILE A 1 69  ? 6.468   6.999   5.116   1.00 20.66  ? 69   ILE A CG2 1 
ATOM   495  C CD1 . ILE A 1 69  ? 8.950   7.928   3.491   1.00 19.03  ? 69   ILE A CD1 1 
ATOM   496  N N   . GLU A 1 70  ? 4.132   6.508   2.928   1.00 24.92  ? 70   GLU A N   1 
ATOM   497  C CA  . GLU A 1 70  ? 2.804   5.955   3.109   1.00 25.88  ? 70   GLU A CA  1 
ATOM   498  C C   . GLU A 1 70  ? 2.902   4.670   3.915   1.00 24.58  ? 70   GLU A C   1 
ATOM   499  O O   . GLU A 1 70  ? 3.867   3.918   3.766   1.00 24.07  ? 70   GLU A O   1 
ATOM   500  C CB  . GLU A 1 70  ? 2.143   5.698   1.755   1.00 28.64  ? 70   GLU A CB  1 
ATOM   501  C CG  . GLU A 1 70  ? 1.631   6.972   1.109   1.00 32.88  ? 70   GLU A CG  1 
ATOM   502  C CD  . GLU A 1 70  ? 0.821   6.716   -0.142  1.00 35.60  ? 70   GLU A CD  1 
ATOM   503  O OE1 . GLU A 1 70  ? 0.164   5.657   -0.218  1.00 36.91  ? 70   GLU A OE1 1 
ATOM   504  O OE2 . GLU A 1 70  ? 0.827   7.582   -1.042  1.00 37.95  ? 70   GLU A OE2 1 
ATOM   505  N N   . VAL A 1 71  ? 1.915   4.441   4.782   1.00 23.16  ? 71   VAL A N   1 
ATOM   506  C CA  . VAL A 1 71  ? 1.875   3.249   5.624   1.00 24.18  ? 71   VAL A CA  1 
ATOM   507  C C   . VAL A 1 71  ? 0.581   2.460   5.439   1.00 24.32  ? 71   VAL A C   1 
ATOM   508  O O   . VAL A 1 71  ? -0.516  3.011   5.552   1.00 24.70  ? 71   VAL A O   1 
ATOM   509  C CB  . VAL A 1 71  ? 2.023   3.607   7.129   1.00 24.44  ? 71   VAL A CB  1 
ATOM   510  C CG1 . VAL A 1 71  ? 1.842   2.359   7.991   1.00 21.68  ? 71   VAL A CG1 1 
ATOM   511  C CG2 . VAL A 1 71  ? 3.387   4.234   7.384   1.00 24.08  ? 71   VAL A CG2 1 
ATOM   512  N N   . VAL A 1 72  ? 0.728   1.167   5.157   1.00 24.35  ? 72   VAL A N   1 
ATOM   513  C CA  . VAL A 1 72  ? -0.412  0.271   4.980   1.00 24.69  ? 72   VAL A CA  1 
ATOM   514  C C   . VAL A 1 72  ? -0.165  -1.035  5.752   1.00 25.04  ? 72   VAL A C   1 
ATOM   515  O O   . VAL A 1 72  ? 0.961   -1.525  5.809   1.00 24.37  ? 72   VAL A O   1 
ATOM   516  C CB  . VAL A 1 72  ? -0.636  -0.067  3.479   1.00 23.91  ? 72   VAL A CB  1 
ATOM   517  C CG1 . VAL A 1 72  ? -1.924  -0.885  3.307   1.00 23.15  ? 72   VAL A CG1 1 
ATOM   518  C CG2 . VAL A 1 72  ? -0.702  1.215   2.657   1.00 21.93  ? 72   VAL A CG2 1 
ATOM   519  N N   . GLU A 1 73  ? -1.216  -1.581  6.357   1.00 25.46  ? 73   GLU A N   1 
ATOM   520  C CA  . GLU A 1 73  ? -1.100  -2.841  7.086   1.00 26.91  ? 73   GLU A CA  1 
ATOM   521  C C   . GLU A 1 73  ? -1.233  -4.005  6.109   1.00 28.29  ? 73   GLU A C   1 
ATOM   522  O O   . GLU A 1 73  ? -2.167  -4.062  5.299   1.00 27.57  ? 73   GLU A O   1 
ATOM   523  C CB  . GLU A 1 73  ? -2.173  -2.946  8.176   1.00 26.08  ? 73   GLU A CB  1 
ATOM   524  C CG  . GLU A 1 73  ? -1.762  -2.300  9.484   1.00 27.94  ? 73   GLU A CG  1 
ATOM   525  C CD  . GLU A 1 73  ? -2.899  -2.186  10.488  1.00 29.27  ? 73   GLU A CD  1 
ATOM   526  O OE1 . GLU A 1 73  ? -3.752  -3.104  10.550  1.00 27.84  ? 73   GLU A OE1 1 
ATOM   527  O OE2 . GLU A 1 73  ? -2.924  -1.178  11.228  1.00 29.06  ? 73   GLU A OE2 1 
ATOM   528  N N   . TYR A 1 74  ? -0.277  -4.921  6.184   1.00 28.95  ? 74   TYR A N   1 
ATOM   529  C CA  . TYR A 1 74  ? -0.244  -6.086  5.320   1.00 30.28  ? 74   TYR A CA  1 
ATOM   530  C C   . TYR A 1 74  ? -1.206  -7.166  5.810   1.00 30.79  ? 74   TYR A C   1 
ATOM   531  O O   . TYR A 1 74  ? -1.608  -7.185  6.975   1.00 31.29  ? 74   TYR A O   1 
ATOM   532  C CB  . TYR A 1 74  ? 1.181   -6.646  5.282   1.00 31.73  ? 74   TYR A CB  1 
ATOM   533  C CG  . TYR A 1 74  ? 1.301   -8.023  4.652   1.00 36.76  ? 74   TYR A CG  1 
ATOM   534  C CD1 . TYR A 1 74  ? 1.281   -8.183  3.264   1.00 37.59  ? 74   TYR A CD1 1 
ATOM   535  C CD2 . TYR A 1 74  ? 1.431   -9.173  5.447   1.00 37.20  ? 74   TYR A CD2 1 
ATOM   536  C CE1 . TYR A 1 74  ? 1.394   -9.456  2.678   1.00 39.56  ? 74   TYR A CE1 1 
ATOM   537  C CE2 . TYR A 1 74  ? 1.540   -10.452 4.871   1.00 38.30  ? 74   TYR A CE2 1 
ATOM   538  C CZ  . TYR A 1 74  ? 1.525   -10.584 3.487   1.00 38.29  ? 74   TYR A CZ  1 
ATOM   539  O OH  . TYR A 1 74  ? 1.655   -11.827 2.901   1.00 38.03  ? 74   TYR A OH  1 
ATOM   540  N N   . SER A 1 75  ? -1.572  -8.059  4.901   1.00 31.24  ? 75   SER A N   1 
ATOM   541  C CA  . SER A 1 75  ? -2.445  -9.182  5.207   1.00 31.65  ? 75   SER A CA  1 
ATOM   542  C C   . SER A 1 75  ? -2.270  -10.180 4.071   1.00 33.23  ? 75   SER A C   1 
ATOM   543  O O   . SER A 1 75  ? -2.169  -9.789  2.902   1.00 32.57  ? 75   SER A O   1 
ATOM   544  C CB  . SER A 1 75  ? -3.906  -8.737  5.289   1.00 30.89  ? 75   SER A CB  1 
ATOM   545  O OG  . SER A 1 75  ? -4.752  -9.828  5.609   1.00 30.27  ? 75   SER A OG  1 
ATOM   546  N N   . SER A 1 76  ? -2.208  -11.465 4.415   1.00 34.04  ? 76   SER A N   1 
ATOM   547  C CA  . SER A 1 76  ? -2.063  -12.503 3.405   1.00 34.20  ? 76   SER A CA  1 
ATOM   548  C C   . SER A 1 76  ? -3.397  -12.697 2.689   1.00 33.57  ? 76   SER A C   1 
ATOM   549  O O   . SER A 1 76  ? -3.448  -13.242 1.591   1.00 34.92  ? 76   SER A O   1 
ATOM   550  C CB  . SER A 1 76  ? -1.603  -13.810 4.050   1.00 35.01  ? 76   SER A CB  1 
ATOM   551  O OG  . SER A 1 76  ? -2.396  -14.116 5.184   1.00 37.42  ? 76   SER A OG  1 
ATOM   552  N N   . ASP A 1 77  ? -4.473  -12.232 3.322   1.00 33.43  ? 77   ASP A N   1 
ATOM   553  C CA  . ASP A 1 77  ? -5.819  -12.320 2.761   1.00 32.72  ? 77   ASP A CA  1 
ATOM   554  C C   . ASP A 1 77  ? -6.057  -11.145 1.814   1.00 31.71  ? 77   ASP A C   1 
ATOM   555  O O   . ASP A 1 77  ? -6.024  -9.991  2.232   1.00 32.03  ? 77   ASP A O   1 
ATOM   556  C CB  . ASP A 1 77  ? -6.851  -12.307 3.891   1.00 33.29  ? 77   ASP A CB  1 
ATOM   557  C CG  . ASP A 1 77  ? -8.275  -12.345 3.378   1.00 35.08  ? 77   ASP A CG  1 
ATOM   558  O OD1 . ASP A 1 77  ? -8.923  -11.280 3.308   1.00 36.73  ? 77   ASP A OD1 1 
ATOM   559  O OD2 . ASP A 1 77  ? -8.748  -13.446 3.032   1.00 37.03  ? 77   ASP A OD2 1 
ATOM   560  N N   . LEU A 1 78  ? -6.309  -11.443 0.544   1.00 30.53  ? 78   LEU A N   1 
ATOM   561  C CA  . LEU A 1 78  ? -6.509  -10.402 -0.463  1.00 31.41  ? 78   LEU A CA  1 
ATOM   562  C C   . LEU A 1 78  ? -7.592  -9.379  -0.161  1.00 32.02  ? 78   LEU A C   1 
ATOM   563  O O   . LEU A 1 78  ? -7.382  -8.180  -0.354  1.00 31.99  ? 78   LEU A O   1 
ATOM   564  C CB  . LEU A 1 78  ? -6.803  -11.016 -1.828  1.00 30.14  ? 78   LEU A CB  1 
ATOM   565  C CG  . LEU A 1 78  ? -6.774  -9.985  -2.956  1.00 30.75  ? 78   LEU A CG  1 
ATOM   566  C CD1 . LEU A 1 78  ? -5.344  -9.574  -3.254  1.00 31.61  ? 78   LEU A CD1 1 
ATOM   567  C CD2 . LEU A 1 78  ? -7.394  -10.578 -4.187  1.00 32.46  ? 78   LEU A CD2 1 
ATOM   568  N N   . GLU A 1 79  ? -8.751  -9.844  0.294   1.00 31.30  ? 79   GLU A N   1 
ATOM   569  C CA  . GLU A 1 79  ? -9.836  -8.928  0.597   1.00 31.31  ? 79   GLU A CA  1 
ATOM   570  C C   . GLU A 1 79  ? -9.420  -7.969  1.693   1.00 30.89  ? 79   GLU A C   1 
ATOM   571  O O   . GLU A 1 79  ? -9.667  -6.767  1.617   1.00 30.19  ? 79   GLU A O   1 
ATOM   572  C CB  . GLU A 1 79  ? -11.080 -9.687  1.045   1.00 34.15  ? 79   GLU A CB  1 
ATOM   573  C CG  . GLU A 1 79  ? -12.178 -8.773  1.542   1.00 34.98  ? 79   GLU A CG  1 
ATOM   574  C CD  . GLU A 1 79  ? -13.371 -9.521  2.080   1.00 37.44  ? 79   GLU A CD  1 
ATOM   575  O OE1 . GLU A 1 79  ? -13.192 -10.676 2.532   1.00 39.24  ? 79   GLU A OE1 1 
ATOM   576  O OE2 . GLU A 1 79  ? -14.485 -8.943  2.069   1.00 38.37  ? 79   GLU A OE2 1 
ATOM   577  N N   . ARG A 1 80  ? -8.787  -8.508  2.721   1.00 31.58  ? 80   ARG A N   1 
ATOM   578  C CA  . ARG A 1 80  ? -8.346  -7.687  3.830   1.00 32.75  ? 80   ARG A CA  1 
ATOM   579  C C   . ARG A 1 80  ? -7.417  -6.550  3.398   1.00 31.00  ? 80   ARG A C   1 
ATOM   580  O O   . ARG A 1 80  ? -7.710  -5.379  3.622   1.00 30.58  ? 80   ARG A O   1 
ATOM   581  C CB  . ARG A 1 80  ? -7.641  -8.559  4.860   1.00 36.47  ? 80   ARG A CB  1 
ATOM   582  C CG  . ARG A 1 80  ? -7.155  -7.777  6.039   1.00 44.20  ? 80   ARG A CG  1 
ATOM   583  C CD  . ARG A 1 80  ? -7.693  -8.357  7.321   1.00 52.00  ? 80   ARG A CD  1 
ATOM   584  N NE  . ARG A 1 80  ? -7.917  -7.299  8.302   1.00 58.93  ? 80   ARG A NE  1 
ATOM   585  C CZ  . ARG A 1 80  ? -8.084  -7.511  9.603   1.00 62.10  ? 80   ARG A CZ  1 
ATOM   586  N NH1 . ARG A 1 80  ? -8.045  -8.754  10.083  1.00 63.02  ? 80   ARG A NH1 1 
ATOM   587  N NH2 . ARG A 1 80  ? -8.290  -6.480  10.420  1.00 62.14  ? 80   ARG A NH2 1 
ATOM   588  N N   . ILE A 1 81  ? -6.297  -6.894  2.772   1.00 30.09  ? 81   ILE A N   1 
ATOM   589  C CA  . ILE A 1 81  ? -5.347  -5.883  2.343   1.00 28.73  ? 81   ILE A CA  1 
ATOM   590  C C   . ILE A 1 81  ? -5.949  -4.929  1.296   1.00 29.09  ? 81   ILE A C   1 
ATOM   591  O O   . ILE A 1 81  ? -5.540  -3.773  1.193   1.00 27.68  ? 81   ILE A O   1 
ATOM   592  C CB  . ILE A 1 81  ? -4.061  -6.541  1.796   1.00 27.87  ? 81   ILE A CB  1 
ATOM   593  C CG1 . ILE A 1 81  ? -2.920  -5.516  1.794   1.00 26.32  ? 81   ILE A CG1 1 
ATOM   594  C CG2 . ILE A 1 81  ? -4.315  -7.101  0.399   1.00 26.17  ? 81   ILE A CG2 1 
ATOM   595  C CD1 . ILE A 1 81  ? -1.576  -6.081  1.385   1.00 25.46  ? 81   ILE A CD1 1 
ATOM   596  N N   . VAL A 1 82  ? -6.917  -5.410  0.519   1.00 30.20  ? 82   VAL A N   1 
ATOM   597  C CA  . VAL A 1 82  ? -7.571  -4.566  -0.479  1.00 30.25  ? 82   VAL A CA  1 
ATOM   598  C C   . VAL A 1 82  ? -8.336  -3.460  0.250   1.00 29.87  ? 82   VAL A C   1 
ATOM   599  O O   . VAL A 1 82  ? -8.310  -2.297  -0.145  1.00 29.12  ? 82   VAL A O   1 
ATOM   600  C CB  . VAL A 1 82  ? -8.556  -5.383  -1.361  1.00 30.37  ? 82   VAL A CB  1 
ATOM   601  C CG1 . VAL A 1 82  ? -9.444  -4.442  -2.170  1.00 29.43  ? 82   VAL A CG1 1 
ATOM   602  C CG2 . VAL A 1 82  ? -7.776  -6.276  -2.306  1.00 29.67  ? 82   VAL A CG2 1 
ATOM   603  N N   . LYS A 1 83  ? -9.014  -3.835  1.327   1.00 30.03  ? 83   LYS A N   1 
ATOM   604  C CA  . LYS A 1 83  ? -9.765  -2.883  2.123   1.00 29.36  ? 83   LYS A CA  1 
ATOM   605  C C   . LYS A 1 83  ? -8.822  -1.885  2.777   1.00 29.85  ? 83   LYS A C   1 
ATOM   606  O O   . LYS A 1 83  ? -9.164  -0.717  2.942   1.00 31.08  ? 83   LYS A O   1 
ATOM   607  C CB  . LYS A 1 83  ? -10.580 -3.617  3.180   1.00 29.82  ? 83   LYS A CB  1 
ATOM   608  C CG  . LYS A 1 83  ? -11.738 -4.389  2.594   1.00 30.09  ? 83   LYS A CG  1 
ATOM   609  C CD  . LYS A 1 83  ? -12.565 -5.022  3.686   1.00 33.80  ? 83   LYS A CD  1 
ATOM   610  C CE  . LYS A 1 83  ? -13.842 -5.599  3.125   1.00 37.55  ? 83   LYS A CE  1 
ATOM   611  N NZ  . LYS A 1 83  ? -14.511 -6.504  4.100   1.00 42.19  ? 83   LYS A NZ  1 
ATOM   612  N N   . ASN A 1 84  ? -7.631  -2.346  3.141   1.00 29.56  ? 84   ASN A N   1 
ATOM   613  C CA  . ASN A 1 84  ? -6.638  -1.478  3.758   1.00 28.08  ? 84   ASN A CA  1 
ATOM   614  C C   . ASN A 1 84  ? -6.072  -0.521  2.724   1.00 28.31  ? 84   ASN A C   1 
ATOM   615  O O   . ASN A 1 84  ? -5.662  0.596   3.055   1.00 29.34  ? 84   ASN A O   1 
ATOM   616  C CB  . ASN A 1 84  ? -5.491  -2.304  4.342   1.00 28.59  ? 84   ASN A CB  1 
ATOM   617  C CG  . ASN A 1 84  ? -5.886  -3.057  5.588   1.00 28.00  ? 84   ASN A CG  1 
ATOM   618  O OD1 . ASN A 1 84  ? -5.124  -3.880  6.095   1.00 29.42  ? 84   ASN A OD1 1 
ATOM   619  N ND2 . ASN A 1 84  ? -7.075  -2.777  6.096   1.00 25.57  ? 84   ASN A ND2 1 
ATOM   620  N N   . LEU A 1 85  ? -6.043  -0.972  1.473   1.00 27.48  ? 85   LEU A N   1 
ATOM   621  C CA  . LEU A 1 85  ? -5.518  -0.174  0.366   1.00 27.12  ? 85   LEU A CA  1 
ATOM   622  C C   . LEU A 1 85  ? -6.466  0.916   -0.120  1.00 26.60  ? 85   LEU A C   1 
ATOM   623  O O   . LEU A 1 85  ? -6.027  1.875   -0.750  1.00 26.69  ? 85   LEU A O   1 
ATOM   624  C CB  . LEU A 1 85  ? -5.149  -1.093  -0.806  1.00 26.29  ? 85   LEU A CB  1 
ATOM   625  C CG  . LEU A 1 85  ? -3.822  -1.845  -0.691  1.00 25.18  ? 85   LEU A CG  1 
ATOM   626  C CD1 . LEU A 1 85  ? -3.760  -2.969  -1.698  1.00 24.25  ? 85   LEU A CD1 1 
ATOM   627  C CD2 . LEU A 1 85  ? -2.688  -0.867  -0.908  1.00 23.31  ? 85   LEU A CD2 1 
ATOM   628  N N   . PHE A 1 86  ? -7.759  0.758   0.165   1.00 26.87  ? 86   PHE A N   1 
ATOM   629  C CA  . PHE A 1 86  ? -8.783  1.725   -0.234  1.00 27.73  ? 86   PHE A CA  1 
ATOM   630  C C   . PHE A 1 86  ? -9.643  2.043   0.991   1.00 29.85  ? 86   PHE A C   1 
ATOM   631  O O   . PHE A 1 86  ? -10.851 1.782   1.009   1.00 29.80  ? 86   PHE A O   1 
ATOM   632  C CB  . PHE A 1 86  ? -9.669  1.152   -1.347  1.00 27.51  ? 86   PHE A CB  1 
ATOM   633  C CG  . PHE A 1 86  ? -8.928  0.833   -2.626  1.00 30.55  ? 86   PHE A CG  1 
ATOM   634  C CD1 . PHE A 1 86  ? -8.334  -0.418  -2.819  1.00 29.59  ? 86   PHE A CD1 1 
ATOM   635  C CD2 . PHE A 1 86  ? -8.822  1.786   -3.643  1.00 29.66  ? 86   PHE A CD2 1 
ATOM   636  C CE1 . PHE A 1 86  ? -7.644  -0.716  -4.004  1.00 28.30  ? 86   PHE A CE1 1 
ATOM   637  C CE2 . PHE A 1 86  ? -8.133  1.494   -4.831  1.00 30.16  ? 86   PHE A CE2 1 
ATOM   638  C CZ  . PHE A 1 86  ? -7.545  0.240   -5.009  1.00 28.94  ? 86   PHE A CZ  1 
ATOM   639  N N   . PRO A 1 87  ? -9.027  2.629   2.030   1.00 31.69  ? 87   PRO A N   1 
ATOM   640  C CA  . PRO A 1 87  ? -9.656  3.006   3.302   1.00 33.74  ? 87   PRO A CA  1 
ATOM   641  C C   . PRO A 1 87  ? -10.966 3.800   3.288   1.00 35.01  ? 87   PRO A C   1 
ATOM   642  O O   . PRO A 1 87  ? -11.938 3.416   3.943   1.00 34.42  ? 87   PRO A O   1 
ATOM   643  C CB  . PRO A 1 87  ? -8.530  3.738   4.037   1.00 32.63  ? 87   PRO A CB  1 
ATOM   644  C CG  . PRO A 1 87  ? -7.684  4.273   2.936   1.00 32.19  ? 87   PRO A CG  1 
ATOM   645  C CD  . PRO A 1 87  ? -7.640  3.119   1.982   1.00 32.10  ? 87   PRO A CD  1 
ATOM   646  N N   . GLY A 1 88  ? -10.998 4.913   2.567   1.00 37.73  ? 88   GLY A N   1 
ATOM   647  C CA  . GLY A 1 88  ? -12.221 5.696   2.533   1.00 43.41  ? 88   GLY A CA  1 
ATOM   648  C C   . GLY A 1 88  ? -13.174 5.231   1.446   1.00 46.99  ? 88   GLY A C   1 
ATOM   649  O O   . GLY A 1 88  ? -13.805 6.059   0.777   1.00 48.71  ? 88   GLY A O   1 
ATOM   650  N N   . VAL A 1 89  ? -13.301 3.912   1.285   1.00 48.08  ? 89   VAL A N   1 
ATOM   651  C CA  . VAL A 1 89  ? -14.150 3.353   0.239   1.00 48.01  ? 89   VAL A CA  1 
ATOM   652  C C   . VAL A 1 89  ? -14.973 2.145   0.671   1.00 49.58  ? 89   VAL A C   1 
ATOM   653  O O   . VAL A 1 89  ? -14.537 1.339   1.489   1.00 50.54  ? 89   VAL A O   1 
ATOM   654  C CB  . VAL A 1 89  ? -13.291 2.947   -0.976  1.00 46.46  ? 89   VAL A CB  1 
ATOM   655  C CG1 . VAL A 1 89  ? -14.164 2.413   -2.085  1.00 46.69  ? 89   VAL A CG1 1 
ATOM   656  C CG2 . VAL A 1 89  ? -12.496 4.143   -1.462  1.00 45.85  ? 89   VAL A CG2 1 
ATOM   657  N N   . LYS A 1 90  ? -16.171 2.035   0.105   1.00 51.45  ? 90   LYS A N   1 
ATOM   658  C CA  . LYS A 1 90  ? -17.079 0.928   0.382   1.00 53.35  ? 90   LYS A CA  1 
ATOM   659  C C   . LYS A 1 90  ? -16.883 -0.159  -0.674  1.00 53.25  ? 90   LYS A C   1 
ATOM   660  O O   . LYS A 1 90  ? -17.435 -0.074  -1.776  1.00 52.59  ? 90   LYS A O   1 
ATOM   661  C CB  . LYS A 1 90  ? -18.533 1.420   0.345   1.00 56.10  ? 90   LYS A CB  1 
ATOM   662  C CG  . LYS A 1 90  ? -19.563 0.303   0.425   1.00 59.64  ? 90   LYS A CG  1 
ATOM   663  C CD  . LYS A 1 90  ? -20.972 0.835   0.638   1.00 62.47  ? 90   LYS A CD  1 
ATOM   664  C CE  . LYS A 1 90  ? -21.947 -0.310  0.893   1.00 63.35  ? 90   LYS A CE  1 
ATOM   665  N NZ  . LYS A 1 90  ? -23.274 0.159   1.402   1.00 64.66  ? 90   LYS A NZ  1 
ATOM   666  N N   . ILE A 1 91  ? -16.093 -1.176  -0.339  1.00 53.31  ? 91   ILE A N   1 
ATOM   667  C CA  . ILE A 1 91  ? -15.831 -2.273  -1.269  1.00 54.33  ? 91   ILE A CA  1 
ATOM   668  C C   . ILE A 1 91  ? -16.824 -3.409  -1.056  1.00 56.09  ? 91   ILE A C   1 
ATOM   669  O O   . ILE A 1 91  ? -16.798 -4.083  -0.024  1.00 56.50  ? 91   ILE A O   1 
ATOM   670  C CB  . ILE A 1 91  ? -14.397 -2.822  -1.107  1.00 52.09  ? 91   ILE A CB  1 
ATOM   671  C CG1 . ILE A 1 91  ? -13.394 -1.757  -1.541  1.00 49.08  ? 91   ILE A CG1 1 
ATOM   672  C CG2 . ILE A 1 91  ? -14.225 -4.087  -1.941  1.00 51.29  ? 91   ILE A CG2 1 
ATOM   673  C CD1 . ILE A 1 91  ? -11.975 -2.117  -1.266  1.00 49.42  ? 91   ILE A CD1 1 
ATOM   674  N N   . GLU A 1 92  ? -17.688 -3.611  -2.049  1.00 57.37  ? 92   GLU A N   1 
ATOM   675  C CA  . GLU A 1 92  ? -18.717 -4.646  -2.010  1.00 59.16  ? 92   GLU A CA  1 
ATOM   676  C C   . GLU A 1 92  ? -18.128 -6.040  -2.178  1.00 58.54  ? 92   GLU A C   1 
ATOM   677  O O   . GLU A 1 92  ? -18.272 -6.906  -1.308  1.00 58.52  ? 92   GLU A O   1 
ATOM   678  C CB  . GLU A 1 92  ? -19.722 -4.421  -3.133  1.00 60.80  ? 92   GLU A CB  1 
ATOM   679  C CG  . GLU A 1 92  ? -20.228 -3.003  -3.238  1.00 65.04  ? 92   GLU A CG  1 
ATOM   680  C CD  . GLU A 1 92  ? -20.844 -2.722  -4.593  1.00 67.16  ? 92   GLU A CD  1 
ATOM   681  O OE1 . GLU A 1 92  ? -21.764 -3.471  -4.987  1.00 69.26  ? 92   GLU A OE1 1 
ATOM   682  O OE2 . GLU A 1 92  ? -20.408 -1.760  -5.263  1.00 67.96  ? 92   GLU A OE2 1 
ATOM   683  N N   . SER A 1 93  ? -17.463 -6.245  -3.307  1.00 56.92  ? 93   SER A N   1 
ATOM   684  C CA  . SER A 1 93  ? -16.884 -7.539  -3.608  1.00 55.00  ? 93   SER A CA  1 
ATOM   685  C C   . SER A 1 93  ? -15.581 -7.433  -4.375  1.00 52.91  ? 93   SER A C   1 
ATOM   686  O O   . SER A 1 93  ? -15.411 -6.563  -5.234  1.00 52.12  ? 93   SER A O   1 
ATOM   687  C CB  . SER A 1 93  ? -17.871 -8.344  -4.448  1.00 56.67  ? 93   SER A CB  1 
ATOM   688  O OG  . SER A 1 93  ? -18.122 -7.678  -5.680  1.00 57.67  ? 93   SER A OG  1 
ATOM   689  N N   . ILE A 1 94  ? -14.659 -8.331  -4.062  1.00 50.67  ? 94   ILE A N   1 
ATOM   690  C CA  . ILE A 1 94  ? -13.402 -8.359  -4.773  1.00 48.27  ? 94   ILE A CA  1 
ATOM   691  C C   . ILE A 1 94  ? -13.457 -9.640  -5.594  1.00 46.87  ? 94   ILE A C   1 
ATOM   692  O O   . ILE A 1 94  ? -14.045 -10.642 -5.180  1.00 44.51  ? 94   ILE A O   1 
ATOM   693  C CB  . ILE A 1 94  ? -12.189 -8.402  -3.824  1.00 48.52  ? 94   ILE A CB  1 
ATOM   694  C CG1 . ILE A 1 94  ? -12.037 -9.807  -3.239  1.00 48.90  ? 94   ILE A CG1 1 
ATOM   695  C CG2 . ILE A 1 94  ? -12.361 -7.354  -2.720  1.00 46.29  ? 94   ILE A CG2 1 
ATOM   696  C CD1 . ILE A 1 94  ? -10.617 -10.163 -2.856  1.00 49.84  ? 94   ILE A CD1 1 
ATOM   697  N N   . ASN A 1 95  ? -12.853 -9.607  -6.765  1.00 46.56  ? 95   ASN A N   1 
ATOM   698  C CA  . ASN A 1 95  ? -12.871 -10.774 -7.611  1.00 46.51  ? 95   ASN A CA  1 
ATOM   699  C C   . ASN A 1 95  ? -11.530 -10.960 -8.281  1.00 44.37  ? 95   ASN A C   1 
ATOM   700  O O   . ASN A 1 95  ? -10.991 -10.025 -8.865  1.00 42.92  ? 95   ASN A O   1 
ATOM   701  C CB  . ASN A 1 95  ? -13.959 -10.618 -8.666  1.00 50.64  ? 95   ASN A CB  1 
ATOM   702  C CG  . ASN A 1 95  ? -13.987 -11.769 -9.637  1.00 53.82  ? 95   ASN A CG  1 
ATOM   703  O OD1 . ASN A 1 95  ? -12.995 -12.053 -10.311 1.00 57.31  ? 95   ASN A OD1 1 
ATOM   704  N ND2 . ASN A 1 95  ? -15.127 -12.444 -9.717  1.00 55.47  ? 95   ASN A ND2 1 
ATOM   705  N N   . VAL A 1 96  ? -10.999 -12.175 -8.191  1.00 44.05  ? 96   VAL A N   1 
ATOM   706  C CA  . VAL A 1 96  ? -9.716  -12.501 -8.808  1.00 42.96  ? 96   VAL A CA  1 
ATOM   707  C C   . VAL A 1 96  ? -9.901  -13.525 -9.919  1.00 43.10  ? 96   VAL A C   1 
ATOM   708  O O   . VAL A 1 96  ? -10.443 -14.613 -9.706  1.00 41.42  ? 96   VAL A O   1 
ATOM   709  C CB  . VAL A 1 96  ? -8.704  -13.079 -7.785  1.00 40.95  ? 96   VAL A CB  1 
ATOM   710  C CG1 . VAL A 1 96  ? -7.347  -13.270 -8.445  1.00 39.82  ? 96   VAL A CG1 1 
ATOM   711  C CG2 . VAL A 1 96  ? -8.581  -12.158 -6.608  1.00 39.49  ? 96   VAL A CG2 1 
ATOM   712  N N   . ARG A 1 97  ? -9.460  -13.158 -11.112 1.00 44.32  ? 97   ARG A N   1 
ATOM   713  C CA  . ARG A 1 97  ? -9.546  -14.040 -12.259 1.00 46.04  ? 97   ARG A CA  1 
ATOM   714  C C   . ARG A 1 97  ? -8.133  -14.391 -12.689 1.00 44.80  ? 97   ARG A C   1 
ATOM   715  O O   . ARG A 1 97  ? -7.257  -13.531 -12.770 1.00 45.21  ? 97   ARG A O   1 
ATOM   716  C CB  . ARG A 1 97  ? -10.292 -13.356 -13.408 1.00 50.32  ? 97   ARG A CB  1 
ATOM   717  C CG  . ARG A 1 97  ? -11.801 -13.279 -13.209 1.00 55.98  ? 97   ARG A CG  1 
ATOM   718  C CD  . ARG A 1 97  ? -12.439 -14.671 -13.266 1.00 62.89  ? 97   ARG A CD  1 
ATOM   719  N NE  . ARG A 1 97  ? -12.437 -15.264 -14.607 1.00 69.71  ? 97   ARG A NE  1 
ATOM   720  C CZ  . ARG A 1 97  ? -13.099 -14.770 -15.654 1.00 72.52  ? 97   ARG A CZ  1 
ATOM   721  N NH1 . ARG A 1 97  ? -13.830 -13.664 -15.525 1.00 74.07  ? 97   ARG A NH1 1 
ATOM   722  N NH2 . ARG A 1 97  ? -13.032 -15.382 -16.834 1.00 72.45  ? 97   ARG A NH2 1 
ATOM   723  N N   . GLU A 1 98  ? -7.907  -15.668 -12.948 1.00 43.25  ? 98   GLU A N   1 
ATOM   724  C CA  . GLU A 1 98  ? -6.598  -16.114 -13.378 1.00 41.53  ? 98   GLU A CA  1 
ATOM   725  C C   . GLU A 1 98  ? -6.727  -16.991 -14.612 1.00 42.06  ? 98   GLU A C   1 
ATOM   726  O O   . GLU A 1 98  ? -7.646  -17.805 -14.741 1.00 40.38  ? 98   GLU A O   1 
ATOM   727  C CB  . GLU A 1 98  ? -5.903  -16.872 -12.254 1.00 39.28  ? 98   GLU A CB  1 
ATOM   728  C CG  . GLU A 1 98  ? -4.585  -17.473 -12.647 1.00 36.64  ? 98   GLU A CG  1 
ATOM   729  C CD  . GLU A 1 98  ? -3.841  -18.024 -11.455 1.00 37.46  ? 98   GLU A CD  1 
ATOM   730  O OE1 . GLU A 1 98  ? -4.483  -18.679 -10.607 1.00 36.52  ? 98   GLU A OE1 1 
ATOM   731  O OE2 . GLU A 1 98  ? -2.618  -17.802 -11.372 1.00 38.05  ? 98   GLU A OE2 1 
ATOM   732  N N   . ARG A 1 99  ? -5.795  -16.807 -15.529 1.00 43.54  ? 99   ARG A N   1 
ATOM   733  C CA  . ARG A 1 99  ? -5.821  -17.559 -16.756 1.00 45.19  ? 99   ARG A CA  1 
ATOM   734  C C   . ARG A 1 99  ? -4.415  -17.522 -17.329 1.00 45.19  ? 99   ARG A C   1 
ATOM   735  O O   . ARG A 1 99  ? -3.886  -16.454 -17.630 1.00 45.31  ? 99   ARG A O   1 
ATOM   736  C CB  . ARG A 1 99  ? -6.840  -16.923 -17.705 1.00 47.58  ? 99   ARG A CB  1 
ATOM   737  C CG  . ARG A 1 99  ? -7.047  -17.679 -18.989 1.00 52.72  ? 99   ARG A CG  1 
ATOM   738  C CD  . ARG A 1 99  ? -8.116  -17.029 -19.835 1.00 57.50  ? 99   ARG A CD  1 
ATOM   739  N NE  . ARG A 1 99  ? -8.016  -17.475 -21.224 1.00 63.58  ? 99   ARG A NE  1 
ATOM   740  C CZ  . ARG A 1 99  ? -6.989  -17.197 -22.029 1.00 65.50  ? 99   ARG A CZ  1 
ATOM   741  N NH1 . ARG A 1 99  ? -5.962  -16.467 -21.592 1.00 65.63  ? 99   ARG A NH1 1 
ATOM   742  N NH2 . ARG A 1 99  ? -6.982  -17.653 -23.275 1.00 67.27  ? 99   ARG A NH2 1 
ATOM   743  N N   . ASN A 1 100 ? -3.807  -18.697 -17.458 1.00 45.72  ? 100  ASN A N   1 
ATOM   744  C CA  . ASN A 1 100 ? -2.448  -18.806 -17.974 1.00 46.01  ? 100  ASN A CA  1 
ATOM   745  C C   . ASN A 1 100 ? -1.488  -18.108 -17.024 1.00 44.52  ? 100  ASN A C   1 
ATOM   746  O O   . ASN A 1 100 ? -0.499  -17.497 -17.451 1.00 42.55  ? 100  ASN A O   1 
ATOM   747  C CB  . ASN A 1 100 ? -2.349  -18.191 -19.369 1.00 49.39  ? 100  ASN A CB  1 
ATOM   748  C CG  . ASN A 1 100 ? -3.111  -18.989 -20.411 1.00 52.62  ? 100  ASN A CG  1 
ATOM   749  O OD1 . ASN A 1 100 ? -3.340  -18.512 -21.524 1.00 56.37  ? 100  ASN A OD1 1 
ATOM   750  N ND2 . ASN A 1 100 ? -3.498  -20.212 -20.060 1.00 53.61  ? 100  ASN A ND2 1 
ATOM   751  N N   . GLY A 1 101 ? -1.800  -18.206 -15.731 1.00 42.66  ? 101  GLY A N   1 
ATOM   752  C CA  . GLY A 1 101 ? -0.968  -17.606 -14.708 1.00 40.99  ? 101  GLY A CA  1 
ATOM   753  C C   . GLY A 1 101 ? -1.101  -16.101 -14.606 1.00 40.11  ? 101  GLY A C   1 
ATOM   754  O O   . GLY A 1 101 ? -0.315  -15.451 -13.915 1.00 40.83  ? 101  GLY A O   1 
ATOM   755  N N   . VAL A 1 102 ? -2.091  -15.541 -15.292 1.00 38.80  ? 102  VAL A N   1 
ATOM   756  C CA  . VAL A 1 102 ? -2.308  -14.102 -15.257 1.00 37.39  ? 102  VAL A CA  1 
ATOM   757  C C   . VAL A 1 102 ? -3.455  -13.793 -14.315 1.00 37.30  ? 102  VAL A C   1 
ATOM   758  O O   . VAL A 1 102 ? -4.609  -14.129 -14.591 1.00 36.27  ? 102  VAL A O   1 
ATOM   759  C CB  . VAL A 1 102 ? -2.634  -13.541 -16.655 1.00 35.96  ? 102  VAL A CB  1 
ATOM   760  C CG1 . VAL A 1 102 ? -2.872  -12.042 -16.573 1.00 34.52  ? 102  VAL A CG1 1 
ATOM   761  C CG2 . VAL A 1 102 ? -1.490  -13.853 -17.612 1.00 34.89  ? 102  VAL A CG2 1 
ATOM   762  N N   . LYS A 1 103 ? -3.125  -13.168 -13.192 1.00 38.28  ? 103  LYS A N   1 
ATOM   763  C CA  . LYS A 1 103 ? -4.130  -12.818 -12.205 1.00 39.51  ? 103  LYS A CA  1 
ATOM   764  C C   . LYS A 1 103 ? -4.543  -11.356 -12.333 1.00 40.77  ? 103  LYS A C   1 
ATOM   765  O O   . LYS A 1 103 ? -3.699  -10.457 -12.466 1.00 39.53  ? 103  LYS A O   1 
ATOM   766  C CB  . LYS A 1 103 ? -3.608  -13.065 -10.793 1.00 41.03  ? 103  LYS A CB  1 
ATOM   767  C CG  . LYS A 1 103 ? -3.121  -14.468 -10.515 1.00 42.29  ? 103  LYS A CG  1 
ATOM   768  C CD  . LYS A 1 103 ? -2.811  -14.601 -9.034  1.00 44.69  ? 103  LYS A CD  1 
ATOM   769  C CE  . LYS A 1 103 ? -1.908  -15.783 -8.750  1.00 46.75  ? 103  LYS A CE  1 
ATOM   770  N NZ  . LYS A 1 103 ? -1.505  -15.800 -7.317  1.00 48.06  ? 103  LYS A NZ  1 
ATOM   771  N N   . GLN A 1 104 ? -5.854  -11.139 -12.303 1.00 40.75  ? 104  GLN A N   1 
ATOM   772  C CA  . GLN A 1 104 ? -6.430  -9.810  -12.388 1.00 42.71  ? 104  GLN A CA  1 
ATOM   773  C C   . GLN A 1 104 ? -7.487  -9.664  -11.305 1.00 42.76  ? 104  GLN A C   1 
ATOM   774  O O   . GLN A 1 104 ? -8.381  -10.503 -11.176 1.00 42.34  ? 104  GLN A O   1 
ATOM   775  C CB  . GLN A 1 104 ? -7.086  -9.576  -13.741 1.00 43.97  ? 104  GLN A CB  1 
ATOM   776  C CG  . GLN A 1 104 ? -7.810  -8.250  -13.768 1.00 49.23  ? 104  GLN A CG  1 
ATOM   777  C CD  . GLN A 1 104 ? -8.743  -8.098  -14.944 1.00 51.79  ? 104  GLN A CD  1 
ATOM   778  O OE1 . GLN A 1 104 ? -9.646  -8.915  -15.144 1.00 52.49  ? 104  GLN A OE1 1 
ATOM   779  N NE2 . GLN A 1 104 ? -8.540  -7.039  -15.725 1.00 54.22  ? 104  GLN A NE2 1 
ATOM   780  N N   . VAL A 1 105 ? -7.386  -8.591  -10.530 1.00 43.32  ? 105  VAL A N   1 
ATOM   781  C CA  . VAL A 1 105 ? -8.337  -8.343  -9.460  1.00 44.39  ? 105  VAL A CA  1 
ATOM   782  C C   . VAL A 1 105 ? -9.332  -7.269  -9.879  1.00 44.72  ? 105  VAL A C   1 
ATOM   783  O O   . VAL A 1 105 ? -8.967  -6.272  -10.497 1.00 44.66  ? 105  VAL A O   1 
ATOM   784  C CB  . VAL A 1 105 ? -7.620  -7.895  -8.155  1.00 44.24  ? 105  VAL A CB  1 
ATOM   785  C CG1 . VAL A 1 105 ? -8.636  -7.721  -7.028  1.00 45.27  ? 105  VAL A CG1 1 
ATOM   786  C CG2 . VAL A 1 105 ? -6.582  -8.929  -7.751  1.00 44.36  ? 105  VAL A CG2 1 
ATOM   787  N N   . VAL A 1 106 ? -10.594 -7.496  -9.548  1.00 45.71  ? 106  VAL A N   1 
ATOM   788  C CA  . VAL A 1 106 ? -11.653 -6.559  -9.865  1.00 46.15  ? 106  VAL A CA  1 
ATOM   789  C C   . VAL A 1 106 ? -12.350 -6.195  -8.555  1.00 48.06  ? 106  VAL A C   1 
ATOM   790  O O   . VAL A 1 106 ? -12.936 -7.057  -7.888  1.00 46.91  ? 106  VAL A O   1 
ATOM   791  C CB  . VAL A 1 106 ? -12.655 -7.190  -10.860 1.00 45.29  ? 106  VAL A CB  1 
ATOM   792  C CG1 . VAL A 1 106 ? -13.858 -6.279  -11.064 1.00 43.81  ? 106  VAL A CG1 1 
ATOM   793  C CG2 . VAL A 1 106 ? -11.952 -7.451  -12.184 1.00 44.31  ? 106  VAL A CG2 1 
ATOM   794  N N   . ILE A 1 107 ? -12.253 -4.922  -8.175  1.00 49.73  ? 107  ILE A N   1 
ATOM   795  C CA  . ILE A 1 107 ? -12.877 -4.443  -6.944  1.00 52.35  ? 107  ILE A CA  1 
ATOM   796  C C   . ILE A 1 107 ? -14.224 -3.799  -7.271  1.00 54.76  ? 107  ILE A C   1 
ATOM   797  O O   . ILE A 1 107 ? -14.330 -2.995  -8.197  1.00 52.98  ? 107  ILE A O   1 
ATOM   798  C CB  . ILE A 1 107 ? -11.992 -3.385  -6.209  1.00 51.02  ? 107  ILE A CB  1 
ATOM   799  C CG1 . ILE A 1 107 ? -10.635 -3.974  -5.832  1.00 48.45  ? 107  ILE A CG1 1 
ATOM   800  C CG2 . ILE A 1 107 ? -12.695 -2.908  -4.945  1.00 50.38  ? 107  ILE A CG2 1 
ATOM   801  C CD1 . ILE A 1 107 ? -9.647  -4.019  -6.961  1.00 48.02  ? 107  ILE A CD1 1 
ATOM   802  N N   . LYS A 1 108 ? -15.255 -4.153  -6.514  1.00 58.80  ? 108  LYS A N   1 
ATOM   803  C CA  . LYS A 1 108 ? -16.567 -3.573  -6.760  1.00 63.63  ? 108  LYS A CA  1 
ATOM   804  C C   . LYS A 1 108 ? -16.933 -2.541  -5.691  1.00 65.76  ? 108  LYS A C   1 
ATOM   805  O O   . LYS A 1 108 ? -17.343 -2.888  -4.578  1.00 64.35  ? 108  LYS A O   1 
ATOM   806  C CB  . LYS A 1 108 ? -17.644 -4.659  -6.828  1.00 64.83  ? 108  LYS A CB  1 
ATOM   807  C CG  . LYS A 1 108 ? -18.955 -4.154  -7.415  1.00 66.44  ? 108  LYS A CG  1 
ATOM   808  C CD  . LYS A 1 108 ? -20.099 -5.118  -7.156  1.00 68.24  ? 108  LYS A CD  1 
ATOM   809  C CE  . LYS A 1 108 ? -21.421 -4.524  -7.621  1.00 68.65  ? 108  LYS A CE  1 
ATOM   810  N NZ  . LYS A 1 108 ? -22.577 -5.348  -7.170  1.00 68.56  ? 108  LYS A NZ  1 
ATOM   811  N N   . VAL A 1 109 ? -16.772 -1.271  -6.055  1.00 69.20  ? 109  VAL A N   1 
ATOM   812  C CA  . VAL A 1 109 ? -17.070 -0.145  -5.178  1.00 72.13  ? 109  VAL A CA  1 
ATOM   813  C C   . VAL A 1 109 ? -18.302 0.600   -5.699  1.00 75.52  ? 109  VAL A C   1 
ATOM   814  O O   . VAL A 1 109 ? -18.473 0.768   -6.911  1.00 75.52  ? 109  VAL A O   1 
ATOM   815  C CB  . VAL A 1 109 ? -15.880 0.828   -5.122  1.00 71.08  ? 109  VAL A CB  1 
ATOM   816  C CG1 . VAL A 1 109 ? -14.628 0.088   -4.678  1.00 70.20  ? 109  VAL A CG1 1 
ATOM   817  C CG2 . VAL A 1 109 ? -15.658 1.455   -6.491  1.00 70.62  ? 109  VAL A CG2 1 
ATOM   818  N N   . SER A 1 110 ? -19.147 1.049   -4.772  1.00 79.33  ? 110  SER A N   1 
ATOM   819  C CA  . SER A 1 110 ? -20.389 1.762   -5.092  1.00 83.10  ? 110  SER A CA  1 
ATOM   820  C C   . SER A 1 110 ? -20.289 2.858   -6.161  1.00 85.51  ? 110  SER A C   1 
ATOM   821  O O   . SER A 1 110 ? -19.209 3.390   -6.434  1.00 84.81  ? 110  SER A O   1 
ATOM   822  C CB  . SER A 1 110 ? -20.992 2.350   -3.810  1.00 82.94  ? 110  SER A CB  1 
ATOM   823  O OG  . SER A 1 110 ? -21.293 1.328   -2.878  1.00 82.81  ? 110  SER A OG  1 
ATOM   824  N N   . GLU A 1 111 ? -21.443 3.183   -6.748  1.00 88.82  ? 111  GLU A N   1 
ATOM   825  C CA  . GLU A 1 111 ? -21.581 4.191   -7.808  1.00 91.75  ? 111  GLU A CA  1 
ATOM   826  C C   . GLU A 1 111 ? -20.527 5.288   -7.899  1.00 92.90  ? 111  GLU A C   1 
ATOM   827  O O   . GLU A 1 111 ? -19.967 5.527   -8.973  1.00 92.57  ? 111  GLU A O   1 
ATOM   828  C CB  . GLU A 1 111 ? -22.955 4.859   -7.728  1.00 93.41  ? 111  GLU A CB  1 
ATOM   829  C CG  . GLU A 1 111 ? -23.948 4.342   -8.749  1.00 96.49  ? 111  GLU A CG  1 
ATOM   830  C CD  . GLU A 1 111 ? -25.287 5.049   -8.670  1.00 98.45  ? 111  GLU A CD  1 
ATOM   831  O OE1 . GLU A 1 111 ? -26.009 4.848   -7.671  1.00 100.12 ? 111  GLU A OE1 1 
ATOM   832  O OE2 . GLU A 1 111 ? -25.617 5.807   -9.605  1.00 99.03  ? 111  GLU A OE2 1 
ATOM   833  N N   . ASP A 1 112 ? -20.267 5.973   -6.791  1.00 94.49  ? 112  ASP A N   1 
ATOM   834  C CA  . ASP A 1 112 ? -19.285 7.048   -6.826  1.00 95.58  ? 112  ASP A CA  1 
ATOM   835  C C   . ASP A 1 112 ? -18.180 6.970   -5.776  1.00 95.42  ? 112  ASP A C   1 
ATOM   836  O O   . ASP A 1 112 ? -17.740 7.997   -5.252  1.00 95.55  ? 112  ASP A O   1 
ATOM   837  C CB  . ASP A 1 112 ? -19.984 8.408   -6.733  1.00 97.04  ? 112  ASP A CB  1 
ATOM   838  C CG  . ASP A 1 112 ? -19.427 9.415   -7.725  1.00 97.60  ? 112  ASP A CG  1 
ATOM   839  O OD1 . ASP A 1 112 ? -18.189 9.586   -7.762  1.00 98.40  ? 112  ASP A OD1 1 
ATOM   840  O OD2 . ASP A 1 112 ? -20.223 10.033  -8.468  1.00 97.47  ? 112  ASP A OD2 1 
ATOM   841  N N   . ASP A 1 113 ? -17.740 5.756   -5.457  1.00 93.97  ? 113  ASP A N   1 
ATOM   842  C CA  . ASP A 1 113 ? -16.644 5.585   -4.508  1.00 92.46  ? 113  ASP A CA  1 
ATOM   843  C C   . ASP A 1 113 ? -15.392 5.555   -5.372  1.00 91.63  ? 113  ASP A C   1 
ATOM   844  O O   . ASP A 1 113 ? -14.264 5.557   -4.877  1.00 91.71  ? 113  ASP A O   1 
ATOM   845  C CB  . ASP A 1 113 ? -16.782 4.270   -3.734  1.00 92.17  ? 113  ASP A CB  1 
ATOM   846  C CG  . ASP A 1 113 ? -17.568 4.428   -2.446  1.00 91.98  ? 113  ASP A CG  1 
ATOM   847  O OD1 . ASP A 1 113 ? -17.088 5.134   -1.538  1.00 91.83  ? 113  ASP A OD1 1 
ATOM   848  O OD2 . ASP A 1 113 ? -18.668 3.846   -2.341  1.00 92.93  ? 113  ASP A OD2 1 
ATOM   849  N N   . LYS A 1 114 ? -15.620 5.548   -6.682  1.00 90.14  ? 114  LYS A N   1 
ATOM   850  C CA  . LYS A 1 114 ? -14.550 5.513   -7.663  1.00 88.99  ? 114  LYS A CA  1 
ATOM   851  C C   . LYS A 1 114 ? -13.650 6.737   -7.548  1.00 88.68  ? 114  LYS A C   1 
ATOM   852  O O   . LYS A 1 114 ? -12.593 6.803   -8.177  1.00 88.66  ? 114  LYS A O   1 
ATOM   853  C CB  . LYS A 1 114 ? -15.158 5.406   -9.063  1.00 88.42  ? 114  LYS A CB  1 
ATOM   854  C CG  . LYS A 1 114 ? -16.153 4.255   -9.184  1.00 87.64  ? 114  LYS A CG  1 
ATOM   855  C CD  . LYS A 1 114 ? -16.502 3.949   -10.627 1.00 87.00  ? 114  LYS A CD  1 
ATOM   856  C CE  . LYS A 1 114 ? -17.414 2.735   -10.721 1.00 85.91  ? 114  LYS A CE  1 
ATOM   857  N NZ  . LYS A 1 114 ? -17.688 2.357   -12.133 1.00 85.71  ? 114  LYS A NZ  1 
ATOM   858  N N   . GLY A 1 115 ? -14.068 7.699   -6.732  1.00 88.40  ? 115  GLY A N   1 
ATOM   859  C CA  . GLY A 1 115 ? -13.278 8.901   -6.542  1.00 88.42  ? 115  GLY A CA  1 
ATOM   860  C C   . GLY A 1 115 ? -12.019 8.634   -5.735  1.00 88.52  ? 115  GLY A C   1 
ATOM   861  O O   . GLY A 1 115 ? -10.905 8.703   -6.261  1.00 88.43  ? 115  GLY A O   1 
ATOM   862  N N   . ALA A 1 116 ? -12.199 8.329   -4.452  1.00 88.41  ? 116  ALA A N   1 
ATOM   863  C CA  . ALA A 1 116 ? -11.077 8.048   -3.562  1.00 88.42  ? 116  ALA A CA  1 
ATOM   864  C C   . ALA A 1 116 ? -10.355 6.797   -4.028  1.00 88.39  ? 116  ALA A C   1 
ATOM   865  O O   . ALA A 1 116 ? -9.134  6.680   -3.890  1.00 88.97  ? 116  ALA A O   1 
ATOM   866  C CB  . ALA A 1 116 ? -11.575 7.856   -2.134  1.00 88.54  ? 116  ALA A CB  1 
ATOM   867  N N   . ALA A 1 117 ? -11.123 5.864   -4.584  1.00 87.38  ? 117  ALA A N   1 
ATOM   868  C CA  . ALA A 1 117 ? -10.581 4.607   -5.078  1.00 86.20  ? 117  ALA A CA  1 
ATOM   869  C C   . ALA A 1 117 ? -9.377  4.829   -5.992  1.00 86.20  ? 117  ALA A C   1 
ATOM   870  O O   . ALA A 1 117 ? -8.282  4.331   -5.723  1.00 86.33  ? 117  ALA A O   1 
ATOM   871  C CB  . ALA A 1 117 ? -11.665 3.838   -5.818  1.00 84.87  ? 117  ALA A CB  1 
ATOM   872  N N   . ILE A 1 118 ? -9.582  5.594   -7.060  1.00 86.01  ? 118  ILE A N   1 
ATOM   873  C CA  . ILE A 1 118 ? -8.524  5.860   -8.032  1.00 85.80  ? 118  ILE A CA  1 
ATOM   874  C C   . ILE A 1 118 ? -7.338  6.685   -7.530  1.00 86.22  ? 118  ILE A C   1 
ATOM   875  O O   . ILE A 1 118 ? -6.191  6.420   -7.902  1.00 85.25  ? 118  ILE A O   1 
ATOM   876  C CB  . ILE A 1 118 ? -9.099  6.547   -9.281  1.00 85.03  ? 118  ILE A CB  1 
ATOM   877  C CG1 . ILE A 1 118 ? -10.272 5.729   -9.825  1.00 83.93  ? 118  ILE A CG1 1 
ATOM   878  C CG2 . ILE A 1 118 ? -8.011  6.683   -10.344 1.00 84.68  ? 118  ILE A CG2 1 
ATOM   879  C CD1 . ILE A 1 118 ? -10.864 6.281   -11.101 1.00 82.95  ? 118  ILE A CD1 1 
ATOM   880  N N   . GLY A 1 119 ? -7.610  7.681   -6.693  1.00 87.03  ? 119  GLY A N   1 
ATOM   881  C CA  . GLY A 1 119 ? -6.543  8.524   -6.180  1.00 88.32  ? 119  GLY A CA  1 
ATOM   882  C C   . GLY A 1 119 ? -6.147  9.582   -7.196  1.00 89.09  ? 119  GLY A C   1 
ATOM   883  O O   . GLY A 1 119 ? -6.220  9.343   -8.403  1.00 89.66  ? 119  GLY A O   1 
ATOM   884  N N   . LYS A 1 120 ? -5.715  10.748  -6.721  1.00 89.27  ? 120  LYS A N   1 
ATOM   885  C CA  . LYS A 1 120 ? -5.334  11.829  -7.623  1.00 89.37  ? 120  LYS A CA  1 
ATOM   886  C C   . LYS A 1 120 ? -4.284  11.385  -8.631  1.00 89.29  ? 120  LYS A C   1 
ATOM   887  O O   . LYS A 1 120 ? -3.110  11.229  -8.294  1.00 89.62  ? 120  LYS A O   1 
ATOM   888  C CB  . LYS A 1 120 ? -4.817  13.040  -6.839  1.00 89.40  ? 120  LYS A CB  1 
ATOM   889  C CG  . LYS A 1 120 ? -4.629  14.268  -7.715  1.00 89.70  ? 120  LYS A CG  1 
ATOM   890  C CD  . LYS A 1 120 ? -4.329  15.517  -6.909  1.00 89.57  ? 120  LYS A CD  1 
ATOM   891  C CE  . LYS A 1 120 ? -4.243  16.728  -7.832  1.00 90.07  ? 120  LYS A CE  1 
ATOM   892  N NZ  . LYS A 1 120 ? -3.901  17.992  -7.123  1.00 89.29  ? 120  LYS A NZ  1 
ATOM   893  N N   . GLY A 1 121 ? -4.724  11.185  -9.871  1.00 89.27  ? 121  GLY A N   1 
ATOM   894  C CA  . GLY A 1 121 ? -3.825  10.757  -10.928 1.00 88.93  ? 121  GLY A CA  1 
ATOM   895  C C   . GLY A 1 121 ? -3.523  9.274   -10.853 1.00 88.63  ? 121  GLY A C   1 
ATOM   896  O O   . GLY A 1 121 ? -2.372  8.863   -11.016 1.00 88.51  ? 121  GLY A O   1 
ATOM   897  N N   . GLY A 1 122 ? -4.557  8.472   -10.606 1.00 88.12  ? 122  GLY A N   1 
ATOM   898  C CA  . GLY A 1 122 ? -4.380  7.032   -10.501 1.00 87.17  ? 122  GLY A CA  1 
ATOM   899  C C   . GLY A 1 122 ? -3.519  6.652   -9.309  1.00 85.79  ? 122  GLY A C   1 
ATOM   900  O O   . GLY A 1 122 ? -3.450  5.488   -8.917  1.00 86.37  ? 122  GLY A O   1 
ATOM   901  N N   . LYS A 1 123 ? -2.857  7.656   -8.742  1.00 83.77  ? 123  LYS A N   1 
ATOM   902  C CA  . LYS A 1 123 ? -1.981  7.506   -7.588  1.00 81.47  ? 123  LYS A CA  1 
ATOM   903  C C   . LYS A 1 123 ? -2.378  6.360   -6.660  1.00 79.55  ? 123  LYS A C   1 
ATOM   904  O O   . LYS A 1 123 ? -1.538  5.544   -6.272  1.00 79.41  ? 123  LYS A O   1 
ATOM   905  C CB  . LYS A 1 123 ? -1.962  8.826   -6.807  1.00 82.34  ? 123  LYS A CB  1 
ATOM   906  C CG  . LYS A 1 123 ? -1.257  8.774   -5.469  1.00 83.95  ? 123  LYS A CG  1 
ATOM   907  C CD  . LYS A 1 123 ? -1.386  10.103  -4.736  1.00 85.14  ? 123  LYS A CD  1 
ATOM   908  C CE  . LYS A 1 123 ? -0.643  10.081  -3.407  1.00 84.71  ? 123  LYS A CE  1 
ATOM   909  N NZ  . LYS A 1 123 ? -0.626  11.417  -2.763  1.00 85.34  ? 123  LYS A NZ  1 
ATOM   910  N N   . ASN A 1 124 ? -3.663  6.303   -6.318  1.00 77.34  ? 124  ASN A N   1 
ATOM   911  C CA  . ASN A 1 124 ? -4.191  5.285   -5.414  1.00 74.15  ? 124  ASN A CA  1 
ATOM   912  C C   . ASN A 1 124 ? -4.256  3.893   -6.033  1.00 70.86  ? 124  ASN A C   1 
ATOM   913  O O   . ASN A 1 124 ? -3.733  2.934   -5.464  1.00 69.92  ? 124  ASN A O   1 
ATOM   914  C CB  . ASN A 1 124 ? -5.580  5.700   -4.922  1.00 75.98  ? 124  ASN A CB  1 
ATOM   915  C CG  . ASN A 1 124 ? -5.871  5.215   -3.517  1.00 77.80  ? 124  ASN A CG  1 
ATOM   916  O OD1 . ASN A 1 124 ? -6.180  4.041   -3.297  1.00 78.47  ? 124  ASN A OD1 1 
ATOM   917  N ND2 . ASN A 1 124 ? -5.763  6.120   -2.551  1.00 79.00  ? 124  ASN A ND2 1 
ATOM   918  N N   . VAL A 1 125 ? -4.901  3.772   -7.188  1.00 67.00  ? 125  VAL A N   1 
ATOM   919  C CA  . VAL A 1 125 ? -4.991  2.469   -7.832  1.00 63.96  ? 125  VAL A CA  1 
ATOM   920  C C   . VAL A 1 125 ? -3.616  1.971   -8.267  1.00 61.41  ? 125  VAL A C   1 
ATOM   921  O O   . VAL A 1 125 ? -3.415  0.765   -8.409  1.00 61.97  ? 125  VAL A O   1 
ATOM   922  C CB  . VAL A 1 125 ? -5.938  2.478   -9.046  1.00 63.55  ? 125  VAL A CB  1 
ATOM   923  C CG1 . VAL A 1 125 ? -5.907  1.121   -9.737  1.00 62.14  ? 125  VAL A CG1 1 
ATOM   924  C CG2 . VAL A 1 125 ? -7.351  2.771   -8.587  1.00 64.13  ? 125  VAL A CG2 1 
ATOM   925  N N   . LYS A 1 126 ? -2.671  2.883   -8.488  1.00 57.36  ? 126  LYS A N   1 
ATOM   926  C CA  . LYS A 1 126 ? -1.337  2.441   -8.864  1.00 54.43  ? 126  LYS A CA  1 
ATOM   927  C C   . LYS A 1 126 ? -0.693  1.841   -7.622  1.00 52.70  ? 126  LYS A C   1 
ATOM   928  O O   . LYS A 1 126 ? 0.111   0.906   -7.710  1.00 53.44  ? 126  LYS A O   1 
ATOM   929  C CB  . LYS A 1 126 ? -0.441  3.579   -9.360  1.00 54.89  ? 126  LYS A CB  1 
ATOM   930  C CG  . LYS A 1 126 ? 1.010   3.087   -9.487  1.00 55.01  ? 126  LYS A CG  1 
ATOM   931  C CD  . LYS A 1 126 ? 2.026   4.139   -9.871  1.00 54.46  ? 126  LYS A CD  1 
ATOM   932  C CE  . LYS A 1 126 ? 3.404   3.489   -9.961  1.00 53.18  ? 126  LYS A CE  1 
ATOM   933  N NZ  . LYS A 1 126 ? 4.452   4.378   -10.528 1.00 52.77  ? 126  LYS A NZ  1 
ATOM   934  N N   . ARG A 1 127 ? -1.033  2.397   -6.461  1.00 47.92  ? 127  ARG A N   1 
ATOM   935  C CA  . ARG A 1 127 ? -0.486  1.887   -5.219  1.00 44.42  ? 127  ARG A CA  1 
ATOM   936  C C   . ARG A 1 127 ? -0.995  0.458   -5.024  1.00 42.51  ? 127  ARG A C   1 
ATOM   937  O O   . ARG A 1 127 ? -0.256  -0.418  -4.577  1.00 42.75  ? 127  ARG A O   1 
ATOM   938  C CB  . ARG A 1 127 ? -0.908  2.758   -4.036  1.00 41.91  ? 127  ARG A CB  1 
ATOM   939  C CG  . ARG A 1 127 ? -0.276  2.305   -2.735  1.00 39.92  ? 127  ARG A CG  1 
ATOM   940  C CD  . ARG A 1 127 ? -0.720  3.145   -1.557  1.00 37.62  ? 127  ARG A CD  1 
ATOM   941  N NE  . ARG A 1 127 ? -2.101  2.886   -1.170  1.00 34.27  ? 127  ARG A NE  1 
ATOM   942  C CZ  . ARG A 1 127 ? -2.632  3.314   -0.032  1.00 33.23  ? 127  ARG A CZ  1 
ATOM   943  N NH1 . ARG A 1 127 ? -1.885  4.016   0.805   1.00 32.23  ? 127  ARG A NH1 1 
ATOM   944  N NH2 . ARG A 1 127 ? -3.889  3.022   0.285   1.00 32.89  ? 127  ARG A NH2 1 
ATOM   945  N N   . ALA A 1 128 ? -2.261  0.236   -5.368  1.00 41.16  ? 128  ALA A N   1 
ATOM   946  C CA  . ALA A 1 128 ? -2.881  -1.078  -5.255  1.00 39.08  ? 128  ALA A CA  1 
ATOM   947  C C   . ALA A 1 128 ? -2.133  -2.052  -6.162  1.00 38.65  ? 128  ALA A C   1 
ATOM   948  O O   . ALA A 1 128 ? -1.655  -3.090  -5.713  1.00 37.49  ? 128  ALA A O   1 
ATOM   949  C CB  . ALA A 1 128 ? -4.338  -0.994  -5.661  1.00 37.59  ? 128  ALA A CB  1 
ATOM   950  N N   . ARG A 1 129 ? -2.028  -1.699  -7.441  1.00 40.18  ? 129  ARG A N   1 
ATOM   951  C CA  . ARG A 1 129 ? -1.325  -2.520  -8.430  1.00 42.13  ? 129  ARG A CA  1 
ATOM   952  C C   . ARG A 1 129 ? 0.083   -2.902  -7.957  1.00 41.49  ? 129  ARG A C   1 
ATOM   953  O O   . ARG A 1 129 ? 0.460   -4.074  -7.969  1.00 41.48  ? 129  ARG A O   1 
ATOM   954  C CB  . ARG A 1 129 ? -1.209  -1.761  -9.755  1.00 45.01  ? 129  ARG A CB  1 
ATOM   955  C CG  . ARG A 1 129 ? -2.527  -1.375  -10.396 1.00 48.32  ? 129  ARG A CG  1 
ATOM   956  C CD  . ARG A 1 129 ? -2.289  -0.553  -11.663 1.00 52.70  ? 129  ARG A CD  1 
ATOM   957  N NE  . ARG A 1 129 ? -3.531  -0.004  -12.208 1.00 57.25  ? 129  ARG A NE  1 
ATOM   958  C CZ  . ARG A 1 129 ? -4.511  -0.727  -12.750 1.00 59.51  ? 129  ARG A CZ  1 
ATOM   959  N NH1 . ARG A 1 129 ? -4.407  -2.050  -12.833 1.00 59.37  ? 129  ARG A NH1 1 
ATOM   960  N NH2 . ARG A 1 129 ? -5.604  -0.122  -13.204 1.00 60.24  ? 129  ARG A NH2 1 
ATOM   961  N N   . LEU A 1 130 ? 0.856   -1.898  -7.555  1.00 40.13  ? 130  LEU A N   1 
ATOM   962  C CA  . LEU A 1 130 ? 2.212   -2.107  -7.074  1.00 38.35  ? 130  LEU A CA  1 
ATOM   963  C C   . LEU A 1 130 ? 2.275   -3.080  -5.910  1.00 38.40  ? 130  LEU A C   1 
ATOM   964  O O   . LEU A 1 130 ? 3.100   -3.997  -5.899  1.00 38.53  ? 130  LEU A O   1 
ATOM   965  C CB  . LEU A 1 130 ? 2.823   -0.781  -6.626  1.00 37.77  ? 130  LEU A CB  1 
ATOM   966  C CG  . LEU A 1 130 ? 3.486   0.125   -7.656  1.00 36.05  ? 130  LEU A CG  1 
ATOM   967  C CD1 . LEU A 1 130 ? 3.899   1.417   -6.983  1.00 36.35  ? 130  LEU A CD1 1 
ATOM   968  C CD2 . LEU A 1 130 ? 4.694   -0.571  -8.241  1.00 34.70  ? 130  LEU A CD2 1 
ATOM   969  N N   . VAL A 1 131 ? 1.409   -2.870  -4.922  1.00 38.24  ? 131  VAL A N   1 
ATOM   970  C CA  . VAL A 1 131 ? 1.383   -3.722  -3.737  1.00 37.67  ? 131  VAL A CA  1 
ATOM   971  C C   . VAL A 1 131 ? 0.855   -5.125  -4.010  1.00 37.67  ? 131  VAL A C   1 
ATOM   972  O O   . VAL A 1 131 ? 1.425   -6.098  -3.522  1.00 38.07  ? 131  VAL A O   1 
ATOM   973  C CB  . VAL A 1 131 ? 0.551   -3.087  -2.602  1.00 37.57  ? 131  VAL A CB  1 
ATOM   974  C CG1 . VAL A 1 131 ? 0.551   -3.998  -1.383  1.00 36.54  ? 131  VAL A CG1 1 
ATOM   975  C CG2 . VAL A 1 131 ? 1.120   -1.723  -2.245  1.00 35.65  ? 131  VAL A CG2 1 
ATOM   976  N N   . LEU A 1 132 ? -0.229  -5.240  -4.775  1.00 37.20  ? 132  LEU A N   1 
ATOM   977  C CA  . LEU A 1 132 ? -0.779  -6.562  -5.085  1.00 38.44  ? 132  LEU A CA  1 
ATOM   978  C C   . LEU A 1 132 ? 0.163   -7.323  -6.023  1.00 39.58  ? 132  LEU A C   1 
ATOM   979  O O   . LEU A 1 132 ? 0.237   -8.552  -5.979  1.00 39.72  ? 132  LEU A O   1 
ATOM   980  C CB  . LEU A 1 132 ? -2.174  -6.438  -5.715  1.00 35.05  ? 132  LEU A CB  1 
ATOM   981  C CG  . LEU A 1 132 ? -3.240  -5.820  -4.797  1.00 34.12  ? 132  LEU A CG  1 
ATOM   982  C CD1 . LEU A 1 132 ? -4.547  -5.665  -5.547  1.00 31.84  ? 132  LEU A CD1 1 
ATOM   983  C CD2 . LEU A 1 132 ? -3.432  -6.688  -3.561  1.00 32.33  ? 132  LEU A CD2 1 
ATOM   984  N N   . SER A 1 133 ? 0.895   -6.581  -6.850  1.00 40.65  ? 133  SER A N   1 
ATOM   985  C CA  . SER A 1 133 ? 1.840   -7.170  -7.796  1.00 42.71  ? 133  SER A CA  1 
ATOM   986  C C   . SER A 1 133 ? 3.048   -7.777  -7.107  1.00 43.70  ? 133  SER A C   1 
ATOM   987  O O   . SER A 1 133 ? 3.544   -8.832  -7.511  1.00 44.03  ? 133  SER A O   1 
ATOM   988  C CB  . SER A 1 133 ? 2.336   -6.124  -8.782  1.00 43.59  ? 133  SER A CB  1 
ATOM   989  O OG  . SER A 1 133 ? 3.476   -6.616  -9.463  1.00 47.50  ? 133  SER A OG  1 
ATOM   990  N N   . LYS A 1 134 ? 3.524   -7.088  -6.076  1.00 44.30  ? 134  LYS A N   1 
ATOM   991  C CA  . LYS A 1 134 ? 4.681   -7.536  -5.316  1.00 45.23  ? 134  LYS A CA  1 
ATOM   992  C C   . LYS A 1 134 ? 4.354   -8.632  -4.323  1.00 45.04  ? 134  LYS A C   1 
ATOM   993  O O   . LYS A 1 134 ? 5.144   -9.547  -4.131  1.00 45.77  ? 134  LYS A O   1 
ATOM   994  C CB  . LYS A 1 134 ? 5.318   -6.356  -4.566  1.00 47.38  ? 134  LYS A CB  1 
ATOM   995  C CG  . LYS A 1 134 ? 6.289   -5.524  -5.407  1.00 50.99  ? 134  LYS A CG  1 
ATOM   996  C CD  . LYS A 1 134 ? 5.628   -4.987  -6.671  1.00 53.39  ? 134  LYS A CD  1 
ATOM   997  C CE  . LYS A 1 134 ? 6.632   -4.324  -7.600  1.00 54.62  ? 134  LYS A CE  1 
ATOM   998  N NZ  . LYS A 1 134 ? 6.032   -3.992  -8.926  1.00 55.09  ? 134  LYS A NZ  1 
ATOM   999  N N   . LEU A 1 135 ? 3.185   -8.553  -3.698  1.00 45.09  ? 135  LEU A N   1 
ATOM   1000 C CA  . LEU A 1 135 ? 2.811   -9.541  -2.694  1.00 44.63  ? 135  LEU A CA  1 
ATOM   1001 C C   . LEU A 1 135 ? 1.848   -10.647 -3.124  1.00 43.83  ? 135  LEU A C   1 
ATOM   1002 O O   . LEU A 1 135 ? 1.794   -11.696 -2.474  1.00 43.96  ? 135  LEU A O   1 
ATOM   1003 C CB  . LEU A 1 135 ? 2.228   -8.829  -1.467  1.00 45.78  ? 135  LEU A CB  1 
ATOM   1004 C CG  . LEU A 1 135 ? 3.016   -7.669  -0.840  1.00 46.63  ? 135  LEU A CG  1 
ATOM   1005 C CD1 . LEU A 1 135 ? 2.238   -7.155  0.343   1.00 47.34  ? 135  LEU A CD1 1 
ATOM   1006 C CD2 . LEU A 1 135 ? 4.398   -8.114  -0.391  1.00 47.15  ? 135  LEU A CD2 1 
ATOM   1007 N N   . PHE A 1 136 ? 1.093   -10.432 -4.202  1.00 41.89  ? 136  PHE A N   1 
ATOM   1008 C CA  . PHE A 1 136 ? 0.138   -11.447 -4.634  1.00 40.90  ? 136  PHE A CA  1 
ATOM   1009 C C   . PHE A 1 136 ? 0.283   -11.930 -6.081  1.00 41.85  ? 136  PHE A C   1 
ATOM   1010 O O   . PHE A 1 136 ? -0.505  -12.751 -6.549  1.00 41.60  ? 136  PHE A O   1 
ATOM   1011 C CB  . PHE A 1 136 ? -1.300  -10.953 -4.387  1.00 38.53  ? 136  PHE A CB  1 
ATOM   1012 C CG  . PHE A 1 136 ? -1.653  -10.798 -2.923  1.00 37.01  ? 136  PHE A CG  1 
ATOM   1013 C CD1 . PHE A 1 136 ? -1.122  -9.757  -2.165  1.00 35.20  ? 136  PHE A CD1 1 
ATOM   1014 C CD2 . PHE A 1 136 ? -2.485  -11.720 -2.293  1.00 35.50  ? 136  PHE A CD2 1 
ATOM   1015 C CE1 . PHE A 1 136 ? -1.412  -9.643  -0.808  1.00 33.80  ? 136  PHE A CE1 1 
ATOM   1016 C CE2 . PHE A 1 136 ? -2.777  -11.609 -0.933  1.00 34.18  ? 136  PHE A CE2 1 
ATOM   1017 C CZ  . PHE A 1 136 ? -2.237  -10.569 -0.195  1.00 34.19  ? 136  PHE A CZ  1 
ATOM   1018 N N   . GLY A 1 137 ? 1.285   -11.430 -6.790  1.00 42.62  ? 137  GLY A N   1 
ATOM   1019 C CA  . GLY A 1 137 ? 1.471   -11.856 -8.164  1.00 44.32  ? 137  GLY A CA  1 
ATOM   1020 C C   . GLY A 1 137 ? 0.379   -11.346 -9.083  1.00 46.14  ? 137  GLY A C   1 
ATOM   1021 O O   . GLY A 1 137 ? 0.292   -11.746 -10.247 1.00 47.19  ? 137  GLY A O   1 
ATOM   1022 N N   . VAL A 1 138 ? -0.469  -10.467 -8.561  1.00 46.63  ? 138  VAL A N   1 
ATOM   1023 C CA  . VAL A 1 138 ? -1.545  -9.888  -9.354  1.00 46.48  ? 138  VAL A CA  1 
ATOM   1024 C C   . VAL A 1 138 ? -0.892  -8.886  -10.300 1.00 48.57  ? 138  VAL A C   1 
ATOM   1025 O O   . VAL A 1 138 ? -0.047  -8.096  -9.886  1.00 49.09  ? 138  VAL A O   1 
ATOM   1026 C CB  . VAL A 1 138 ? -2.572  -9.170  -8.448  1.00 44.44  ? 138  VAL A CB  1 
ATOM   1027 C CG1 . VAL A 1 138 ? -3.631  -8.486  -9.291  1.00 42.84  ? 138  VAL A CG1 1 
ATOM   1028 C CG2 . VAL A 1 138 ? -3.212  -10.171 -7.503  1.00 42.27  ? 138  VAL A CG2 1 
ATOM   1029 N N   . GLU A 1 139 ? -1.264  -8.920  -11.572 1.00 50.95  ? 139  GLU A N   1 
ATOM   1030 C CA  . GLU A 1 139 ? -0.667  -7.994  -12.523 1.00 52.83  ? 139  GLU A CA  1 
ATOM   1031 C C   . GLU A 1 139 ? -1.674  -7.057  -13.165 1.00 52.68  ? 139  GLU A C   1 
ATOM   1032 O O   . GLU A 1 139 ? -1.345  -6.341  -14.108 1.00 53.38  ? 139  GLU A O   1 
ATOM   1033 C CB  . GLU A 1 139 ? 0.079   -8.761  -13.612 1.00 55.20  ? 139  GLU A CB  1 
ATOM   1034 C CG  . GLU A 1 139 ? 1.548   -8.410  -13.683 1.00 58.61  ? 139  GLU A CG  1 
ATOM   1035 C CD  . GLU A 1 139 ? 2.270   -8.696  -12.381 1.00 60.88  ? 139  GLU A CD  1 
ATOM   1036 O OE1 . GLU A 1 139 ? 2.274   -9.867  -11.947 1.00 62.12  ? 139  GLU A OE1 1 
ATOM   1037 O OE2 . GLU A 1 139 ? 2.835   -7.752  -11.789 1.00 62.13  ? 139  GLU A OE2 1 
ATOM   1038 N N   . LYS A 1 140 ? -2.896  -7.059  -12.645 1.00 52.72  ? 140  LYS A N   1 
ATOM   1039 C CA  . LYS A 1 140 ? -3.956  -6.207  -13.166 1.00 52.07  ? 140  LYS A CA  1 
ATOM   1040 C C   . LYS A 1 140 ? -4.994  -5.944  -12.076 1.00 51.07  ? 140  LYS A C   1 
ATOM   1041 O O   . LYS A 1 140 ? -5.471  -6.876  -11.425 1.00 50.21  ? 140  LYS A O   1 
ATOM   1042 C CB  . LYS A 1 140 ? -4.626  -6.891  -14.367 1.00 53.85  ? 140  LYS A CB  1 
ATOM   1043 C CG  . LYS A 1 140 ? -5.628  -6.027  -15.150 1.00 54.98  ? 140  LYS A CG  1 
ATOM   1044 C CD  . LYS A 1 140 ? -4.925  -4.993  -16.019 1.00 55.26  ? 140  LYS A CD  1 
ATOM   1045 C CE  . LYS A 1 140 ? -5.861  -4.390  -17.052 1.00 55.75  ? 140  LYS A CE  1 
ATOM   1046 N NZ  . LYS A 1 140 ? -5.099  -3.591  -18.060 1.00 54.58  ? 140  LYS A NZ  1 
ATOM   1047 N N   . VAL A 1 141 ? -5.330  -4.672  -11.873 1.00 50.16  ? 141  VAL A N   1 
ATOM   1048 C CA  . VAL A 1 141 ? -6.334  -4.283  -10.883 1.00 49.07  ? 141  VAL A CA  1 
ATOM   1049 C C   . VAL A 1 141 ? -7.393  -3.449  -11.592 1.00 48.86  ? 141  VAL A C   1 
ATOM   1050 O O   . VAL A 1 141 ? -7.074  -2.618  -12.438 1.00 48.89  ? 141  VAL A O   1 
ATOM   1051 C CB  . VAL A 1 141 ? -5.721  -3.457  -9.727  1.00 47.78  ? 141  VAL A CB  1 
ATOM   1052 C CG1 . VAL A 1 141 ? -6.809  -3.070  -8.739  1.00 45.94  ? 141  VAL A CG1 1 
ATOM   1053 C CG2 . VAL A 1 141 ? -4.639  -4.262  -9.028  1.00 45.79  ? 141  VAL A CG2 1 
ATOM   1054 N N   . VAL A 1 142 ? -8.654  -3.674  -11.245 1.00 49.38  ? 142  VAL A N   1 
ATOM   1055 C CA  . VAL A 1 142 ? -9.749  -2.965  -11.886 1.00 50.67  ? 142  VAL A CA  1 
ATOM   1056 C C   . VAL A 1 142 ? -10.843 -2.536  -10.924 1.00 51.98  ? 142  VAL A C   1 
ATOM   1057 O O   . VAL A 1 142 ? -11.457 -3.366  -10.249 1.00 52.22  ? 142  VAL A O   1 
ATOM   1058 C CB  . VAL A 1 142 ? -10.396 -3.843  -12.983 1.00 51.40  ? 142  VAL A CB  1 
ATOM   1059 C CG1 . VAL A 1 142 ? -11.599 -3.138  -13.576 1.00 50.16  ? 142  VAL A CG1 1 
ATOM   1060 C CG2 . VAL A 1 142 ? -9.372  -4.161  -14.062 1.00 53.06  ? 142  VAL A CG2 1 
ATOM   1061 N N   . ILE A 1 143 ? -11.094 -1.232  -10.880 1.00 53.86  ? 143  ILE A N   1 
ATOM   1062 C CA  . ILE A 1 143 ? -12.135 -0.685  -10.022 1.00 56.39  ? 143  ILE A CA  1 
ATOM   1063 C C   . ILE A 1 143 ? -13.452 -0.656  -10.795 1.00 58.53  ? 143  ILE A C   1 
ATOM   1064 O O   . ILE A 1 143 ? -13.614 0.116   -11.736 1.00 58.69  ? 143  ILE A O   1 
ATOM   1065 C CB  . ILE A 1 143 ? -11.804 0.757   -9.570  1.00 55.17  ? 143  ILE A CB  1 
ATOM   1066 C CG1 . ILE A 1 143 ? -10.417 0.809   -8.918  1.00 54.00  ? 143  ILE A CG1 1 
ATOM   1067 C CG2 . ILE A 1 143 ? -12.864 1.242   -8.602  1.00 55.36  ? 143  ILE A CG2 1 
ATOM   1068 C CD1 . ILE A 1 143 ? -10.289 -0.023  -7.664  1.00 52.17  ? 143  ILE A CD1 1 
ATOM   1069 N N   . ARG A 1 144 ? -14.384 -1.518  -10.402 1.00 62.00  ? 144  ARG A N   1 
ATOM   1070 C CA  . ARG A 1 144 ? -15.691 -1.584  -11.049 1.00 64.38  ? 144  ARG A CA  1 
ATOM   1071 C C   . ARG A 1 144 ? -16.772 -1.518  -9.966  1.00 65.74  ? 144  ARG A C   1 
ATOM   1072 O O   . ARG A 1 144 ? -17.367 -0.430  -9.790  1.00 66.46  ? 144  ARG A O   1 
ATOM   1073 C CB  . ARG A 1 144 ? -15.824 -2.887  -11.870 1.00 64.79  ? 144  ARG A CB  1 
ATOM   1074 C CG  . ARG A 1 144 ? -14.804 -3.025  -13.015 1.00 66.05  ? 144  ARG A CG  1 
ATOM   1075 C CD  . ARG A 1 144 ? -14.929 -4.365  -13.766 1.00 67.22  ? 144  ARG A CD  1 
ATOM   1076 N NE  . ARG A 1 144 ? -13.837 -4.576  -14.728 1.00 67.24  ? 144  ARG A NE  1 
ATOM   1077 C CZ  . ARG A 1 144 ? -13.631 -5.704  -15.414 1.00 66.88  ? 144  ARG A CZ  1 
ATOM   1078 N NH1 . ARG A 1 144 ? -14.443 -6.743  -15.261 1.00 66.15  ? 144  ARG A NH1 1 
ATOM   1079 N NH2 . ARG A 1 144 ? -12.600 -5.804  -16.246 1.00 65.00  ? 144  ARG A NH2 1 
ATOM   1080 O OXT . ARG A 1 144 ? -16.991 -2.547  -9.290  1.00 66.91  ? 144  ARG A OXT 1 
HETATM 1081 O O   . HOH B 2 .   ? 11.536  -2.211  9.711   1.00 26.16  ? 1001 HOH A O   1 
HETATM 1082 O O   . HOH B 2 .   ? -4.357  1.990   -2.773  1.00 32.09  ? 1002 HOH A O   1 
HETATM 1083 O O   . HOH B 2 .   ? 15.859  15.980  4.332   1.00 32.58  ? 1003 HOH A O   1 
HETATM 1084 O O   . HOH B 2 .   ? -12.206 -0.072  2.454   1.00 29.66  ? 1004 HOH A O   1 
HETATM 1085 O O   . HOH B 2 .   ? -3.667  0.058   6.727   1.00 30.37  ? 1005 HOH A O   1 
HETATM 1086 O O   . HOH B 2 .   ? -4.764  -4.741  8.900   1.00 26.53  ? 1006 HOH A O   1 
HETATM 1087 O O   . HOH B 2 .   ? -3.774  -7.119  8.661   1.00 30.39  ? 1007 HOH A O   1 
HETATM 1088 O O   . HOH B 2 .   ? 4.822   9.822   18.189  1.00 30.68  ? 1008 HOH A O   1 
HETATM 1089 O O   . HOH B 2 .   ? 4.716   11.844  3.277   1.00 28.30  ? 1009 HOH A O   1 
HETATM 1090 O O   . HOH B 2 .   ? 11.007  -6.834  8.051   1.00 35.11  ? 1010 HOH A O   1 
HETATM 1091 O O   . HOH B 2 .   ? 16.868  -0.452  12.268  1.00 41.84  ? 1011 HOH A O   1 
HETATM 1092 O O   . HOH B 2 .   ? -3.559  1.458   14.359  1.00 27.68  ? 1012 HOH A O   1 
HETATM 1093 O O   . HOH B 2 .   ? 4.835   -3.818  11.902  1.00 26.84  ? 1013 HOH A O   1 
HETATM 1094 O O   . HOH B 2 .   ? -11.373 -11.147 4.237   1.00 34.95  ? 1014 HOH A O   1 
HETATM 1095 O O   . HOH B 2 .   ? 13.527  18.382  11.567  1.00 30.37  ? 1015 HOH A O   1 
HETATM 1096 O O   . HOH B 2 .   ? -6.917  -13.040 -15.803 1.00 38.73  ? 1016 HOH A O   1 
HETATM 1097 O O   . HOH B 2 .   ? 3.330   10.996  -3.572  1.00 44.49  ? 1017 HOH A O   1 
HETATM 1098 O O   . HOH B 2 .   ? 7.825   15.649  13.244  1.00 32.33  ? 1018 HOH A O   1 
HETATM 1099 O O   . HOH B 2 .   ? -9.722  5.271   -0.621  1.00 44.30  ? 1019 HOH A O   1 
HETATM 1100 O O   . HOH B 2 .   ? 19.499  2.567   9.175   1.00 41.32  ? 1020 HOH A O   1 
HETATM 1101 O O   . HOH B 2 .   ? -7.047  8.853   -2.439  1.00 43.55  ? 1021 HOH A O   1 
HETATM 1102 O O   . HOH B 2 .   ? 12.554  -4.959  13.115  1.00 37.72  ? 1022 HOH A O   1 
HETATM 1103 O O   . HOH B 2 .   ? 2.544   15.898  17.080  1.00 47.86  ? 1023 HOH A O   1 
HETATM 1104 O O   . HOH B 2 .   ? -15.142 -2.217  2.245   1.00 50.56  ? 1024 HOH A O   1 
HETATM 1105 O O   . HOH B 2 .   ? 4.991   -1.999  21.368  1.00 56.81  ? 1025 HOH A O   1 
HETATM 1106 O O   . HOH B 2 .   ? -0.965  -4.490  16.687  1.00 31.23  ? 1026 HOH A O   1 
HETATM 1107 O O   . HOH B 2 .   ? 2.541   13.633  6.525   1.00 38.13  ? 1027 HOH A O   1 
HETATM 1108 O O   . HOH B 2 .   ? 3.724   16.439  12.120  1.00 41.61  ? 1028 HOH A O   1 
HETATM 1109 O O   . HOH B 2 .   ? 13.309  -3.949  10.364  1.00 30.93  ? 1029 HOH A O   1 
HETATM 1110 O O   . HOH B 2 .   ? -12.746 -8.366  5.361   1.00 34.86  ? 1030 HOH A O   1 
HETATM 1111 O O   . HOH B 2 .   ? -4.624  0.048   12.880  1.00 36.70  ? 1031 HOH A O   1 
HETATM 1112 O O   . HOH B 2 .   ? 0.655   8.895   21.681  1.00 51.52  ? 1032 HOH A O   1 
HETATM 1113 O O   . HOH B 2 .   ? 10.062  16.862  11.201  1.00 41.11  ? 1033 HOH A O   1 
HETATM 1114 O O   . HOH B 2 .   ? 7.006   -3.681  15.115  1.00 33.86  ? 1034 HOH A O   1 
HETATM 1115 O O   . HOH B 2 .   ? -6.143  -17.072 -8.085  1.00 39.75  ? 1035 HOH A O   1 
HETATM 1116 O O   . HOH B 2 .   ? 16.613  -3.908  7.045   1.00 37.95  ? 1036 HOH A O   1 
HETATM 1117 O O   . HOH B 2 .   ? 2.531   14.168  8.689   1.00 40.48  ? 1037 HOH A O   1 
HETATM 1118 O O   . HOH B 2 .   ? -0.648  -8.552  9.605   1.00 36.20  ? 1038 HOH A O   1 
HETATM 1119 O O   . HOH B 2 .   ? 18.985  4.886   10.067  1.00 39.79  ? 1039 HOH A O   1 
HETATM 1120 O O   . HOH B 2 .   ? -0.809  1.171   16.335  1.00 45.98  ? 1040 HOH A O   1 
HETATM 1121 O O   . HOH B 2 .   ? 17.485  6.768   13.922  1.00 42.61  ? 1041 HOH A O   1 
HETATM 1122 O O   . HOH B 2 .   ? -5.958  -3.276  12.013  1.00 38.80  ? 1042 HOH A O   1 
HETATM 1123 O O   . HOH B 2 .   ? -4.198  -9.619  9.170   1.00 43.34  ? 1043 HOH A O   1 
HETATM 1124 O O   . HOH B 2 .   ? -8.985  10.305  -8.655  1.00 38.86  ? 1044 HOH A O   1 
HETATM 1125 O O   . HOH B 2 .   ? 19.537  5.091   12.551  1.00 42.15  ? 1045 HOH A O   1 
HETATM 1126 O O   . HOH B 2 .   ? 0.752   -7.737  14.324  1.00 42.67  ? 1046 HOH A O   1 
HETATM 1127 O O   . HOH B 2 .   ? 7.155   2.450   18.453  1.00 43.01  ? 1047 HOH A O   1 
HETATM 1128 O O   . HOH B 2 .   ? 15.880  -3.431  10.628  1.00 45.87  ? 1048 HOH A O   1 
HETATM 1129 O O   . HOH B 2 .   ? -20.300 6.432   -11.540 1.00 48.99  ? 1049 HOH A O   1 
HETATM 1130 O O   . HOH B 2 .   ? 15.185  12.641  -2.651  1.00 39.76  ? 1050 HOH A O   1 
HETATM 1131 O O   . HOH B 2 .   ? 6.203   4.620   17.570  1.00 52.62  ? 1051 HOH A O   1 
HETATM 1132 O O   . HOH B 2 .   ? 9.470   -8.528  9.370   1.00 51.77  ? 1052 HOH A O   1 
HETATM 1133 O O   . HOH B 2 .   ? -15.727 -7.639  -8.642  1.00 45.22  ? 1053 HOH A O   1 
HETATM 1134 O O   . HOH B 2 .   ? -17.691 5.281   1.064   1.00 48.09  ? 1054 HOH A O   1 
# 
